data_9IUM
#
_entry.id   9IUM
#
_cell.length_a   1.00
_cell.length_b   1.00
_cell.length_c   1.00
_cell.angle_alpha   90.00
_cell.angle_beta   90.00
_cell.angle_gamma   90.00
#
_symmetry.space_group_name_H-M   'P 1'
#
loop_
_entity.id
_entity.type
_entity.pdbx_description
1 polymer 'Pleiotropic ABC efflux transporter of multiple drugs CDR1'
2 non-polymer Pip2(20:4/18:0)
3 non-polymer 'milbemycin oxime'
#
_entity_poly.entity_id   1
_entity_poly.type   'polypeptide(L)'
_entity_poly.pdbx_seq_one_letter_code
;MSDSKMSSQDESKLEKAISQDSSSENHSINEYHGFDAHTSENIQNLARTFTHDSFKDDSSAGLLKYLTHMSEVPGVNPYE
HEEINNDQLNPDSENFNAKFWVKNLRKLFESDPEYYKPSKLGIGYRNLRAYGVANDSDYQPTVTNALWKLATEGFRHFQK
DDDSRYFDILKSMDAIMRPGELTVVLGRPGAGCSTLLKTIAVNTYGFHIGKESQITYDGLSPHDIERHYRGDVIYSAETD
VHFPHLSVGDTLEFAARLRTPQNRGEGIDRETYAKHMASVYMATYGLSHTRNTNVGNDFVRGVSGGERKRVSIAEASLSG
ANIQCWDNATRGLDSATALEFIRALKTSAVILDTTPLIAIYQCSQDAYDLFDKVVVLYEGYQIFFGKATKAKEYFEKMGW
KCPQRQTTADFLTSLTNPAEREPLPGYEDKVPRTAQEFETYWKNSPEYAELTKEIDEYFVECERSNTRETYRESHVAKQS
NNTRPASPYTVSFFMQVRYGVARNFLRMKGDPSIPIFSVFGQLVMGLILSSVFYNLSQTTGSFYYRGAAMFFAVLFNAFS
SLLEIMSLFEARPIVEKHKKYALYRPSADALASIISELPVKLAMSMSFNFVFYFMVNFRRNPGRFFFYWLMCIWCTFVMS
HLFRSIGAVSTSISGAMTPATVLLLAMVIYTGFVIPTPSMLGWSRWINYINPVGYVFESLMVNEFHGREFQCAQYVPSGP
GYENISRSNQVCTAVGSVPGNEMVSGTNYLAGAYQYYNSHKWRNLGITIGFAVFFLAIYIALTEFNKGAMQKGEIVLFLK
GSLKKHKRKTAASNKGDIEAGPVAGKLDYQDEAEAVNNEKFTEKGSTGSVDFPENREIFFWRDLTYQVKIKKEDRVILDH
VDGWVKPGQITALMGASGAGKTTLLNCLSERVTTGIITDGERLVNGHALDSSFQRSIGYVQQQDVHLETTTVREALQFSA
YLRQSNKISKKEKDDYVDYVIDLLEMTDYADALVGVAGEGLNVEQRKRLTIGVELVAKPKLLLFLDEPTSGLDSQTAWSI
CKLMRKLADHGQAILCTIHQPSALIMAEFDRLLFLQKGGRTAYFGELGENCQTMINYFEKYGADPCPKEANPAEWMLQVV
GAAPGSHAKQDYFEVWRNSSEYQAVREEINRMEAELSKLPRDNDPEALLKYAAPLWKQYLLVSWRTIVQDWRSPGYIYSK
IFLVVSAALFNGFSFFKAKNNMQGLQNQMFSVFMFFIPFNTLVQQMLPYFVKQRDVYEVREAPSRTFSWFAFIAGQITSE
IPYQVAVGTIAFFCWYYPLGLYNNATPTDSVNPRGVLMWMLVTAFYVYTATMGQLCMSFSELADNAANLATLLFTMCLNF
CGVLAGPDVLPGFWIFMYRCNPFTYLVQAMLSTGLANTFVKCAEREYVSVKPPNGESCSTYLDPYIKFAGGYFETRNDGS
CAFCQMSSTNTFLKSVNSLYSERWRNFGIFIAFIAINIILTVIFYWLARVPKGNREKKNKK
;
_entity_poly.pdbx_strand_id   A
#
# COMPACT_ATOMS: atom_id res chain seq x y z
N GLU A 31 4.17 -9.98 28.29
CA GLU A 31 3.37 -9.11 29.20
C GLU A 31 4.26 -8.11 29.91
N TYR A 32 3.69 -6.95 30.25
CA TYR A 32 4.42 -5.89 30.93
C TYR A 32 3.82 -5.66 32.30
N HIS A 33 4.66 -5.66 33.32
CA HIS A 33 4.23 -5.45 34.71
C HIS A 33 4.63 -4.10 35.27
N GLY A 34 5.24 -3.24 34.46
CA GLY A 34 5.69 -1.95 34.94
C GLY A 34 7.13 -1.98 35.43
N PHE A 35 7.41 -1.06 36.35
CA PHE A 35 8.74 -0.95 36.95
C PHE A 35 8.82 -1.89 38.16
N ASP A 36 8.85 -3.19 37.85
CA ASP A 36 8.90 -4.22 38.88
C ASP A 36 10.35 -4.39 39.35
N ALA A 37 10.56 -5.34 40.26
CA ALA A 37 11.91 -5.59 40.77
C ALA A 37 12.82 -6.13 39.68
N HIS A 38 12.28 -6.90 38.74
CA HIS A 38 13.11 -7.43 37.65
C HIS A 38 13.68 -6.31 36.82
N THR A 39 12.89 -5.29 36.51
CA THR A 39 13.40 -4.15 35.76
C THR A 39 14.48 -3.42 36.55
N SER A 40 14.30 -3.28 37.85
CA SER A 40 15.33 -2.63 38.67
C SER A 40 16.62 -3.42 38.64
N GLU A 41 16.53 -4.75 38.72
CA GLU A 41 17.74 -5.57 38.65
C GLU A 41 18.41 -5.45 37.28
N ASN A 42 17.61 -5.42 36.22
CA ASN A 42 18.17 -5.26 34.88
C ASN A 42 18.89 -3.93 34.74
N ILE A 43 18.30 -2.85 35.27
CA ILE A 43 18.96 -1.55 35.22
C ILE A 43 20.22 -1.57 36.06
N GLN A 44 20.20 -2.29 37.19
CA GLN A 44 21.41 -2.42 38.00
C GLN A 44 22.53 -3.07 37.21
N ASN A 45 22.22 -4.17 36.52
CA ASN A 45 23.24 -4.84 35.70
C ASN A 45 23.74 -3.92 34.59
N LEU A 46 22.83 -3.18 33.95
CA LEU A 46 23.25 -2.28 32.88
C LEU A 46 24.18 -1.20 33.41
N ALA A 47 23.87 -0.63 34.58
CA ALA A 47 24.73 0.39 35.16
C ALA A 47 26.09 -0.20 35.55
N ARG A 48 26.09 -1.42 36.10
CA ARG A 48 27.35 -2.07 36.42
C ARG A 48 28.21 -2.27 35.17
N THR A 49 27.58 -2.68 34.08
CA THR A 49 28.31 -2.84 32.82
C THR A 49 28.86 -1.51 32.33
N PHE A 50 28.06 -0.44 32.41
CA PHE A 50 28.45 0.82 31.80
C PHE A 50 29.49 1.58 32.62
N THR A 51 29.46 1.46 33.95
CA THR A 51 30.40 2.23 34.76
C THR A 51 31.85 1.89 34.45
N HIS A 52 32.13 0.64 34.08
CA HIS A 52 33.50 0.27 33.74
C HIS A 52 33.98 1.03 32.51
N ASP A 53 33.14 1.14 31.49
CA ASP A 53 33.50 1.92 30.31
C ASP A 53 33.58 3.41 30.63
N SER A 54 32.70 3.89 31.52
CA SER A 54 32.71 5.31 31.87
C SER A 54 34.05 5.70 32.52
N PHE A 55 34.56 4.87 33.42
CA PHE A 55 35.81 5.17 34.11
C PHE A 55 37.01 4.87 33.20
N ASN A 86 26.03 11.56 46.52
CA ASN A 86 25.01 10.73 47.16
C ASN A 86 25.42 9.27 47.16
N ASP A 87 24.99 8.54 48.20
CA ASP A 87 25.35 7.13 48.32
C ASP A 87 24.78 6.29 47.17
N GLN A 88 23.78 6.81 46.46
CA GLN A 88 23.18 6.09 45.35
C GLN A 88 24.10 6.22 44.12
N LEU A 89 23.60 5.80 42.97
CA LEU A 89 24.32 5.89 41.71
C LEU A 89 25.57 5.01 41.69
N ASN A 90 25.64 4.03 42.60
CA ASN A 90 26.76 3.10 42.65
C ASN A 90 26.26 1.70 42.33
N PRO A 91 26.48 1.18 41.12
CA PRO A 91 25.93 -0.15 40.79
C PRO A 91 26.42 -1.25 41.70
N ASP A 92 27.66 -1.17 42.18
CA ASP A 92 28.23 -2.21 43.03
C ASP A 92 27.81 -2.09 44.49
N SER A 93 27.25 -0.96 44.89
CA SER A 93 26.88 -0.74 46.28
C SER A 93 25.47 -1.24 46.55
N GLU A 94 25.14 -1.35 47.84
CA GLU A 94 23.80 -1.75 48.26
C GLU A 94 22.86 -0.53 48.24
N ASN A 95 21.57 -0.82 48.32
CA ASN A 95 20.51 0.18 48.39
C ASN A 95 20.47 1.08 47.14
N PHE A 96 21.15 0.69 46.07
CA PHE A 96 21.10 1.47 44.84
C PHE A 96 19.75 1.28 44.17
N ASN A 97 19.11 2.39 43.79
CA ASN A 97 17.78 2.38 43.20
C ASN A 97 17.84 2.85 41.76
N ALA A 98 17.20 2.09 40.87
CA ALA A 98 17.31 2.36 39.43
C ALA A 98 16.59 3.64 39.04
N LYS A 99 15.50 3.98 39.73
CA LYS A 99 14.75 5.18 39.35
C LYS A 99 15.61 6.43 39.47
N PHE A 100 16.32 6.57 40.60
CA PHE A 100 17.19 7.72 40.79
C PHE A 100 18.30 7.74 39.76
N TRP A 101 18.88 6.58 39.47
CA TRP A 101 19.95 6.50 38.48
C TRP A 101 19.47 6.96 37.12
N VAL A 102 18.30 6.48 36.69
CA VAL A 102 17.77 6.86 35.38
C VAL A 102 17.46 8.35 35.36
N LYS A 103 16.86 8.87 36.44
CA LYS A 103 16.53 10.29 36.48
C LYS A 103 17.77 11.16 36.38
N ASN A 104 18.81 10.82 37.15
CA ASN A 104 20.01 11.65 37.18
C ASN A 104 20.91 11.46 35.97
N LEU A 105 20.81 10.31 35.28
CA LEU A 105 21.69 10.05 34.15
C LEU A 105 21.47 11.07 33.04
N ARG A 106 20.20 11.37 32.74
CA ARG A 106 19.91 12.34 31.68
C ARG A 106 20.48 13.72 32.01
N LYS A 107 20.29 14.17 33.25
CA LYS A 107 20.74 15.51 33.62
C LYS A 107 22.24 15.60 33.82
N LEU A 108 22.92 14.50 34.11
CA LEU A 108 24.35 14.53 34.42
C LEU A 108 25.21 14.20 33.20
N PHE A 109 24.96 13.05 32.56
CA PHE A 109 25.84 12.62 31.49
C PHE A 109 25.57 13.33 30.16
N GLU A 110 24.51 14.13 30.06
CA GLU A 110 24.23 14.89 28.86
C GLU A 110 24.83 16.29 28.89
N SER A 111 25.45 16.68 30.00
CA SER A 111 26.05 18.00 30.12
C SER A 111 24.99 19.09 30.05
N ASP A 112 25.38 20.33 30.32
CA ASP A 112 24.46 21.47 30.32
C ASP A 112 24.88 22.48 29.27
N PRO A 113 24.16 22.63 28.16
CA PRO A 113 24.51 23.64 27.16
C PRO A 113 24.06 25.02 27.63
N GLU A 114 24.33 26.02 26.79
CA GLU A 114 23.95 27.40 27.08
C GLU A 114 22.53 27.73 26.66
N TYR A 115 21.80 26.78 26.07
CA TYR A 115 20.43 27.01 25.67
C TYR A 115 19.51 26.86 26.89
N TYR A 116 18.20 26.88 26.64
CA TYR A 116 17.21 26.71 27.71
C TYR A 116 16.34 25.51 27.38
N LYS A 117 16.95 24.39 27.03
CA LYS A 117 16.18 23.18 26.78
C LYS A 117 15.61 22.68 28.10
N PRO A 118 14.29 22.57 28.25
CA PRO A 118 13.72 22.13 29.53
C PRO A 118 13.61 20.61 29.63
N SER A 119 13.74 20.13 30.87
CA SER A 119 13.65 18.71 31.17
C SER A 119 12.25 18.29 31.59
N LYS A 120 11.31 19.22 31.71
CA LYS A 120 9.94 18.88 32.06
C LYS A 120 9.03 20.03 31.64
N LEU A 121 7.82 19.68 31.20
CA LEU A 121 6.87 20.66 30.70
C LEU A 121 5.50 20.38 31.26
N GLY A 122 4.79 21.46 31.61
CA GLY A 122 3.40 21.35 32.00
C GLY A 122 2.59 22.43 31.31
N ILE A 123 1.32 22.12 31.04
CA ILE A 123 0.47 22.96 30.21
C ILE A 123 -0.71 23.42 31.03
N GLY A 124 -0.99 24.72 31.00
CA GLY A 124 -2.16 25.26 31.66
C GLY A 124 -2.92 26.24 30.81
N TYR A 125 -4.23 26.08 30.69
CA TYR A 125 -5.07 27.03 29.97
C TYR A 125 -6.30 27.37 30.80
N ARG A 126 -6.79 28.60 30.60
CA ARG A 126 -7.85 29.18 31.41
C ARG A 126 -9.16 29.34 30.66
N ASN A 127 -9.12 29.76 29.40
CA ASN A 127 -10.34 30.00 28.62
C ASN A 127 -10.17 29.45 27.21
N LEU A 128 -9.63 28.25 27.11
CA LEU A 128 -9.35 27.65 25.79
C LEU A 128 -10.66 27.43 25.05
N ARG A 129 -10.84 28.15 23.94
CA ARG A 129 -11.99 27.98 23.06
C ARG A 129 -11.50 27.87 21.63
N ALA A 130 -11.95 26.83 20.93
CA ALA A 130 -11.55 26.58 19.55
C ALA A 130 -12.78 26.49 18.67
N TYR A 131 -12.79 27.28 17.60
CA TYR A 131 -13.89 27.30 16.64
C TYR A 131 -13.36 26.87 15.26
N GLY A 132 -14.25 26.91 14.28
CA GLY A 132 -13.88 26.49 12.94
C GLY A 132 -14.91 26.97 11.94
N VAL A 133 -14.71 26.54 10.69
CA VAL A 133 -15.59 26.93 9.60
C VAL A 133 -16.11 25.69 8.89
N PRO A 141 -16.64 9.14 -6.76
CA PRO A 141 -17.99 8.94 -7.30
C PRO A 141 -17.97 8.48 -8.76
N THR A 142 -19.14 8.40 -9.39
CA THR A 142 -19.20 8.04 -10.79
C THR A 142 -18.36 9.01 -11.61
N VAL A 143 -17.54 8.46 -12.50
CA VAL A 143 -16.62 9.30 -13.26
C VAL A 143 -17.37 10.26 -14.17
N THR A 144 -18.56 9.88 -14.64
CA THR A 144 -19.28 10.72 -15.60
C THR A 144 -19.56 12.11 -15.05
N ASN A 145 -19.56 12.27 -13.73
CA ASN A 145 -19.75 13.58 -13.10
C ASN A 145 -18.48 14.12 -12.47
N ALA A 146 -17.45 13.29 -12.32
CA ALA A 146 -16.25 13.71 -11.56
C ALA A 146 -15.71 15.03 -12.09
N LEU A 147 -15.51 15.12 -13.42
CA LEU A 147 -15.00 16.36 -14.00
C LEU A 147 -15.84 17.54 -13.56
N TRP A 148 -17.16 17.43 -13.69
CA TRP A 148 -18.04 18.51 -13.24
C TRP A 148 -17.74 18.89 -11.81
N LYS A 149 -17.68 17.89 -10.92
CA LYS A 149 -17.35 18.15 -9.52
C LYS A 149 -16.02 18.91 -9.44
N LEU A 150 -15.01 18.44 -10.16
CA LEU A 150 -13.72 19.13 -10.16
C LEU A 150 -13.91 20.59 -10.53
N ALA A 151 -14.67 20.85 -11.60
CA ALA A 151 -14.95 22.24 -11.97
C ALA A 151 -15.55 23.00 -10.79
N THR A 152 -16.57 22.42 -10.16
CA THR A 152 -17.14 23.05 -8.97
C THR A 152 -16.06 23.28 -7.93
N GLU A 153 -15.22 22.26 -7.67
CA GLU A 153 -14.12 22.44 -6.74
C GLU A 153 -13.26 23.62 -7.16
N GLY A 154 -12.94 23.72 -8.45
CA GLY A 154 -12.18 24.87 -8.91
C GLY A 154 -12.87 26.17 -8.57
N PHE A 155 -14.19 26.23 -8.78
CA PHE A 155 -14.93 27.43 -8.40
C PHE A 155 -14.80 27.69 -6.91
N ARG A 156 -14.88 26.63 -6.10
CA ARG A 156 -14.67 26.80 -4.66
C ARG A 156 -13.27 27.35 -4.38
N HIS A 157 -12.29 26.98 -5.19
CA HIS A 157 -10.95 27.53 -5.05
C HIS A 157 -10.82 28.94 -5.61
N PHE A 158 -11.74 29.35 -6.49
CA PHE A 158 -11.69 30.71 -7.02
C PHE A 158 -11.96 31.74 -5.93
N GLN A 159 -12.93 31.48 -5.07
CA GLN A 159 -13.27 32.40 -4.00
C GLN A 159 -14.02 31.70 -2.88
N ARG A 165 -20.58 28.13 9.48
CA ARG A 165 -20.07 29.50 9.53
C ARG A 165 -18.98 29.61 10.59
N TYR A 166 -19.36 30.00 11.81
CA TYR A 166 -18.43 30.16 12.93
C TYR A 166 -19.03 29.42 14.12
N PHE A 167 -18.74 28.12 14.22
CA PHE A 167 -19.25 27.29 15.29
C PHE A 167 -18.10 26.81 16.17
N ASP A 168 -18.34 26.77 17.47
CA ASP A 168 -17.32 26.40 18.45
C ASP A 168 -17.21 24.88 18.47
N ILE A 169 -16.04 24.37 18.08
CA ILE A 169 -15.81 22.93 18.15
C ILE A 169 -15.36 22.53 19.55
N LEU A 170 -14.88 23.48 20.35
CA LEU A 170 -14.44 23.19 21.71
C LEU A 170 -14.73 24.42 22.56
N LYS A 171 -15.72 24.34 23.44
CA LYS A 171 -16.17 25.49 24.20
C LYS A 171 -15.12 25.85 25.26
N SER A 172 -15.41 26.89 26.04
CA SER A 172 -14.46 27.37 27.05
C SER A 172 -14.20 26.30 28.09
N MET A 173 -12.95 26.22 28.55
CA MET A 173 -12.56 25.27 29.58
C MET A 173 -11.42 25.85 30.40
N ASP A 174 -11.07 25.12 31.47
CA ASP A 174 -9.92 25.42 32.31
C ASP A 174 -9.25 24.11 32.68
N ALA A 175 -7.92 24.06 32.56
CA ALA A 175 -7.21 22.84 32.91
C ALA A 175 -5.75 23.14 33.15
N ILE A 176 -5.11 22.25 33.90
CA ILE A 176 -3.68 22.33 34.19
C ILE A 176 -3.13 20.92 34.35
N MET A 177 -2.14 20.56 33.53
CA MET A 177 -1.46 19.27 33.61
C MET A 177 0.00 19.53 33.95
N ARG A 178 0.48 18.87 35.00
CA ARG A 178 1.83 19.05 35.50
C ARG A 178 2.68 17.83 35.16
N PRO A 179 4.01 17.98 35.13
CA PRO A 179 4.86 16.83 34.87
C PRO A 179 4.66 15.74 35.91
N GLY A 180 4.68 14.49 35.45
CA GLY A 180 4.52 13.34 36.32
C GLY A 180 3.09 12.92 36.57
N GLU A 181 2.14 13.39 35.78
CA GLU A 181 0.73 13.02 35.92
C GLU A 181 0.21 12.49 34.60
N LEU A 182 -0.45 11.34 34.64
CA LEU A 182 -1.06 10.72 33.47
C LEU A 182 -2.52 11.14 33.40
N THR A 183 -2.89 11.85 32.34
CA THR A 183 -4.21 12.43 32.20
C THR A 183 -4.96 11.77 31.05
N VAL A 184 -6.26 11.58 31.26
CA VAL A 184 -7.12 10.90 30.30
C VAL A 184 -8.29 11.79 29.94
N VAL A 185 -8.56 11.91 28.64
CA VAL A 185 -9.73 12.60 28.14
C VAL A 185 -10.79 11.56 27.77
N LEU A 186 -12.00 11.74 28.29
CA LEU A 186 -13.09 10.79 28.12
C LEU A 186 -14.25 11.45 27.39
N GLY A 187 -15.02 10.63 26.70
CA GLY A 187 -16.18 11.11 25.97
C GLY A 187 -16.54 10.19 24.83
N ARG A 188 -17.80 10.28 24.42
CA ARG A 188 -18.26 9.48 23.29
C ARG A 188 -17.60 9.98 22.00
N PRO A 189 -17.55 9.14 20.97
CA PRO A 189 -16.99 9.58 19.70
C PRO A 189 -17.71 10.83 19.19
N GLY A 190 -16.93 11.77 18.65
CA GLY A 190 -17.46 13.03 18.21
C GLY A 190 -17.56 14.10 19.28
N ALA A 191 -17.20 13.78 20.53
CA ALA A 191 -17.24 14.78 21.59
C ALA A 191 -16.25 15.90 21.33
N GLY A 192 -15.07 15.57 20.83
CA GLY A 192 -14.05 16.56 20.54
C GLY A 192 -12.76 16.33 21.29
N CYS A 193 -12.49 15.07 21.66
CA CYS A 193 -11.24 14.75 22.34
C CYS A 193 -10.05 14.91 21.41
N SER A 194 -10.18 14.45 20.15
CA SER A 194 -9.09 14.55 19.21
C SER A 194 -8.72 16.01 18.98
N THR A 195 -9.71 16.88 18.84
CA THR A 195 -9.42 18.30 18.65
C THR A 195 -8.74 18.90 19.87
N LEU A 196 -9.17 18.51 21.07
CA LEU A 196 -8.53 19.01 22.29
C LEU A 196 -7.07 18.60 22.35
N LEU A 197 -6.77 17.33 22.04
CA LEU A 197 -5.39 16.88 22.11
C LEU A 197 -4.56 17.48 20.99
N LYS A 198 -5.15 17.73 19.82
CA LYS A 198 -4.43 18.46 18.77
C LYS A 198 -4.11 19.88 19.21
N THR A 199 -5.05 20.54 19.88
CA THR A 199 -4.80 21.89 20.37
C THR A 199 -3.70 21.89 21.43
N ILE A 200 -3.72 20.92 22.34
CA ILE A 200 -2.70 20.87 23.39
C ILE A 200 -1.32 20.66 22.79
N ALA A 201 -1.22 19.77 21.81
CA ALA A 201 0.05 19.48 21.15
C ALA A 201 0.38 20.46 20.03
N VAL A 202 -0.33 21.60 19.97
CA VAL A 202 -0.07 22.63 18.97
C VAL A 202 -0.05 22.02 17.57
N ASN A 203 -1.18 21.45 17.16
CA ASN A 203 -1.39 20.93 15.81
C ASN A 203 -2.65 21.54 15.21
N THR A 204 -2.88 22.82 15.49
CA THR A 204 -4.11 23.50 15.06
C THR A 204 -4.01 23.79 13.56
N TYR A 205 -4.12 22.74 12.76
CA TYR A 205 -4.13 22.84 11.30
C TYR A 205 -5.48 22.34 10.83
N GLY A 206 -6.42 23.26 10.65
CA GLY A 206 -7.77 22.93 10.25
C GLY A 206 -8.80 23.68 11.06
N PHE A 207 -8.36 24.37 12.11
CA PHE A 207 -9.25 25.16 12.94
C PHE A 207 -8.43 26.24 13.63
N HIS A 208 -9.13 27.26 14.11
CA HIS A 208 -8.52 28.38 14.79
C HIS A 208 -8.73 28.28 16.30
N ILE A 209 -8.07 29.16 17.04
CA ILE A 209 -8.16 29.21 18.49
C ILE A 209 -8.63 30.60 18.89
N GLY A 210 -9.57 30.66 19.82
CA GLY A 210 -10.11 31.93 20.24
C GLY A 210 -9.04 32.84 20.82
N LYS A 211 -9.21 34.15 20.59
CA LYS A 211 -8.22 35.11 21.05
C LYS A 211 -8.27 35.31 22.56
N GLU A 212 -9.42 35.07 23.20
CA GLU A 212 -9.53 35.20 24.65
C GLU A 212 -8.79 34.10 25.40
N SER A 213 -8.43 33.01 24.73
CA SER A 213 -7.74 31.91 25.39
C SER A 213 -6.34 32.32 25.81
N GLN A 214 -5.78 31.58 26.77
CA GLN A 214 -4.43 31.83 27.26
C GLN A 214 -3.81 30.48 27.62
N ILE A 215 -2.94 29.98 26.76
CA ILE A 215 -2.26 28.70 26.94
C ILE A 215 -0.82 28.98 27.34
N THR A 216 -0.38 28.39 28.44
CA THR A 216 0.97 28.60 28.97
C THR A 216 1.65 27.25 29.15
N TYR A 217 2.79 27.08 28.49
CA TYR A 217 3.57 25.85 28.58
C TYR A 217 4.72 26.09 29.56
N ASP A 218 4.38 26.12 30.85
CA ASP A 218 5.38 26.29 31.91
C ASP A 218 6.13 27.62 31.73
N GLY A 219 5.44 28.62 31.18
CA GLY A 219 6.00 29.93 30.95
C GLY A 219 6.23 30.29 29.50
N LEU A 220 6.21 29.31 28.60
CA LEU A 220 6.39 29.57 27.18
C LEU A 220 5.04 29.89 26.55
N SER A 221 4.99 29.94 25.23
CA SER A 221 3.79 30.27 24.48
C SER A 221 3.65 29.28 23.33
N PRO A 222 2.41 29.11 22.81
CA PRO A 222 2.24 28.16 21.70
C PRO A 222 3.11 28.47 20.50
N HIS A 223 3.25 29.75 20.15
CA HIS A 223 4.16 30.12 19.07
C HIS A 223 5.60 29.80 19.43
N ASP A 224 5.98 30.03 20.68
CA ASP A 224 7.33 29.71 21.12
C ASP A 224 7.60 28.21 20.98
N ILE A 225 6.63 27.38 21.38
CA ILE A 225 6.81 25.94 21.28
C ILE A 225 6.89 25.52 19.81
N GLU A 226 6.03 26.10 18.96
CA GLU A 226 6.00 25.71 17.56
C GLU A 226 7.28 26.10 16.84
N ARG A 227 7.81 27.29 17.13
CA ARG A 227 8.87 27.85 16.31
C ARG A 227 10.21 27.16 16.57
N HIS A 228 10.72 27.25 17.80
CA HIS A 228 12.06 26.75 18.08
C HIS A 228 12.12 25.88 19.33
N TYR A 229 11.01 25.24 19.72
CA TYR A 229 11.01 24.26 20.79
C TYR A 229 10.24 23.00 20.41
N ARG A 230 10.04 22.78 19.11
CA ARG A 230 9.33 21.61 18.66
C ARG A 230 10.08 20.35 19.04
N GLY A 231 9.35 19.25 19.18
CA GLY A 231 9.89 18.01 19.68
C GLY A 231 9.73 17.82 21.16
N ASP A 232 9.48 18.91 21.91
CA ASP A 232 9.12 18.78 23.31
C ASP A 232 7.67 18.35 23.47
N VAL A 233 6.82 18.69 22.51
CA VAL A 233 5.42 18.28 22.48
C VAL A 233 5.18 17.48 21.22
N ILE A 234 4.67 16.26 21.37
CA ILE A 234 4.47 15.37 20.24
C ILE A 234 3.03 14.85 20.26
N TYR A 235 2.55 14.47 19.07
CA TYR A 235 1.16 14.06 18.88
C TYR A 235 1.13 12.92 17.86
N SER A 236 1.02 11.69 18.35
CA SER A 236 0.82 10.52 17.52
C SER A 236 -0.44 9.82 18.01
N ALA A 237 -1.33 9.46 17.08
CA ALA A 237 -2.70 9.16 17.47
C ALA A 237 -3.08 7.69 17.36
N GLU A 238 -3.04 7.10 16.17
CA GLU A 238 -3.61 5.77 15.99
C GLU A 238 -2.63 4.76 15.43
N THR A 239 -1.92 5.10 14.35
CA THR A 239 -1.07 4.14 13.66
C THR A 239 0.38 4.47 13.90
N ASP A 240 1.16 3.45 14.26
CA ASP A 240 2.60 3.61 14.46
C ASP A 240 3.31 3.40 13.13
N VAL A 241 4.20 4.32 12.79
CA VAL A 241 4.96 4.25 11.54
C VAL A 241 6.40 3.92 11.91
N HIS A 242 6.79 2.68 11.63
CA HIS A 242 8.14 2.21 11.91
C HIS A 242 8.66 1.49 10.66
N PHE A 243 9.97 1.45 10.52
CA PHE A 243 10.56 0.72 9.41
C PHE A 243 10.41 -0.77 9.69
N PRO A 244 9.67 -1.52 8.86
CA PRO A 244 9.40 -2.93 9.21
C PRO A 244 10.65 -3.78 9.36
N HIS A 245 11.70 -3.50 8.60
CA HIS A 245 12.87 -4.36 8.54
C HIS A 245 14.04 -3.82 9.35
N LEU A 246 13.79 -2.87 10.26
CA LEU A 246 14.81 -2.38 11.19
C LEU A 246 14.52 -2.96 12.57
N SER A 247 15.53 -3.55 13.19
CA SER A 247 15.36 -4.17 14.48
C SER A 247 15.02 -3.11 15.53
N VAL A 248 14.44 -3.58 16.64
CA VAL A 248 14.08 -2.67 17.73
C VAL A 248 15.32 -1.98 18.28
N GLY A 249 16.39 -2.74 18.48
CA GLY A 249 17.61 -2.14 18.97
C GLY A 249 18.13 -1.04 18.05
N ASP A 250 18.17 -1.31 16.75
CA ASP A 250 18.61 -0.30 15.80
C ASP A 250 17.65 0.87 15.76
N THR A 251 16.34 0.60 15.80
CA THR A 251 15.35 1.67 15.75
C THR A 251 15.53 2.63 16.92
N LEU A 252 15.75 2.10 18.12
CA LEU A 252 15.92 2.97 19.28
C LEU A 252 17.29 3.62 19.32
N GLU A 253 18.34 2.90 18.87
CA GLU A 253 19.67 3.47 18.86
C GLU A 253 19.77 4.62 17.87
N PHE A 254 19.04 4.57 16.77
CA PHE A 254 19.03 5.68 15.82
C PHE A 254 18.60 6.97 16.51
N ALA A 255 17.46 6.94 17.19
CA ALA A 255 16.98 8.12 17.89
C ALA A 255 17.94 8.53 19.01
N ALA A 256 18.46 7.54 19.75
CA ALA A 256 19.36 7.86 20.85
C ALA A 256 20.60 8.60 20.35
N ARG A 257 21.17 8.15 19.23
CA ARG A 257 22.35 8.81 18.69
C ARG A 257 22.02 10.13 18.02
N LEU A 258 20.82 10.26 17.44
CA LEU A 258 20.44 11.53 16.82
C LEU A 258 20.08 12.59 17.84
N ARG A 259 19.75 12.21 19.07
CA ARG A 259 19.38 13.19 20.10
C ARG A 259 20.52 13.56 21.03
N THR A 260 21.56 12.75 21.14
CA THR A 260 22.66 13.08 22.03
C THR A 260 23.40 14.31 21.51
N PRO A 261 23.81 15.22 22.40
CA PRO A 261 24.51 16.43 21.94
C PRO A 261 25.98 16.15 21.67
N GLN A 262 26.48 16.70 20.57
CA GLN A 262 27.86 16.54 20.17
C GLN A 262 28.79 17.57 20.81
N ASN A 263 28.25 18.49 21.61
CA ASN A 263 29.07 19.51 22.27
C ASN A 263 29.80 18.88 23.44
N ARG A 264 30.98 18.34 23.15
CA ARG A 264 31.83 17.74 24.17
C ARG A 264 31.08 16.66 24.94
N GLY A 265 30.53 16.99 26.10
CA GLY A 265 29.86 16.02 26.94
C GLY A 265 30.79 15.50 28.03
N GLU A 266 31.15 14.22 27.95
CA GLU A 266 32.09 13.63 28.91
C GLU A 266 33.14 12.83 28.17
N GLY A 267 34.01 12.15 28.91
CA GLY A 267 35.05 11.34 28.30
C GLY A 267 34.54 9.98 27.86
N ILE A 268 33.42 9.96 27.13
CA ILE A 268 32.81 8.73 26.67
C ILE A 268 32.41 8.91 25.21
N ASP A 269 32.66 7.89 24.40
CA ASP A 269 32.31 7.96 22.99
C ASP A 269 30.81 8.15 22.81
N ARG A 270 30.44 8.95 21.82
CA ARG A 270 29.02 9.24 21.61
C ARG A 270 28.25 7.97 21.24
N GLU A 271 28.86 7.09 20.45
CA GLU A 271 28.19 5.85 20.08
C GLU A 271 27.93 5.00 21.31
N THR A 272 28.89 4.92 22.23
CA THR A 272 28.69 4.16 23.45
C THR A 272 27.56 4.75 24.28
N TYR A 273 27.50 6.08 24.38
CA TYR A 273 26.43 6.72 25.13
C TYR A 273 25.07 6.45 24.50
N ALA A 274 25.00 6.50 23.17
CA ALA A 274 23.73 6.19 22.51
C ALA A 274 23.32 4.75 22.76
N LYS A 275 24.28 3.83 22.71
CA LYS A 275 23.97 2.43 22.98
C LYS A 275 23.46 2.24 24.40
N HIS A 276 24.09 2.90 25.38
CA HIS A 276 23.62 2.79 26.76
C HIS A 276 22.23 3.41 26.92
N MET A 277 21.98 4.55 26.28
CA MET A 277 20.65 5.15 26.29
C MET A 277 19.62 4.15 25.79
N ALA A 278 19.88 3.56 24.62
CA ALA A 278 18.93 2.63 24.02
C ALA A 278 18.70 1.43 24.93
N SER A 279 19.78 0.87 25.50
CA SER A 279 19.63 -0.29 26.37
C SER A 279 18.81 0.05 27.61
N VAL A 280 19.09 1.20 28.23
CA VAL A 280 18.38 1.57 29.45
C VAL A 280 16.91 1.78 29.15
N TYR A 281 16.58 2.46 28.04
CA TYR A 281 15.19 2.72 27.73
C TYR A 281 14.46 1.45 27.28
N MET A 282 15.17 0.51 26.66
CA MET A 282 14.57 -0.78 26.36
C MET A 282 14.25 -1.52 27.65
N ALA A 283 15.17 -1.49 28.63
CA ALA A 283 14.92 -2.16 29.89
C ALA A 283 13.76 -1.51 30.64
N THR A 284 13.65 -0.18 30.58
CA THR A 284 12.61 0.51 31.33
C THR A 284 11.22 0.11 30.84
N TYR A 285 11.04 -0.03 29.53
CA TYR A 285 9.75 -0.33 28.94
C TYR A 285 9.58 -1.81 28.62
N GLY A 286 10.43 -2.67 29.17
CA GLY A 286 10.28 -4.10 28.99
C GLY A 286 10.45 -4.56 27.56
N LEU A 287 11.46 -4.03 26.85
CA LEU A 287 11.74 -4.44 25.48
C LEU A 287 13.14 -5.02 25.34
N SER A 288 13.84 -5.27 26.45
CA SER A 288 15.18 -5.81 26.36
C SER A 288 15.21 -7.16 25.65
N HIS A 289 14.14 -7.95 25.78
CA HIS A 289 14.11 -9.25 25.14
C HIS A 289 13.91 -9.16 23.64
N THR A 290 13.27 -8.08 23.16
CA THR A 290 12.93 -7.94 21.75
C THR A 290 13.96 -7.15 20.97
N ARG A 291 15.21 -7.16 21.39
CA ARG A 291 16.28 -6.58 20.59
C ARG A 291 16.53 -7.45 19.36
N ASN A 292 17.20 -6.86 18.37
CA ASN A 292 17.53 -7.53 17.12
C ASN A 292 16.36 -8.37 16.61
N THR A 293 15.14 -7.82 16.74
CA THR A 293 13.94 -8.42 16.19
C THR A 293 13.23 -7.35 15.35
N ASN A 294 12.93 -7.68 14.10
CA ASN A 294 12.34 -6.70 13.20
C ASN A 294 11.06 -6.13 13.80
N VAL A 295 10.94 -4.81 13.79
CA VAL A 295 9.73 -4.17 14.31
C VAL A 295 8.51 -4.62 13.52
N GLY A 296 8.62 -4.60 12.19
CA GLY A 296 7.58 -5.12 11.35
C GLY A 296 6.34 -4.25 11.29
N ASN A 297 5.40 -4.63 10.43
CA ASN A 297 4.13 -3.93 10.29
C ASN A 297 2.99 -4.93 10.41
N ASP A 298 1.77 -4.50 10.10
CA ASP A 298 0.64 -5.42 10.10
C ASP A 298 0.84 -6.57 9.11
N PHE A 299 1.73 -6.39 8.13
CA PHE A 299 2.06 -7.46 7.18
C PHE A 299 3.35 -8.18 7.55
N VAL A 300 4.43 -7.44 7.80
CA VAL A 300 5.71 -8.04 8.12
C VAL A 300 5.69 -8.51 9.57
N ARG A 301 6.19 -9.72 9.81
CA ARG A 301 6.19 -10.28 11.16
C ARG A 301 7.28 -9.62 12.01
N GLY A 302 7.05 -9.63 13.33
CA GLY A 302 7.97 -9.04 14.26
C GLY A 302 7.37 -8.93 15.65
N VAL A 303 7.56 -7.79 16.31
CA VAL A 303 6.90 -7.55 17.60
C VAL A 303 5.40 -7.49 17.37
N SER A 304 4.66 -8.33 18.10
CA SER A 304 3.33 -8.69 17.64
C SER A 304 2.33 -7.54 17.58
N GLY A 305 1.81 -7.10 18.73
CA GLY A 305 0.86 -6.01 18.73
C GLY A 305 1.06 -4.97 19.82
N GLY A 306 1.72 -5.36 20.90
CA GLY A 306 1.80 -4.52 22.07
C GLY A 306 3.22 -4.07 22.34
N GLU A 307 4.18 -4.89 21.90
CA GLU A 307 5.57 -4.47 21.95
C GLU A 307 5.88 -3.38 20.93
N ARG A 308 5.09 -3.27 19.87
CA ARG A 308 5.28 -2.19 18.91
C ARG A 308 4.82 -0.86 19.49
N LYS A 309 3.70 -0.85 20.22
CA LYS A 309 3.27 0.37 20.88
C LYS A 309 4.28 0.80 21.94
N ARG A 310 4.84 -0.16 22.67
CA ARG A 310 5.88 0.19 23.63
C ARG A 310 7.16 0.66 22.94
N VAL A 311 7.45 0.13 21.76
CA VAL A 311 8.58 0.65 20.98
C VAL A 311 8.33 2.09 20.60
N SER A 312 7.10 2.41 20.18
CA SER A 312 6.77 3.79 19.84
C SER A 312 6.90 4.70 21.05
N ILE A 313 6.43 4.24 22.22
CA ILE A 313 6.56 5.04 23.43
C ILE A 313 8.02 5.27 23.77
N ALA A 314 8.84 4.22 23.67
CA ALA A 314 10.25 4.35 24.00
C ALA A 314 10.95 5.30 23.04
N GLU A 315 10.63 5.21 21.76
CA GLU A 315 11.23 6.12 20.79
C GLU A 315 10.81 7.57 21.06
N ALA A 316 9.54 7.79 21.39
CA ALA A 316 9.09 9.13 21.71
C ALA A 316 9.80 9.67 22.94
N SER A 317 10.00 8.82 23.94
CA SER A 317 10.71 9.25 25.15
C SER A 317 12.17 9.54 24.87
N LEU A 318 12.79 8.77 23.98
CA LEU A 318 14.20 8.99 23.65
C LEU A 318 14.41 10.36 23.00
N SER A 319 13.48 10.76 22.13
CA SER A 319 13.58 12.02 21.41
C SER A 319 13.35 13.24 22.29
N GLY A 320 13.24 13.10 23.61
CA GLY A 320 13.10 14.24 24.48
C GLY A 320 11.70 14.80 24.61
N ALA A 321 10.70 14.14 24.02
CA ALA A 321 9.33 14.64 24.12
C ALA A 321 8.90 14.70 25.57
N ASN A 322 8.29 15.83 25.95
CA ASN A 322 7.85 16.04 27.33
C ASN A 322 6.34 16.10 27.49
N ILE A 323 5.59 16.30 26.40
CA ILE A 323 4.13 16.28 26.42
C ILE A 323 3.72 15.42 25.23
N GLN A 324 3.37 14.17 25.48
CA GLN A 324 3.01 13.23 24.44
C GLN A 324 1.50 13.01 24.47
N CYS A 325 0.85 13.30 23.34
CA CYS A 325 -0.61 13.18 23.23
C CYS A 325 -0.95 12.02 22.29
N TRP A 326 -1.83 11.13 22.76
CA TRP A 326 -2.29 9.99 21.97
C TRP A 326 -3.81 10.00 21.90
N ASP A 327 -4.33 9.79 20.68
CA ASP A 327 -5.76 9.64 20.45
C ASP A 327 -6.04 8.20 20.07
N ASN A 328 -6.69 7.46 20.97
CA ASN A 328 -7.14 6.11 20.67
C ASN A 328 -5.97 5.25 20.18
N ALA A 329 -4.80 5.42 20.82
CA ALA A 329 -3.66 4.57 20.49
C ALA A 329 -4.03 3.11 20.67
N THR A 330 -4.87 2.80 21.65
CA THR A 330 -5.40 1.46 21.85
C THR A 330 -6.78 1.32 21.20
N ARG A 331 -6.80 1.53 19.89
CA ARG A 331 -8.01 1.36 19.09
C ARG A 331 -7.99 -0.02 18.45
N GLY A 332 -9.11 -0.73 18.55
CA GLY A 332 -9.14 -2.10 18.08
C GLY A 332 -8.16 -2.99 18.81
N LEU A 333 -7.98 -2.77 20.10
CA LEU A 333 -7.06 -3.52 20.92
C LEU A 333 -7.79 -4.08 22.14
N ASP A 334 -7.52 -5.34 22.47
CA ASP A 334 -8.20 -5.97 23.58
C ASP A 334 -7.85 -5.26 24.89
N SER A 335 -8.56 -5.65 25.95
CA SER A 335 -8.38 -4.97 27.23
C SER A 335 -6.98 -5.16 27.79
N ALA A 336 -6.40 -6.35 27.63
CA ALA A 336 -5.06 -6.59 28.17
C ALA A 336 -4.01 -5.73 27.48
N THR A 337 -4.09 -5.62 26.15
CA THR A 337 -3.11 -4.80 25.43
C THR A 337 -3.24 -3.34 25.80
N ALA A 338 -4.48 -2.83 25.91
CA ALA A 338 -4.66 -1.45 26.35
C ALA A 338 -4.14 -1.25 27.76
N LEU A 339 -4.35 -2.24 28.63
CA LEU A 339 -3.88 -2.12 30.01
C LEU A 339 -2.36 -2.05 30.07
N GLU A 340 -1.67 -2.89 29.30
CA GLU A 340 -0.21 -2.85 29.33
C GLU A 340 0.33 -1.59 28.65
N PHE A 341 -0.35 -1.10 27.62
CA PHE A 341 0.04 0.18 27.02
C PHE A 341 -0.08 1.32 28.02
N ILE A 342 -1.20 1.36 28.76
CA ILE A 342 -1.39 2.40 29.75
C ILE A 342 -0.39 2.24 30.90
N ARG A 343 -0.04 0.99 31.23
CA ARG A 343 0.99 0.77 32.24
C ARG A 343 2.33 1.34 31.78
N ALA A 344 2.68 1.12 30.51
CA ALA A 344 3.91 1.71 29.98
C ALA A 344 3.87 3.23 30.05
N LEU A 345 2.72 3.81 29.72
CA LEU A 345 2.59 5.26 29.84
C LEU A 345 2.77 5.71 31.28
N LYS A 346 2.22 4.96 32.24
CA LYS A 346 2.34 5.33 33.64
C LYS A 346 3.78 5.28 34.11
N THR A 347 4.51 4.22 33.75
CA THR A 347 5.93 4.19 34.10
C THR A 347 6.71 5.30 33.41
N SER A 348 6.36 5.62 32.16
CA SER A 348 7.01 6.76 31.50
C SER A 348 6.78 8.04 32.30
N ALA A 349 5.56 8.25 32.78
CA ALA A 349 5.26 9.46 33.54
C ALA A 349 5.96 9.46 34.90
N VAL A 350 6.12 8.28 35.51
CA VAL A 350 6.65 8.21 36.87
C VAL A 350 8.17 8.34 36.86
N ILE A 351 8.85 7.49 36.08
CA ILE A 351 10.32 7.50 36.08
C ILE A 351 10.83 8.78 35.45
N LEU A 352 10.50 9.00 34.18
CA LEU A 352 10.90 10.21 33.46
C LEU A 352 9.77 11.23 33.59
N ASP A 353 10.04 12.35 34.26
CA ASP A 353 9.02 13.36 34.45
C ASP A 353 8.41 13.73 33.11
N THR A 354 7.14 13.38 32.92
CA THR A 354 6.47 13.54 31.62
C THR A 354 5.01 13.83 31.86
N THR A 355 4.35 14.39 30.84
CA THR A 355 2.95 14.78 30.90
C THR A 355 2.22 14.11 29.74
N PRO A 356 1.90 12.82 29.87
CA PRO A 356 1.18 12.13 28.79
C PRO A 356 -0.32 12.32 28.86
N LEU A 357 -0.91 12.62 27.70
CA LEU A 357 -2.34 12.76 27.53
C LEU A 357 -2.83 11.60 26.68
N ILE A 358 -3.89 10.92 27.14
CA ILE A 358 -4.42 9.76 26.45
C ILE A 358 -5.92 9.93 26.26
N ALA A 359 -6.39 9.65 25.04
CA ALA A 359 -7.81 9.63 24.73
C ALA A 359 -8.21 8.19 24.45
N ILE A 360 -9.04 7.63 25.34
CA ILE A 360 -9.46 6.23 25.24
C ILE A 360 -10.96 6.15 25.47
N TYR A 361 -11.57 5.10 24.93
CA TYR A 361 -12.99 4.85 25.09
C TYR A 361 -13.27 3.56 25.86
N GLN A 362 -12.70 2.44 25.42
CA GLN A 362 -12.87 1.15 26.10
C GLN A 362 -11.70 0.99 27.07
N CYS A 363 -11.93 1.34 28.33
CA CYS A 363 -10.91 1.31 29.37
C CYS A 363 -11.39 0.44 30.53
N SER A 364 -10.58 -0.55 30.91
CA SER A 364 -10.92 -1.42 32.01
C SER A 364 -10.74 -0.70 33.34
N GLN A 365 -11.30 -1.29 34.40
CA GLN A 365 -11.17 -0.69 35.73
C GLN A 365 -9.71 -0.68 36.18
N ASP A 366 -8.98 -1.76 35.93
CA ASP A 366 -7.57 -1.79 36.31
C ASP A 366 -6.79 -0.71 35.60
N ALA A 367 -7.06 -0.51 34.30
CA ALA A 367 -6.41 0.57 33.57
C ALA A 367 -6.81 1.93 34.12
N TYR A 368 -8.09 2.11 34.43
CA TYR A 368 -8.55 3.38 34.98
C TYR A 368 -7.94 3.67 36.35
N ASP A 369 -7.53 2.64 37.09
CA ASP A 369 -6.92 2.85 38.39
C ASP A 369 -5.54 3.49 38.31
N LEU A 370 -4.95 3.57 37.11
CA LEU A 370 -3.63 4.16 36.94
C LEU A 370 -3.68 5.64 36.59
N PHE A 371 -4.81 6.15 36.13
CA PHE A 371 -4.88 7.54 35.70
C PHE A 371 -4.82 8.49 36.89
N ASP A 372 -4.17 9.62 36.69
CA ASP A 372 -4.03 10.64 37.73
C ASP A 372 -5.09 11.72 37.62
N LYS A 373 -5.44 12.13 36.41
CA LYS A 373 -6.43 13.17 36.19
C LYS A 373 -7.32 12.79 35.01
N VAL A 374 -8.57 13.20 35.08
CA VAL A 374 -9.58 12.87 34.09
C VAL A 374 -10.32 14.15 33.68
N VAL A 375 -10.53 14.29 32.38
CA VAL A 375 -11.35 15.37 31.84
C VAL A 375 -12.40 14.76 30.92
N VAL A 376 -13.67 14.99 31.20
CA VAL A 376 -14.77 14.37 30.47
C VAL A 376 -15.48 15.45 29.66
N LEU A 377 -15.71 15.17 28.38
CA LEU A 377 -16.29 16.12 27.44
C LEU A 377 -17.69 15.66 27.03
N TYR A 378 -18.58 16.62 26.85
CA TYR A 378 -19.95 16.37 26.39
C TYR A 378 -20.20 17.26 25.18
N GLU A 379 -19.96 16.73 23.98
CA GLU A 379 -20.03 17.51 22.75
C GLU A 379 -19.08 18.71 22.82
N GLY A 380 -17.87 18.46 23.30
CA GLY A 380 -16.86 19.49 23.41
C GLY A 380 -17.24 20.58 24.40
N TYR A 381 -17.69 20.19 25.59
CA TYR A 381 -18.10 21.14 26.61
C TYR A 381 -17.29 21.05 27.90
N GLN A 382 -16.61 19.94 28.17
CA GLN A 382 -15.77 19.78 29.35
C GLN A 382 -16.58 19.98 30.63
N ILE A 383 -17.53 19.07 30.83
CA ILE A 383 -18.41 19.14 31.99
C ILE A 383 -17.65 18.94 33.30
N PHE A 384 -16.51 18.25 33.28
CA PHE A 384 -15.78 17.99 34.51
C PHE A 384 -14.31 17.71 34.21
N PHE A 385 -13.45 18.14 35.13
CA PHE A 385 -12.02 17.87 35.06
C PHE A 385 -11.45 17.87 36.47
N GLY A 386 -10.65 16.85 36.78
CA GLY A 386 -10.03 16.79 38.08
C GLY A 386 -9.51 15.39 38.39
N LYS A 387 -9.22 15.16 39.66
CA LYS A 387 -8.69 13.87 40.08
C LYS A 387 -9.65 12.75 39.67
N ALA A 388 -9.07 11.69 39.10
CA ALA A 388 -9.89 10.57 38.63
C ALA A 388 -10.64 9.92 39.79
N THR A 389 -9.95 9.68 40.90
CA THR A 389 -10.57 8.98 42.02
C THR A 389 -11.79 9.72 42.55
N LYS A 390 -11.86 11.04 42.40
CA LYS A 390 -12.96 11.84 42.87
C LYS A 390 -14.00 12.12 41.79
N ALA A 391 -13.85 11.53 40.61
CA ALA A 391 -14.81 11.78 39.54
C ALA A 391 -16.17 11.18 39.87
N LYS A 392 -16.23 9.85 40.01
CA LYS A 392 -17.52 9.19 40.23
C LYS A 392 -18.28 9.83 41.37
N GLU A 393 -17.62 9.99 42.53
CA GLU A 393 -18.31 10.58 43.67
C GLU A 393 -18.98 11.90 43.28
N TYR A 394 -18.24 12.79 42.61
CA TYR A 394 -18.82 14.05 42.21
C TYR A 394 -20.10 13.84 41.41
N PHE A 395 -20.05 12.97 40.40
CA PHE A 395 -21.25 12.71 39.62
C PHE A 395 -22.32 12.02 40.46
N GLU A 396 -21.92 11.15 41.38
CA GLU A 396 -22.89 10.55 42.28
C GLU A 396 -23.51 11.61 43.18
N LYS A 397 -22.80 12.70 43.43
CA LYS A 397 -23.39 13.82 44.14
C LYS A 397 -24.33 14.62 43.26
N MET A 398 -24.11 14.59 41.94
CA MET A 398 -24.98 15.33 41.03
C MET A 398 -26.39 14.76 41.06
N GLY A 399 -26.53 13.44 41.14
CA GLY A 399 -27.84 12.81 41.19
C GLY A 399 -27.98 11.63 40.24
N TRP A 400 -26.88 11.17 39.67
CA TRP A 400 -26.92 10.06 38.73
C TRP A 400 -26.68 8.73 39.45
N LYS A 401 -27.10 7.65 38.82
CA LYS A 401 -27.00 6.31 39.37
C LYS A 401 -25.98 5.51 38.58
N CYS A 402 -25.12 4.78 39.29
CA CYS A 402 -24.11 3.94 38.65
C CYS A 402 -24.47 2.47 38.87
N PRO A 403 -24.94 1.75 37.85
CA PRO A 403 -25.23 0.32 38.05
C PRO A 403 -23.99 -0.44 38.47
N GLN A 404 -24.19 -1.44 39.32
CA GLN A 404 -23.09 -2.24 39.81
C GLN A 404 -22.45 -3.02 38.66
N ARG A 405 -21.23 -3.49 38.90
CA ARG A 405 -20.45 -4.24 37.92
C ARG A 405 -20.15 -3.40 36.68
N GLN A 406 -20.17 -2.08 36.80
CA GLN A 406 -19.86 -1.17 35.70
C GLN A 406 -18.59 -0.40 36.03
N THR A 407 -17.66 -0.35 35.08
CA THR A 407 -16.42 0.37 35.28
C THR A 407 -16.70 1.87 35.31
N THR A 408 -15.85 2.59 36.05
CA THR A 408 -16.05 4.03 36.22
C THR A 408 -15.97 4.76 34.89
N ALA A 409 -15.02 4.39 34.04
CA ALA A 409 -14.87 5.07 32.75
C ALA A 409 -16.13 4.91 31.91
N ASP A 410 -16.69 3.70 31.87
CA ASP A 410 -17.93 3.48 31.13
C ASP A 410 -19.07 4.29 31.72
N PHE A 411 -19.14 4.37 33.05
CA PHE A 411 -20.18 5.16 33.69
C PHE A 411 -20.08 6.64 33.28
N LEU A 412 -18.87 7.19 33.33
CA LEU A 412 -18.69 8.59 32.95
C LEU A 412 -19.05 8.79 31.48
N THR A 413 -18.60 7.89 30.60
CA THR A 413 -18.88 8.05 29.19
C THR A 413 -20.37 7.95 28.89
N SER A 414 -21.07 7.02 29.54
CA SER A 414 -22.49 6.85 29.31
C SER A 414 -23.33 7.92 29.97
N LEU A 415 -22.80 8.62 30.97
CA LEU A 415 -23.55 9.73 31.55
C LEU A 415 -23.85 10.82 30.53
N THR A 416 -23.13 10.85 29.42
CA THR A 416 -23.36 11.81 28.35
C THR A 416 -24.30 11.28 27.28
N ASN A 417 -24.83 10.07 27.45
CA ASN A 417 -25.71 9.47 26.46
C ASN A 417 -27.15 9.52 26.96
N PRO A 418 -28.01 10.37 26.39
CA PRO A 418 -29.39 10.43 26.90
C PRO A 418 -30.13 9.11 26.82
N ALA A 419 -29.87 8.30 25.78
CA ALA A 419 -30.57 7.03 25.65
C ALA A 419 -30.26 6.11 26.82
N GLU A 420 -29.00 6.03 27.22
CA GLU A 420 -28.58 5.24 28.37
C GLU A 420 -28.68 6.12 29.62
N ARG A 421 -28.09 5.65 30.72
CA ARG A 421 -27.99 6.40 31.96
C ARG A 421 -29.36 6.65 32.59
N GLU A 422 -29.40 6.83 33.90
CA GLU A 422 -30.65 7.05 34.61
C GLU A 422 -30.36 7.76 35.92
N PRO A 423 -31.25 8.60 36.43
CA PRO A 423 -30.98 9.33 37.67
C PRO A 423 -31.25 8.48 38.91
N LEU A 424 -30.72 8.96 40.03
CA LEU A 424 -30.95 8.31 41.31
C LEU A 424 -32.42 8.47 41.71
N PRO A 425 -32.94 7.56 42.55
CA PRO A 425 -34.31 7.74 43.04
C PRO A 425 -34.44 9.06 43.79
N GLY A 426 -35.54 9.77 43.52
CA GLY A 426 -35.78 11.05 44.13
C GLY A 426 -35.01 12.20 43.51
N TYR A 427 -34.24 11.95 42.45
CA TYR A 427 -33.45 12.98 41.79
C TYR A 427 -33.89 13.22 40.36
N GLU A 428 -35.06 12.71 39.97
CA GLU A 428 -35.49 12.78 38.58
C GLU A 428 -35.67 14.20 38.07
N ASP A 429 -35.78 15.20 38.96
CA ASP A 429 -36.00 16.58 38.56
C ASP A 429 -34.83 17.50 38.84
N LYS A 430 -33.77 17.02 39.50
CA LYS A 430 -32.64 17.87 39.86
C LYS A 430 -31.44 17.70 38.93
N VAL A 431 -31.28 16.55 38.31
CA VAL A 431 -30.14 16.29 37.42
C VAL A 431 -30.30 17.13 36.16
N PRO A 432 -29.20 17.51 35.50
CA PRO A 432 -29.31 18.23 34.23
C PRO A 432 -29.34 17.31 33.04
N ARG A 433 -29.97 17.79 31.97
CA ARG A 433 -30.09 17.03 30.73
C ARG A 433 -29.40 17.67 29.54
N THR A 434 -29.09 18.96 29.59
CA THR A 434 -28.44 19.66 28.50
C THR A 434 -27.01 20.02 28.88
N ALA A 435 -26.11 19.97 27.89
CA ALA A 435 -24.71 20.27 28.15
C ALA A 435 -24.54 21.66 28.77
N GLN A 436 -25.41 22.61 28.42
CA GLN A 436 -25.34 23.93 29.03
C GLN A 436 -25.59 23.86 30.53
N GLU A 437 -26.60 23.09 30.95
CA GLU A 437 -26.84 22.90 32.37
C GLU A 437 -25.69 22.16 33.03
N PHE A 438 -25.07 21.22 32.31
CA PHE A 438 -23.87 20.55 32.83
C PHE A 438 -22.77 21.57 33.11
N GLU A 439 -22.52 22.47 32.16
CA GLU A 439 -21.52 23.51 32.40
C GLU A 439 -21.91 24.40 33.57
N THR A 440 -23.19 24.76 33.66
CA THR A 440 -23.62 25.64 34.74
C THR A 440 -23.35 24.99 36.11
N TYR A 441 -23.71 23.71 36.24
CA TYR A 441 -23.44 23.00 37.48
C TYR A 441 -21.93 22.90 37.73
N TRP A 442 -21.16 22.63 36.68
CA TRP A 442 -19.71 22.50 36.83
C TRP A 442 -19.10 23.80 37.33
N LYS A 443 -19.52 24.93 36.75
CA LYS A 443 -18.98 26.22 37.15
C LYS A 443 -19.43 26.61 38.55
N ASN A 444 -20.69 26.32 38.90
CA ASN A 444 -21.18 26.67 40.22
C ASN A 444 -20.59 25.79 41.32
N SER A 445 -20.03 24.63 40.95
CA SER A 445 -19.48 23.74 41.95
C SER A 445 -18.19 24.31 42.54
N PRO A 446 -17.89 24.00 43.81
CA PRO A 446 -16.63 24.49 44.39
C PRO A 446 -15.40 23.93 43.71
N GLU A 447 -15.51 22.77 43.05
CA GLU A 447 -14.36 22.22 42.34
C GLU A 447 -13.86 23.17 41.27
N TYR A 448 -14.78 23.78 40.51
CA TYR A 448 -14.38 24.74 39.50
C TYR A 448 -13.72 25.96 40.13
N ALA A 449 -14.21 26.40 41.29
CA ALA A 449 -13.58 27.53 41.96
C ALA A 449 -12.15 27.20 42.35
N GLU A 450 -11.94 26.02 42.92
CA GLU A 450 -10.58 25.63 43.29
C GLU A 450 -9.69 25.49 42.07
N LEU A 451 -10.24 24.93 40.97
CA LEU A 451 -9.47 24.82 39.75
C LEU A 451 -9.06 26.18 39.21
N THR A 452 -9.98 27.14 39.23
CA THR A 452 -9.67 28.49 38.76
C THR A 452 -8.63 29.15 39.66
N LYS A 453 -8.72 28.94 40.98
CA LYS A 453 -7.71 29.49 41.87
C LYS A 453 -6.33 28.91 41.55
N GLU A 454 -6.27 27.60 41.33
CA GLU A 454 -4.99 26.97 40.99
C GLU A 454 -4.46 27.49 39.65
N ILE A 455 -5.36 27.67 38.68
CA ILE A 455 -4.95 28.18 37.37
C ILE A 455 -4.38 29.58 37.50
N ASP A 456 -5.05 30.44 38.28
CA ASP A 456 -4.58 31.80 38.47
C ASP A 456 -3.22 31.82 39.15
N GLU A 457 -3.04 30.98 40.18
CA GLU A 457 -1.75 30.92 40.84
C GLU A 457 -0.67 30.45 39.87
N TYR A 458 -0.97 29.43 39.07
CA TYR A 458 -0.01 28.93 38.10
C TYR A 458 0.39 30.00 37.09
N PHE A 459 -0.61 30.73 36.57
CA PHE A 459 -0.31 31.76 35.58
C PHE A 459 0.49 32.91 36.19
N VAL A 460 0.15 33.30 37.42
CA VAL A 460 0.90 34.36 38.08
C VAL A 460 2.35 33.92 38.28
N GLU A 461 2.56 32.69 38.73
CA GLU A 461 3.93 32.21 38.93
C GLU A 461 4.69 32.17 37.62
N CYS A 462 4.05 31.69 36.54
CA CYS A 462 4.73 31.61 35.25
C CYS A 462 5.08 33.00 34.73
N GLU A 463 4.16 33.96 34.88
CA GLU A 463 4.43 35.31 34.40
C GLU A 463 5.52 36.00 35.22
N ARG A 464 5.58 35.73 36.53
CA ARG A 464 6.56 36.39 37.37
C ARG A 464 7.98 36.07 36.92
N SER A 465 8.25 34.81 36.58
CA SER A 465 9.58 34.41 36.13
C SER A 465 9.71 34.57 34.62
N PRO A 485 17.33 28.81 21.65
CA PRO A 485 17.71 27.78 20.67
C PRO A 485 17.34 28.17 19.24
N ALA A 486 18.34 28.24 18.36
CA ALA A 486 18.09 28.65 16.99
C ALA A 486 17.16 27.67 16.28
N SER A 487 17.45 26.38 16.38
CA SER A 487 16.66 25.35 15.73
C SER A 487 16.36 24.23 16.70
N PRO A 488 15.23 23.54 16.53
CA PRO A 488 14.92 22.44 17.45
C PRO A 488 15.85 21.25 17.32
N TYR A 489 16.56 21.12 16.20
CA TYR A 489 17.43 19.97 15.99
C TYR A 489 18.69 20.08 16.83
N THR A 490 19.28 18.94 17.15
CA THR A 490 20.43 18.86 18.06
C THR A 490 21.76 18.72 17.33
N VAL A 491 21.83 17.84 16.34
CA VAL A 491 23.07 17.60 15.62
C VAL A 491 23.07 18.41 14.33
N SER A 492 24.28 18.72 13.85
CA SER A 492 24.42 19.52 12.64
C SER A 492 23.91 18.74 11.43
N PHE A 493 23.83 19.43 10.30
CA PHE A 493 23.29 18.82 9.09
C PHE A 493 24.14 17.65 8.63
N PHE A 494 25.47 17.78 8.71
CA PHE A 494 26.34 16.71 8.27
C PHE A 494 26.11 15.44 9.09
N MET A 495 25.96 15.58 10.40
CA MET A 495 25.70 14.41 11.24
C MET A 495 24.35 13.79 10.91
N GLN A 496 23.35 14.62 10.65
CA GLN A 496 22.04 14.09 10.28
C GLN A 496 22.11 13.26 9.01
N VAL A 497 22.80 13.78 7.99
CA VAL A 497 22.90 13.05 6.73
C VAL A 497 23.74 11.79 6.89
N ARG A 498 24.79 11.83 7.73
CA ARG A 498 25.57 10.64 7.96
C ARG A 498 24.74 9.54 8.62
N TYR A 499 23.97 9.91 9.64
CA TYR A 499 23.13 8.92 10.31
C TYR A 499 22.04 8.40 9.38
N GLY A 500 21.51 9.28 8.52
CA GLY A 500 20.57 8.81 7.51
C GLY A 500 21.19 7.80 6.58
N VAL A 501 22.42 8.03 6.17
CA VAL A 501 23.12 7.08 5.29
C VAL A 501 23.28 5.74 6.01
N ALA A 502 23.69 5.78 7.27
CA ALA A 502 23.85 4.53 8.02
C ALA A 502 22.53 3.77 8.14
N ARG A 503 21.45 4.49 8.44
CA ARG A 503 20.15 3.84 8.55
C ARG A 503 19.69 3.28 7.22
N ASN A 504 19.97 3.98 6.12
CA ASN A 504 19.60 3.47 4.81
C ASN A 504 20.37 2.19 4.49
N PHE A 505 21.65 2.14 4.85
CA PHE A 505 22.41 0.90 4.66
C PHE A 505 21.82 -0.23 5.50
N LEU A 506 21.41 0.06 6.74
CA LEU A 506 20.78 -0.96 7.55
C LEU A 506 19.48 -1.44 6.93
N ARG A 507 18.68 -0.53 6.37
CA ARG A 507 17.44 -0.92 5.71
C ARG A 507 17.73 -1.81 4.51
N MET A 508 18.73 -1.45 3.71
CA MET A 508 19.08 -2.27 2.55
C MET A 508 19.55 -3.65 2.98
N LYS A 509 20.30 -3.72 4.08
CA LYS A 509 20.72 -5.02 4.61
C LYS A 509 19.51 -5.84 5.04
N GLY A 510 18.52 -5.18 5.66
CA GLY A 510 17.33 -5.89 6.10
C GLY A 510 16.36 -6.27 5.02
N ASP A 511 16.55 -5.79 3.79
CA ASP A 511 15.68 -6.12 2.68
C ASP A 511 16.43 -5.91 1.36
N PRO A 512 17.28 -6.86 0.95
CA PRO A 512 18.09 -6.66 -0.25
C PRO A 512 17.33 -6.96 -1.54
N SER A 513 16.01 -7.02 -1.46
CA SER A 513 15.21 -7.39 -2.64
C SER A 513 15.47 -6.44 -3.80
N ILE A 514 15.13 -5.16 -3.63
CA ILE A 514 15.19 -4.22 -4.75
C ILE A 514 16.61 -4.02 -5.27
N PRO A 515 17.62 -3.80 -4.42
CA PRO A 515 18.98 -3.62 -4.97
C PRO A 515 19.45 -4.82 -5.78
N ILE A 516 19.25 -6.04 -5.26
CA ILE A 516 19.67 -7.23 -5.98
C ILE A 516 18.91 -7.36 -7.29
N PHE A 517 17.59 -7.14 -7.25
CA PHE A 517 16.80 -7.23 -8.45
C PHE A 517 17.27 -6.24 -9.50
N SER A 518 17.52 -5.00 -9.10
CA SER A 518 17.97 -3.98 -10.06
C SER A 518 19.31 -4.37 -10.67
N VAL A 519 20.27 -4.76 -9.83
CA VAL A 519 21.61 -5.06 -10.34
C VAL A 519 21.55 -6.24 -11.31
N PHE A 520 20.86 -7.32 -10.92
CA PHE A 520 20.87 -8.50 -11.76
C PHE A 520 20.00 -8.34 -12.99
N GLY A 521 18.91 -7.57 -12.89
CA GLY A 521 18.15 -7.25 -14.08
C GLY A 521 18.97 -6.46 -15.08
N GLN A 522 19.73 -5.47 -14.60
CA GLN A 522 20.62 -4.73 -15.49
C GLN A 522 21.63 -5.66 -16.13
N LEU A 523 22.25 -6.55 -15.35
CA LEU A 523 23.25 -7.45 -15.91
C LEU A 523 22.65 -8.35 -16.98
N VAL A 524 21.51 -8.98 -16.68
CA VAL A 524 20.91 -9.92 -17.61
C VAL A 524 20.43 -9.20 -18.87
N MET A 525 19.80 -8.04 -18.70
CA MET A 525 19.33 -7.28 -19.86
C MET A 525 20.50 -6.84 -20.74
N GLY A 526 21.60 -6.41 -20.11
CA GLY A 526 22.78 -6.07 -20.89
C GLY A 526 23.31 -7.26 -21.67
N LEU A 527 23.36 -8.43 -21.02
CA LEU A 527 23.83 -9.61 -21.72
C LEU A 527 22.95 -9.94 -22.92
N ILE A 528 21.63 -9.90 -22.74
CA ILE A 528 20.71 -10.26 -23.82
C ILE A 528 20.80 -9.25 -24.95
N LEU A 529 20.74 -7.95 -24.62
CA LEU A 529 20.78 -6.92 -25.64
C LEU A 529 22.10 -6.95 -26.41
N SER A 530 23.21 -7.22 -25.72
CA SER A 530 24.48 -7.39 -26.41
C SER A 530 24.46 -8.61 -27.31
N SER A 531 23.81 -9.69 -26.88
CA SER A 531 23.66 -10.85 -27.75
C SER A 531 22.89 -10.49 -29.01
N VAL A 532 21.93 -9.58 -28.92
CA VAL A 532 21.22 -9.13 -30.11
C VAL A 532 22.15 -8.39 -31.06
N PHE A 533 23.01 -7.51 -30.51
CA PHE A 533 23.90 -6.67 -31.31
C PHE A 533 25.33 -7.19 -31.30
N TYR A 534 25.53 -8.49 -31.18
CA TYR A 534 26.88 -9.02 -30.95
C TYR A 534 27.79 -8.74 -32.14
N ASN A 535 28.94 -8.13 -31.86
CA ASN A 535 30.05 -8.01 -32.81
C ASN A 535 29.61 -7.30 -34.09
N LEU A 536 29.24 -6.02 -33.93
CA LEU A 536 28.89 -5.21 -35.08
C LEU A 536 30.09 -5.07 -36.02
N SER A 537 29.81 -5.13 -37.32
CA SER A 537 30.87 -5.11 -38.32
C SER A 537 31.49 -3.71 -38.42
N GLN A 538 32.60 -3.63 -39.16
CA GLN A 538 33.32 -2.39 -39.35
C GLN A 538 32.95 -1.68 -40.66
N THR A 539 32.01 -2.22 -41.43
CA THR A 539 31.64 -1.63 -42.70
C THR A 539 30.46 -0.68 -42.52
N THR A 540 30.12 0.03 -43.60
CA THR A 540 29.01 0.97 -43.54
C THR A 540 27.69 0.26 -43.26
N GLY A 541 27.60 -1.02 -43.59
CA GLY A 541 26.36 -1.75 -43.35
C GLY A 541 25.98 -1.82 -41.90
N SER A 542 26.92 -1.59 -40.99
CA SER A 542 26.64 -1.59 -39.57
C SER A 542 26.12 -0.26 -39.04
N PHE A 543 26.23 0.81 -39.85
CA PHE A 543 25.90 2.15 -39.38
C PHE A 543 24.62 2.15 -38.55
N TYR A 544 23.50 1.80 -39.18
CA TYR A 544 22.22 1.84 -38.48
C TYR A 544 22.31 1.08 -37.16
N TYR A 545 22.78 -0.17 -37.21
CA TYR A 545 22.85 -0.97 -36.00
C TYR A 545 23.62 -0.23 -34.93
N ARG A 546 24.81 0.30 -35.29
CA ARG A 546 25.60 1.03 -34.30
C ARG A 546 24.76 2.11 -33.65
N GLY A 547 24.12 2.95 -34.46
CA GLY A 547 23.26 3.98 -33.89
C GLY A 547 22.24 3.38 -32.94
N ALA A 548 21.52 2.36 -33.40
CA ALA A 548 20.51 1.72 -32.56
C ALA A 548 21.12 1.33 -31.22
N ALA A 549 22.29 0.70 -31.26
CA ALA A 549 22.92 0.29 -30.01
C ALA A 549 23.11 1.49 -29.09
N MET A 550 23.75 2.54 -29.59
CA MET A 550 24.02 3.68 -28.73
C MET A 550 22.75 4.39 -28.29
N PHE A 551 21.62 4.11 -28.95
CA PHE A 551 20.35 4.60 -28.42
C PHE A 551 19.96 3.79 -27.19
N PHE A 552 19.84 2.47 -27.34
CA PHE A 552 19.28 1.67 -26.27
C PHE A 552 20.18 1.68 -25.04
N ALA A 553 21.50 1.66 -25.25
CA ALA A 553 22.41 1.82 -24.14
C ALA A 553 22.02 3.03 -23.31
N VAL A 554 21.84 4.17 -23.97
CA VAL A 554 21.43 5.38 -23.26
C VAL A 554 20.16 5.09 -22.46
N LEU A 555 19.16 4.50 -23.12
CA LEU A 555 17.93 4.19 -22.42
C LEU A 555 18.19 3.29 -21.23
N PHE A 556 19.02 2.26 -21.42
CA PHE A 556 19.26 1.33 -20.33
C PHE A 556 20.06 1.95 -19.20
N ASN A 557 20.62 3.14 -19.41
CA ASN A 557 21.20 3.91 -18.32
C ASN A 557 20.25 4.98 -17.79
N ALA A 558 19.30 5.43 -18.62
CA ALA A 558 18.37 6.47 -18.17
C ALA A 558 17.40 5.92 -17.14
N PHE A 559 16.79 4.77 -17.43
CA PHE A 559 15.74 4.19 -16.60
C PHE A 559 16.23 3.11 -15.66
N SER A 560 17.54 2.87 -15.60
CA SER A 560 18.07 1.81 -14.75
C SER A 560 17.70 2.02 -13.29
N SER A 561 17.60 3.28 -12.86
CA SER A 561 17.36 3.63 -11.46
C SER A 561 15.92 4.08 -11.23
N LEU A 562 14.97 3.44 -11.91
CA LEU A 562 13.57 3.79 -11.71
C LEU A 562 12.99 3.23 -10.42
N LEU A 563 13.48 2.06 -9.98
CA LEU A 563 12.90 1.39 -8.83
C LEU A 563 13.30 2.02 -7.51
N GLU A 564 14.37 2.81 -7.48
CA GLU A 564 14.80 3.40 -6.21
C GLU A 564 13.70 4.25 -5.60
N ILE A 565 12.89 4.91 -6.43
CA ILE A 565 11.84 5.77 -5.90
C ILE A 565 10.88 4.99 -5.01
N MET A 566 10.82 3.66 -5.18
CA MET A 566 9.97 2.86 -4.30
C MET A 566 10.32 3.12 -2.84
N SER A 567 11.61 3.16 -2.52
CA SER A 567 12.02 3.43 -1.14
C SER A 567 11.46 4.76 -0.65
N LEU A 568 11.44 5.77 -1.53
CA LEU A 568 10.90 7.07 -1.15
C LEU A 568 9.46 6.95 -0.67
N PHE A 569 8.68 6.05 -1.26
CA PHE A 569 7.29 5.89 -0.87
C PHE A 569 7.15 5.12 0.44
N GLU A 570 8.19 4.44 0.91
CA GLU A 570 8.12 3.70 2.15
C GLU A 570 8.56 4.51 3.36
N ALA A 571 9.48 5.45 3.16
CA ALA A 571 10.04 6.22 4.26
C ALA A 571 9.38 7.58 4.45
N ARG A 572 8.37 7.92 3.66
CA ARG A 572 7.74 9.23 3.80
C ARG A 572 7.05 9.40 5.16
N PRO A 573 6.21 8.48 5.61
CA PRO A 573 5.57 8.68 6.93
C PRO A 573 6.57 8.77 8.06
N ILE A 574 7.62 7.95 8.04
CA ILE A 574 8.61 7.96 9.11
C ILE A 574 9.41 9.26 9.07
N VAL A 575 9.75 9.73 7.87
CA VAL A 575 10.47 10.99 7.76
C VAL A 575 9.61 12.14 8.27
N GLU A 576 8.32 12.12 7.96
CA GLU A 576 7.41 13.14 8.48
C GLU A 576 7.37 13.10 10.00
N LYS A 577 7.23 11.90 10.57
CA LYS A 577 7.17 11.78 12.02
C LYS A 577 8.45 12.30 12.67
N HIS A 578 9.60 11.96 12.10
CA HIS A 578 10.86 12.37 12.69
C HIS A 578 11.10 13.87 12.51
N LYS A 579 10.56 14.47 11.44
CA LYS A 579 10.56 15.93 11.35
C LYS A 579 9.71 16.53 12.46
N LYS A 580 8.54 15.93 12.72
CA LYS A 580 7.70 16.43 13.81
C LYS A 580 8.39 16.25 15.16
N TYR A 581 9.08 15.12 15.36
CA TYR A 581 9.84 14.90 16.58
C TYR A 581 11.03 15.84 16.71
N ALA A 582 11.39 16.56 15.65
CA ALA A 582 12.57 17.42 15.64
C ALA A 582 13.84 16.60 15.84
N LEU A 583 14.05 15.66 14.93
CA LEU A 583 15.26 14.85 14.89
C LEU A 583 16.17 15.23 13.73
N TYR A 584 15.61 15.36 12.53
CA TYR A 584 16.38 15.79 11.36
C TYR A 584 15.42 16.37 10.33
N ARG A 585 15.99 17.11 9.38
CA ARG A 585 15.20 17.73 8.34
C ARG A 585 14.92 16.74 7.21
N PRO A 586 13.85 16.95 6.44
CA PRO A 586 13.65 16.13 5.24
C PRO A 586 14.78 16.26 4.23
N SER A 587 15.44 17.42 4.17
CA SER A 587 16.56 17.59 3.24
C SER A 587 17.72 16.67 3.61
N ALA A 588 18.01 16.54 4.90
CA ALA A 588 19.07 15.63 5.33
C ALA A 588 18.75 14.20 4.93
N ASP A 589 17.49 13.78 5.12
CA ASP A 589 17.11 12.44 4.71
C ASP A 589 17.21 12.26 3.20
N ALA A 590 16.84 13.30 2.43
CA ALA A 590 16.95 13.21 0.98
C ALA A 590 18.39 13.05 0.54
N LEU A 591 19.30 13.84 1.13
CA LEU A 591 20.71 13.70 0.78
C LEU A 591 21.25 12.35 1.20
N ALA A 592 20.82 11.84 2.35
CA ALA A 592 21.24 10.52 2.78
C ALA A 592 20.74 9.44 1.83
N SER A 593 19.52 9.58 1.34
CA SER A 593 18.99 8.62 0.37
C SER A 593 19.78 8.69 -0.93
N ILE A 594 20.14 9.89 -1.37
CA ILE A 594 20.95 10.01 -2.58
C ILE A 594 22.30 9.35 -2.40
N ILE A 595 22.95 9.58 -1.26
CA ILE A 595 24.30 9.07 -1.03
C ILE A 595 24.28 7.56 -0.87
N SER A 596 23.29 7.02 -0.18
CA SER A 596 23.28 5.60 0.15
C SER A 596 23.09 4.72 -1.07
N GLU A 597 22.55 5.26 -2.17
CA GLU A 597 22.30 4.48 -3.37
C GLU A 597 23.46 4.56 -4.36
N LEU A 598 24.52 5.29 -4.04
CA LEU A 598 25.67 5.35 -4.95
C LEU A 598 26.30 3.98 -5.17
N PRO A 599 26.51 3.13 -4.15
CA PRO A 599 27.05 1.79 -4.43
C PRO A 599 26.21 0.99 -5.40
N VAL A 600 24.88 1.06 -5.26
CA VAL A 600 24.01 0.31 -6.16
C VAL A 600 24.11 0.85 -7.58
N LYS A 601 24.16 2.17 -7.73
CA LYS A 601 24.29 2.76 -9.05
C LYS A 601 25.62 2.39 -9.69
N LEU A 602 26.69 2.38 -8.91
CA LEU A 602 27.99 1.97 -9.44
C LEU A 602 27.95 0.51 -9.88
N ALA A 603 27.34 -0.36 -9.07
CA ALA A 603 27.25 -1.77 -9.44
C ALA A 603 26.46 -1.94 -10.74
N MET A 604 25.32 -1.24 -10.85
CA MET A 604 24.52 -1.34 -12.07
C MET A 604 25.30 -0.86 -13.28
N SER A 605 25.94 0.31 -13.15
CA SER A 605 26.67 0.88 -14.28
C SER A 605 27.79 -0.05 -14.73
N MET A 606 28.58 -0.55 -13.79
CA MET A 606 29.64 -1.47 -14.17
C MET A 606 29.07 -2.71 -14.84
N SER A 607 28.12 -3.38 -14.18
CA SER A 607 27.61 -4.64 -14.68
C SER A 607 27.03 -4.51 -16.08
N PHE A 608 26.35 -3.39 -16.37
CA PHE A 608 25.78 -3.23 -17.70
C PHE A 608 26.85 -2.81 -18.70
N ASN A 609 27.51 -1.66 -18.47
CA ASN A 609 28.37 -1.08 -19.48
C ASN A 609 29.56 -1.97 -19.80
N PHE A 610 30.24 -2.52 -18.79
CA PHE A 610 31.44 -3.29 -19.07
C PHE A 610 31.18 -4.45 -19.99
N VAL A 611 29.96 -4.98 -20.01
CA VAL A 611 29.60 -6.05 -20.94
C VAL A 611 29.11 -5.49 -22.26
N PHE A 612 28.22 -4.50 -22.22
CA PHE A 612 27.60 -4.01 -23.44
C PHE A 612 28.62 -3.35 -24.37
N TYR A 613 29.41 -2.42 -23.84
CA TYR A 613 30.31 -1.66 -24.69
C TYR A 613 31.35 -2.56 -25.35
N PHE A 614 31.65 -3.72 -24.78
CA PHE A 614 32.74 -4.55 -25.28
C PHE A 614 32.28 -5.74 -26.10
N MET A 615 31.16 -6.38 -25.74
CA MET A 615 30.67 -7.46 -26.58
C MET A 615 30.08 -6.91 -27.87
N VAL A 616 29.44 -5.75 -27.81
CA VAL A 616 29.13 -4.99 -29.01
C VAL A 616 30.38 -4.25 -29.44
N ASN A 617 30.80 -4.48 -30.68
CA ASN A 617 32.13 -4.01 -31.11
C ASN A 617 32.14 -2.50 -31.33
N PHE A 618 32.03 -1.74 -30.23
CA PHE A 618 32.16 -0.30 -30.30
C PHE A 618 33.64 0.05 -30.44
N ARG A 619 33.99 1.33 -30.41
CA ARG A 619 35.39 1.73 -30.46
C ARG A 619 36.14 1.14 -29.28
N ARG A 620 37.27 0.49 -29.54
CA ARG A 620 37.97 -0.30 -28.54
C ARG A 620 39.03 0.48 -27.79
N ASN A 621 39.29 1.73 -28.15
CA ASN A 621 40.34 2.49 -27.46
C ASN A 621 39.94 2.72 -26.01
N PRO A 622 40.91 2.73 -25.08
CA PRO A 622 40.55 2.96 -23.67
C PRO A 622 39.89 4.30 -23.42
N GLY A 623 40.39 5.37 -24.05
CA GLY A 623 39.83 6.68 -23.82
C GLY A 623 38.38 6.78 -24.26
N ARG A 624 38.06 6.19 -25.41
CA ARG A 624 36.68 6.21 -25.88
C ARG A 624 35.76 5.50 -24.89
N PHE A 625 36.17 4.35 -24.38
CA PHE A 625 35.36 3.64 -23.41
C PHE A 625 35.17 4.46 -22.15
N PHE A 626 36.24 5.10 -21.67
CA PHE A 626 36.13 5.86 -20.43
C PHE A 626 35.22 7.07 -20.60
N PHE A 627 35.30 7.75 -21.75
CA PHE A 627 34.39 8.85 -22.01
C PHE A 627 32.94 8.36 -22.07
N TYR A 628 32.72 7.23 -22.74
CA TYR A 628 31.37 6.66 -22.81
C TYR A 628 30.84 6.36 -21.42
N TRP A 629 31.68 5.76 -20.57
CA TRP A 629 31.26 5.44 -19.22
C TRP A 629 30.94 6.69 -18.41
N LEU A 630 31.76 7.72 -18.55
CA LEU A 630 31.51 8.98 -17.83
C LEU A 630 30.17 9.58 -18.25
N MET A 631 29.91 9.62 -19.56
CA MET A 631 28.64 10.18 -20.01
C MET A 631 27.46 9.34 -19.54
N CYS A 632 27.60 8.01 -19.54
CA CYS A 632 26.52 7.17 -19.05
C CYS A 632 26.27 7.40 -17.56
N ILE A 633 27.34 7.58 -16.78
CA ILE A 633 27.19 7.86 -15.36
C ILE A 633 26.41 9.16 -15.16
N TRP A 634 26.77 10.20 -15.92
CA TRP A 634 26.07 11.47 -15.73
C TRP A 634 24.63 11.38 -16.21
N CYS A 635 24.37 10.60 -17.26
CA CYS A 635 23.00 10.40 -17.70
C CYS A 635 22.16 9.73 -16.62
N THR A 636 22.72 8.69 -15.99
CA THR A 636 21.95 8.00 -14.96
C THR A 636 21.74 8.88 -13.75
N PHE A 637 22.71 9.73 -13.40
CA PHE A 637 22.50 10.68 -12.30
C PHE A 637 21.38 11.65 -12.64
N VAL A 638 21.40 12.21 -13.85
CA VAL A 638 20.36 13.16 -14.25
C VAL A 638 18.99 12.50 -14.14
N MET A 639 18.86 11.29 -14.68
CA MET A 639 17.55 10.64 -14.70
C MET A 639 17.13 10.19 -13.31
N SER A 640 18.07 9.77 -12.47
CA SER A 640 17.72 9.43 -11.09
C SER A 640 17.18 10.64 -10.35
N HIS A 641 17.83 11.80 -10.52
CA HIS A 641 17.33 13.00 -9.87
C HIS A 641 15.96 13.39 -10.40
N LEU A 642 15.74 13.24 -11.70
CA LEU A 642 14.42 13.53 -12.25
C LEU A 642 13.35 12.60 -11.67
N PHE A 643 13.67 11.31 -11.58
CA PHE A 643 12.70 10.36 -11.01
C PHE A 643 12.41 10.67 -9.55
N ARG A 644 13.45 11.03 -8.79
CA ARG A 644 13.23 11.41 -7.39
C ARG A 644 12.36 12.66 -7.29
N SER A 645 12.58 13.63 -8.18
CA SER A 645 11.75 14.83 -8.17
C SER A 645 10.30 14.49 -8.47
N ILE A 646 10.07 13.58 -9.43
CA ILE A 646 8.70 13.20 -9.76
C ILE A 646 8.06 12.44 -8.61
N GLY A 647 8.82 11.58 -7.95
CA GLY A 647 8.28 10.76 -6.87
C GLY A 647 8.20 11.43 -5.52
N ALA A 648 8.79 12.62 -5.37
CA ALA A 648 8.68 13.36 -4.13
C ALA A 648 7.31 13.99 -3.94
N VAL A 649 6.45 13.96 -4.95
CA VAL A 649 5.11 14.55 -4.85
C VAL A 649 4.08 13.50 -5.22
N SER A 650 4.39 12.23 -4.98
CA SER A 650 3.49 11.13 -5.32
C SER A 650 3.50 10.11 -4.18
N THR A 651 2.42 9.34 -4.10
CA THR A 651 2.23 8.39 -3.02
C THR A 651 2.27 6.93 -3.47
N SER A 652 2.22 6.66 -4.78
CA SER A 652 2.26 5.29 -5.28
C SER A 652 2.98 5.27 -6.61
N ILE A 653 3.51 4.11 -6.96
CA ILE A 653 4.25 3.97 -8.21
C ILE A 653 3.36 4.29 -9.40
N SER A 654 2.13 3.77 -9.40
CA SER A 654 1.21 4.05 -10.50
C SER A 654 0.78 5.51 -10.51
N GLY A 655 0.60 6.10 -9.34
CA GLY A 655 0.22 7.50 -9.28
C GLY A 655 1.27 8.42 -9.87
N ALA A 656 2.54 8.11 -9.65
CA ALA A 656 3.62 8.89 -10.27
C ALA A 656 3.81 8.51 -11.73
N MET A 657 3.50 7.26 -12.09
CA MET A 657 3.72 6.80 -13.46
C MET A 657 2.69 7.38 -14.44
N THR A 658 1.44 7.54 -14.00
CA THR A 658 0.39 7.96 -14.93
C THR A 658 0.67 9.31 -15.56
N PRO A 659 1.02 10.37 -14.81
CA PRO A 659 1.22 11.68 -15.45
C PRO A 659 2.62 11.87 -15.99
N ALA A 660 3.59 11.13 -15.48
CA ALA A 660 4.96 11.21 -15.94
C ALA A 660 5.24 10.37 -17.17
N THR A 661 4.30 9.51 -17.57
CA THR A 661 4.52 8.67 -18.74
C THR A 661 4.68 9.52 -20.00
N VAL A 662 3.86 10.55 -20.15
CA VAL A 662 3.97 11.40 -21.34
C VAL A 662 5.33 12.09 -21.38
N LEU A 663 5.78 12.61 -20.23
CA LEU A 663 7.07 13.29 -20.19
C LEU A 663 8.21 12.33 -20.54
N LEU A 664 8.20 11.14 -19.94
CA LEU A 664 9.28 10.19 -20.21
C LEU A 664 9.25 9.71 -21.65
N LEU A 665 8.05 9.52 -22.22
CA LEU A 665 7.96 9.14 -23.63
C LEU A 665 8.46 10.26 -24.53
N ALA A 666 8.17 11.52 -24.16
CA ALA A 666 8.66 12.64 -24.95
C ALA A 666 10.19 12.69 -24.92
N MET A 667 10.78 12.43 -23.76
CA MET A 667 12.24 12.43 -23.68
C MET A 667 12.83 11.25 -24.45
N VAL A 668 12.14 10.11 -24.45
CA VAL A 668 12.64 8.95 -25.18
C VAL A 668 12.57 9.19 -26.69
N ILE A 669 11.44 9.70 -27.18
CA ILE A 669 11.27 9.90 -28.61
C ILE A 669 12.27 10.92 -29.14
N TYR A 670 12.47 12.01 -28.41
CA TYR A 670 13.32 13.11 -28.85
C TYR A 670 14.76 12.98 -28.35
N THR A 671 15.21 11.76 -28.07
CA THR A 671 16.63 11.56 -27.75
C THR A 671 17.50 11.94 -28.93
N GLY A 672 17.10 11.55 -30.14
CA GLY A 672 17.83 11.92 -31.33
C GLY A 672 17.96 10.80 -32.35
N PHE A 673 17.46 9.61 -32.02
CA PHE A 673 17.52 8.46 -32.91
C PHE A 673 16.19 8.14 -33.58
N VAL A 674 15.10 8.12 -32.82
CA VAL A 674 13.79 7.84 -33.43
C VAL A 674 13.46 8.88 -34.47
N ILE A 675 13.66 10.15 -34.14
CA ILE A 675 13.49 11.27 -35.06
C ILE A 675 14.80 12.04 -35.13
N PRO A 676 15.64 11.77 -36.13
CA PRO A 676 16.85 12.58 -36.30
C PRO A 676 16.51 14.03 -36.51
N THR A 677 17.41 14.91 -36.07
CA THR A 677 17.15 16.34 -36.12
C THR A 677 16.70 16.83 -37.49
N PRO A 678 17.29 16.40 -38.61
CA PRO A 678 16.78 16.85 -39.91
C PRO A 678 15.32 16.50 -40.13
N SER A 679 14.85 15.39 -39.59
CA SER A 679 13.45 14.98 -39.72
C SER A 679 12.55 15.60 -38.66
N MET A 680 13.11 16.38 -37.73
CA MET A 680 12.31 16.97 -36.67
C MET A 680 11.38 18.04 -37.24
N LEU A 681 10.18 18.13 -36.69
CA LEU A 681 9.21 19.09 -37.18
C LEU A 681 9.45 20.46 -36.53
N GLY A 682 8.75 21.46 -37.05
CA GLY A 682 8.97 22.83 -36.58
C GLY A 682 8.63 23.00 -35.10
N TRP A 683 7.52 22.42 -34.65
CA TRP A 683 7.09 22.56 -33.27
C TRP A 683 7.81 21.63 -32.31
N SER A 684 8.72 20.79 -32.82
CA SER A 684 9.36 19.77 -32.00
C SER A 684 10.79 20.09 -31.59
N ARG A 685 11.45 21.03 -32.28
CA ARG A 685 12.86 21.28 -32.00
C ARG A 685 13.07 21.75 -30.57
N TRP A 686 12.20 22.64 -30.08
CA TRP A 686 12.36 23.14 -28.72
C TRP A 686 12.29 22.02 -27.69
N ILE A 687 11.61 20.92 -28.02
CA ILE A 687 11.58 19.79 -27.09
C ILE A 687 12.96 19.14 -27.01
N ASN A 688 13.67 19.07 -28.14
CA ASN A 688 15.02 18.51 -28.13
C ASN A 688 16.03 19.47 -27.54
N TYR A 689 15.77 20.77 -27.57
CA TYR A 689 16.71 21.73 -26.98
C TYR A 689 16.77 21.57 -25.46
N ILE A 690 15.64 21.27 -24.83
CA ILE A 690 15.58 21.14 -23.39
C ILE A 690 15.57 19.68 -22.94
N ASN A 691 16.09 18.78 -23.77
CA ASN A 691 16.09 17.35 -23.44
C ASN A 691 17.43 16.99 -22.81
N PRO A 692 17.47 16.55 -21.54
CA PRO A 692 18.75 16.18 -20.94
C PRO A 692 19.41 14.97 -21.58
N VAL A 693 18.65 14.13 -22.29
CA VAL A 693 19.21 12.91 -22.88
C VAL A 693 19.68 13.13 -24.31
N GLY A 694 19.16 14.13 -25.01
CA GLY A 694 19.62 14.40 -26.36
C GLY A 694 21.10 14.75 -26.40
N TYR A 695 21.55 15.55 -25.44
CA TYR A 695 22.96 15.91 -25.37
C TYR A 695 23.83 14.69 -25.08
N VAL A 696 23.36 13.80 -24.21
CA VAL A 696 24.10 12.58 -23.92
C VAL A 696 24.24 11.74 -25.18
N PHE A 697 23.14 11.56 -25.91
CA PHE A 697 23.19 10.77 -27.14
C PHE A 697 24.12 11.41 -28.17
N GLU A 698 24.05 12.74 -28.32
CA GLU A 698 24.90 13.42 -29.27
C GLU A 698 26.37 13.22 -28.91
N SER A 699 26.71 13.36 -27.62
CA SER A 699 28.09 13.19 -27.21
C SER A 699 28.56 11.76 -27.48
N LEU A 700 27.74 10.76 -27.16
CA LEU A 700 28.15 9.38 -27.38
C LEU A 700 28.35 9.08 -28.86
N MET A 701 27.41 9.53 -29.71
CA MET A 701 27.55 9.28 -31.14
C MET A 701 28.77 10.00 -31.71
N VAL A 702 29.01 11.24 -31.29
CA VAL A 702 30.19 11.97 -31.73
C VAL A 702 31.45 11.25 -31.31
N ASN A 703 31.48 10.75 -30.08
CA ASN A 703 32.64 10.04 -29.58
C ASN A 703 32.92 8.79 -30.41
N GLU A 704 31.86 8.04 -30.75
CA GLU A 704 32.08 6.80 -31.48
C GLU A 704 32.48 7.06 -32.93
N PHE A 705 31.77 7.95 -33.61
CA PHE A 705 31.87 8.03 -35.07
C PHE A 705 32.93 9.01 -35.56
N HIS A 706 33.23 10.07 -34.81
CA HIS A 706 34.08 11.12 -35.33
C HIS A 706 35.48 10.59 -35.62
N GLY A 707 36.09 11.12 -36.68
CA GLY A 707 37.45 10.74 -37.04
C GLY A 707 37.61 9.28 -37.35
N ARG A 708 36.63 8.68 -38.01
CA ARG A 708 36.63 7.25 -38.31
C ARG A 708 36.28 7.05 -39.78
N GLU A 709 36.87 6.01 -40.37
CA GLU A 709 36.62 5.64 -41.75
C GLU A 709 36.10 4.22 -41.81
N PHE A 710 34.96 4.03 -42.46
CA PHE A 710 34.31 2.73 -42.58
C PHE A 710 34.44 2.23 -44.01
N GLN A 711 34.82 0.97 -44.16
CA GLN A 711 34.91 0.38 -45.49
C GLN A 711 33.51 0.28 -46.10
N CYS A 712 33.40 0.67 -47.37
CA CYS A 712 32.11 0.64 -48.04
C CYS A 712 31.63 -0.80 -48.21
N ALA A 713 30.33 -1.00 -47.98
CA ALA A 713 29.72 -2.32 -48.09
C ALA A 713 28.98 -2.53 -49.41
N GLN A 714 28.29 -1.51 -49.91
CA GLN A 714 27.51 -1.61 -51.13
C GLN A 714 27.80 -0.40 -52.01
N TYR A 715 27.95 -0.65 -53.31
CA TYR A 715 28.16 0.40 -54.29
C TYR A 715 26.94 0.48 -55.21
N VAL A 716 26.50 1.71 -55.49
CA VAL A 716 25.21 1.87 -56.18
C VAL A 716 25.21 1.20 -57.54
N PRO A 717 26.16 1.44 -58.45
CA PRO A 717 26.22 0.65 -59.69
C PRO A 717 26.94 -0.67 -59.45
N SER A 718 26.17 -1.76 -59.46
CA SER A 718 26.74 -3.09 -59.28
C SER A 718 25.72 -4.12 -59.72
N GLY A 719 26.22 -5.32 -60.04
CA GLY A 719 25.37 -6.40 -60.47
C GLY A 719 25.93 -7.10 -61.68
N PRO A 720 25.09 -7.92 -62.34
CA PRO A 720 25.59 -8.68 -63.50
C PRO A 720 26.14 -7.81 -64.61
N GLY A 721 25.53 -6.64 -64.85
CA GLY A 721 25.98 -5.76 -65.91
C GLY A 721 27.13 -4.85 -65.57
N TYR A 722 27.56 -4.82 -64.31
CA TYR A 722 28.61 -3.94 -63.84
C TYR A 722 29.68 -4.74 -63.10
N GLU A 723 30.08 -5.88 -63.67
CA GLU A 723 31.11 -6.71 -63.07
C GLU A 723 32.53 -6.24 -63.41
N ASN A 724 32.67 -5.31 -64.36
CA ASN A 724 33.97 -4.81 -64.79
C ASN A 724 33.93 -3.29 -64.91
N ILE A 725 33.36 -2.63 -63.90
CA ILE A 725 33.22 -1.18 -63.89
C ILE A 725 34.27 -0.58 -62.99
N SER A 726 34.78 0.59 -63.37
CA SER A 726 35.81 1.26 -62.61
C SER A 726 35.24 1.77 -61.29
N ARG A 727 36.12 1.84 -60.28
CA ARG A 727 35.70 2.33 -58.97
C ARG A 727 35.41 3.82 -58.98
N SER A 728 35.89 4.56 -59.98
CA SER A 728 35.62 5.99 -60.05
C SER A 728 34.20 6.29 -60.50
N ASN A 729 33.52 5.34 -61.13
CA ASN A 729 32.15 5.52 -61.58
C ASN A 729 31.13 4.98 -60.57
N GLN A 730 31.57 4.51 -59.42
CA GLN A 730 30.70 3.97 -58.38
C GLN A 730 30.69 4.91 -57.18
N VAL A 731 29.84 4.58 -56.21
CA VAL A 731 29.71 5.39 -55.01
C VAL A 731 28.99 4.57 -53.94
N CYS A 732 29.36 4.79 -52.69
CA CYS A 732 28.76 4.06 -51.58
C CYS A 732 27.31 4.51 -51.39
N THR A 733 26.57 3.71 -50.62
CA THR A 733 25.15 3.95 -50.38
C THR A 733 24.88 4.63 -49.05
N ALA A 734 25.92 5.06 -48.33
CA ALA A 734 25.74 5.73 -47.06
C ALA A 734 25.29 7.17 -47.31
N VAL A 735 25.22 7.97 -46.25
CA VAL A 735 24.73 9.34 -46.37
C VAL A 735 25.84 10.32 -46.72
N GLY A 736 27.03 10.14 -46.13
CA GLY A 736 28.13 11.04 -46.38
C GLY A 736 29.06 10.55 -47.48
N SER A 737 28.58 9.63 -48.29
CA SER A 737 29.40 9.04 -49.34
C SER A 737 29.81 10.08 -50.38
N VAL A 738 31.01 9.90 -50.92
CA VAL A 738 31.55 10.76 -51.96
C VAL A 738 31.84 9.86 -53.18
N PRO A 739 31.50 10.28 -54.40
CA PRO A 739 31.77 9.42 -55.56
C PRO A 739 33.25 9.12 -55.71
N GLY A 740 33.56 7.89 -56.09
CA GLY A 740 34.92 7.48 -56.34
C GLY A 740 35.73 7.13 -55.10
N ASN A 741 35.11 7.13 -53.92
CA ASN A 741 35.80 6.85 -52.67
C ASN A 741 35.41 5.47 -52.16
N GLU A 742 36.41 4.71 -51.71
CA GLU A 742 36.19 3.37 -51.20
C GLU A 742 35.83 3.34 -49.73
N MET A 743 35.93 4.47 -49.02
CA MET A 743 35.64 4.54 -47.60
C MET A 743 34.70 5.71 -47.32
N VAL A 744 33.90 5.56 -46.27
CA VAL A 744 32.95 6.58 -45.84
C VAL A 744 33.44 7.15 -44.52
N SER A 745 33.54 8.47 -44.44
CA SER A 745 34.01 9.11 -43.23
C SER A 745 32.90 9.19 -42.19
N GLY A 746 33.24 8.88 -40.94
CA GLY A 746 32.26 8.98 -39.88
C GLY A 746 31.81 10.40 -39.65
N THR A 747 32.73 11.36 -39.77
CA THR A 747 32.37 12.76 -39.57
C THR A 747 31.32 13.21 -40.58
N ASN A 748 31.51 12.85 -41.86
CA ASN A 748 30.55 13.27 -42.88
C ASN A 748 29.18 12.64 -42.64
N TYR A 749 29.14 11.35 -42.32
CA TYR A 749 27.87 10.70 -42.06
C TYR A 749 27.17 11.33 -40.87
N LEU A 750 27.90 11.60 -39.79
CA LEU A 750 27.29 12.20 -38.61
C LEU A 750 26.77 13.60 -38.92
N ALA A 751 27.54 14.39 -39.66
CA ALA A 751 27.11 15.75 -39.99
C ALA A 751 25.96 15.76 -40.98
N GLY A 752 25.78 14.69 -41.75
CA GLY A 752 24.71 14.65 -42.73
C GLY A 752 23.42 14.05 -42.20
N ALA A 753 23.51 12.86 -41.62
CA ALA A 753 22.31 12.15 -41.20
C ALA A 753 21.74 12.71 -39.89
N TYR A 754 22.56 12.75 -38.84
CA TYR A 754 22.11 13.19 -37.54
C TYR A 754 22.38 14.65 -37.26
N GLN A 755 23.31 15.27 -37.98
CA GLN A 755 23.68 16.67 -37.76
C GLN A 755 24.32 16.86 -36.38
N TYR A 756 25.22 15.94 -36.04
CA TYR A 756 26.02 16.05 -34.83
C TYR A 756 27.46 16.38 -35.21
N TYR A 757 28.07 17.28 -34.43
CA TYR A 757 29.43 17.74 -34.71
C TYR A 757 30.30 17.52 -33.49
N ASN A 758 31.61 17.42 -33.73
CA ASN A 758 32.54 17.13 -32.65
C ASN A 758 32.73 18.30 -31.71
N SER A 759 32.38 19.51 -32.12
CA SER A 759 32.51 20.68 -31.25
C SER A 759 31.65 20.58 -30.01
N HIS A 760 30.59 19.77 -30.04
CA HIS A 760 29.66 19.64 -28.93
C HIS A 760 29.93 18.39 -28.10
N LYS A 761 31.12 17.81 -28.21
CA LYS A 761 31.41 16.57 -27.48
C LYS A 761 31.53 16.82 -25.99
N TRP A 762 32.29 17.85 -25.60
CA TRP A 762 32.50 18.15 -24.19
C TRP A 762 31.51 19.15 -23.63
N ARG A 763 30.97 20.03 -24.47
CA ARG A 763 29.96 20.98 -24.01
C ARG A 763 28.73 20.26 -23.49
N ASN A 764 28.31 19.20 -24.17
CA ASN A 764 27.14 18.44 -23.72
C ASN A 764 27.37 17.85 -22.34
N LEU A 765 28.62 17.52 -21.99
CA LEU A 765 28.89 17.04 -20.64
C LEU A 765 28.58 18.12 -19.61
N GLY A 766 29.00 19.36 -19.88
CA GLY A 766 28.65 20.45 -18.99
C GLY A 766 27.16 20.67 -18.90
N ILE A 767 26.46 20.58 -20.03
CA ILE A 767 25.02 20.76 -20.01
C ILE A 767 24.35 19.68 -19.16
N THR A 768 24.80 18.43 -19.29
CA THR A 768 24.22 17.36 -18.49
C THR A 768 24.55 17.51 -17.01
N ILE A 769 25.75 17.99 -16.68
CA ILE A 769 26.08 18.26 -15.28
C ILE A 769 25.14 19.33 -14.73
N GLY A 770 24.91 20.39 -15.52
CA GLY A 770 23.97 21.42 -15.09
C GLY A 770 22.57 20.88 -14.89
N PHE A 771 22.11 20.02 -15.78
CA PHE A 771 20.80 19.41 -15.62
C PHE A 771 20.72 18.57 -14.35
N ALA A 772 21.78 17.81 -14.07
CA ALA A 772 21.80 17.00 -12.85
C ALA A 772 21.72 17.87 -11.61
N VAL A 773 22.49 18.96 -11.58
CA VAL A 773 22.46 19.85 -10.43
C VAL A 773 21.09 20.50 -10.28
N PHE A 774 20.51 20.93 -11.40
CA PHE A 774 19.20 21.56 -11.37
C PHE A 774 18.15 20.62 -10.80
N PHE A 775 18.14 19.36 -11.28
CA PHE A 775 17.14 18.42 -10.80
C PHE A 775 17.38 18.04 -9.35
N LEU A 776 18.65 17.95 -8.92
CA LEU A 776 18.92 17.68 -7.51
C LEU A 776 18.39 18.82 -6.63
N ALA A 777 18.61 20.06 -7.05
CA ALA A 777 18.10 21.19 -6.28
C ALA A 777 16.59 21.17 -6.23
N ILE A 778 15.93 20.88 -7.35
CA ILE A 778 14.47 20.81 -7.35
C ILE A 778 13.99 19.71 -6.41
N TYR A 779 14.65 18.55 -6.44
CA TYR A 779 14.23 17.45 -5.58
C TYR A 779 14.35 17.82 -4.12
N ILE A 780 15.48 18.44 -3.72
CA ILE A 780 15.66 18.81 -2.33
C ILE A 780 14.62 19.85 -1.92
N ALA A 781 14.38 20.84 -2.78
CA ALA A 781 13.38 21.85 -2.45
C ALA A 781 12.00 21.23 -2.29
N LEU A 782 11.63 20.31 -3.19
CA LEU A 782 10.32 19.67 -3.10
C LEU A 782 10.19 18.86 -1.82
N THR A 783 11.20 18.07 -1.49
CA THR A 783 11.10 17.25 -0.29
C THR A 783 11.17 18.07 0.97
N GLU A 784 11.70 19.30 0.91
CA GLU A 784 11.72 20.16 2.09
C GLU A 784 10.44 20.98 2.23
N PHE A 785 10.06 21.71 1.18
CA PHE A 785 8.92 22.62 1.25
C PHE A 785 7.60 21.91 0.97
N ASN A 786 7.47 21.27 -0.18
CA ASN A 786 6.20 20.70 -0.60
C ASN A 786 5.90 19.44 0.20
N LYS A 787 5.59 19.60 1.49
CA LYS A 787 5.21 18.49 2.35
C LYS A 787 4.09 18.94 3.28
N GLY A 788 3.29 17.98 3.71
CA GLY A 788 2.17 18.26 4.60
C GLY A 788 1.56 17.00 5.18
N ASN A 855 -36.22 -21.44 14.02
CA ASN A 855 -36.00 -22.58 13.14
C ASN A 855 -36.62 -23.84 13.73
N ARG A 856 -36.38 -24.98 13.09
CA ARG A 856 -36.93 -26.25 13.51
C ARG A 856 -35.90 -27.34 13.71
N GLU A 857 -34.63 -27.09 13.38
CA GLU A 857 -33.57 -28.08 13.53
C GLU A 857 -32.60 -27.62 14.60
N ILE A 858 -32.22 -28.53 15.49
CA ILE A 858 -31.30 -28.25 16.58
C ILE A 858 -29.98 -28.93 16.27
N PHE A 859 -28.90 -28.15 16.28
CA PHE A 859 -27.58 -28.62 15.92
C PHE A 859 -26.78 -28.85 17.21
N PHE A 860 -26.33 -30.09 17.41
CA PHE A 860 -25.59 -30.43 18.62
C PHE A 860 -24.42 -31.34 18.27
N TRP A 861 -23.32 -31.16 19.00
CA TRP A 861 -22.12 -31.95 18.82
C TRP A 861 -21.84 -32.74 20.08
N ARG A 862 -21.28 -33.93 19.92
CA ARG A 862 -21.03 -34.86 21.01
C ARG A 862 -19.63 -35.45 20.86
N ASP A 863 -18.86 -35.42 21.96
CA ASP A 863 -17.54 -36.06 22.02
C ASP A 863 -16.62 -35.53 20.91
N LEU A 864 -16.77 -34.25 20.58
CA LEU A 864 -15.97 -33.65 19.50
C LEU A 864 -14.52 -33.55 19.96
N THR A 865 -13.65 -34.38 19.38
CA THR A 865 -12.22 -34.35 19.64
C THR A 865 -11.50 -33.96 18.36
N TYR A 866 -10.55 -33.03 18.46
CA TYR A 866 -9.88 -32.49 17.28
C TYR A 866 -8.41 -32.30 17.59
N GLN A 867 -7.55 -32.85 16.75
CA GLN A 867 -6.10 -32.79 16.92
C GLN A 867 -5.44 -32.43 15.61
N VAL A 868 -4.27 -31.81 15.70
CA VAL A 868 -3.52 -31.37 14.52
C VAL A 868 -2.06 -31.72 14.72
N LYS A 869 -1.38 -32.10 13.63
CA LYS A 869 0.04 -32.42 13.65
C LYS A 869 0.85 -31.15 13.47
N ILE A 870 1.75 -30.88 14.41
CA ILE A 870 2.64 -29.73 14.34
C ILE A 870 4.06 -30.23 14.55
N LYS A 871 4.91 -30.04 13.54
CA LYS A 871 6.32 -30.44 13.59
C LYS A 871 6.44 -31.91 13.99
N LYS A 872 5.70 -32.76 13.26
CA LYS A 872 5.70 -34.21 13.45
C LYS A 872 5.12 -34.63 14.79
N GLU A 873 4.49 -33.71 15.52
CA GLU A 873 3.92 -33.99 16.83
C GLU A 873 2.46 -33.58 16.83
N ASP A 874 1.59 -34.45 17.31
CA ASP A 874 0.16 -34.21 17.34
C ASP A 874 -0.29 -33.93 18.76
N ARG A 875 -0.95 -32.80 18.96
CA ARG A 875 -1.52 -32.42 20.24
C ARG A 875 -3.01 -32.17 20.06
N VAL A 876 -3.83 -32.81 20.90
CA VAL A 876 -5.27 -32.63 20.81
C VAL A 876 -5.60 -31.18 21.17
N ILE A 877 -6.25 -30.47 20.24
CA ILE A 877 -6.65 -29.10 20.50
C ILE A 877 -8.00 -29.06 21.19
N LEU A 878 -8.90 -29.98 20.84
CA LEU A 878 -10.19 -30.10 21.48
C LEU A 878 -10.34 -31.51 22.03
N ASP A 879 -10.71 -31.62 23.30
CA ASP A 879 -10.78 -32.89 24.01
C ASP A 879 -12.19 -33.08 24.54
N HIS A 880 -12.99 -33.88 23.84
CA HIS A 880 -14.33 -34.28 24.30
C HIS A 880 -15.18 -33.06 24.65
N VAL A 881 -15.46 -32.26 23.63
CA VAL A 881 -16.31 -31.08 23.74
C VAL A 881 -17.69 -31.45 23.21
N ASP A 882 -18.71 -31.24 24.04
CA ASP A 882 -20.09 -31.55 23.66
C ASP A 882 -20.98 -30.37 24.01
N GLY A 883 -22.02 -30.19 23.21
CA GLY A 883 -22.95 -29.09 23.44
C GLY A 883 -24.00 -29.06 22.37
N TRP A 884 -24.83 -28.00 22.41
CA TRP A 884 -25.92 -27.84 21.47
C TRP A 884 -26.23 -26.36 21.30
N VAL A 885 -26.91 -26.03 20.21
CA VAL A 885 -27.41 -24.69 19.96
C VAL A 885 -28.90 -24.80 19.62
N LYS A 886 -29.74 -24.07 20.36
CA LYS A 886 -31.17 -24.13 20.16
C LYS A 886 -31.70 -22.80 19.61
N PRO A 887 -32.78 -22.83 18.82
CA PRO A 887 -33.35 -21.57 18.34
C PRO A 887 -33.86 -20.70 19.48
N GLY A 888 -33.71 -19.39 19.31
CA GLY A 888 -34.18 -18.45 20.29
C GLY A 888 -33.24 -18.19 21.45
N GLN A 889 -32.04 -18.75 21.42
CA GLN A 889 -31.07 -18.59 22.49
C GLN A 889 -29.72 -18.21 21.91
N ILE A 890 -28.94 -17.48 22.68
CA ILE A 890 -27.60 -17.06 22.31
C ILE A 890 -26.61 -17.79 23.21
N THR A 891 -25.64 -18.45 22.60
CA THR A 891 -24.59 -19.17 23.30
C THR A 891 -23.26 -18.47 23.08
N ALA A 892 -22.55 -18.18 24.16
CA ALA A 892 -21.28 -17.47 24.10
C ALA A 892 -20.14 -18.47 24.27
N LEU A 893 -19.25 -18.52 23.29
CA LEU A 893 -18.09 -19.41 23.32
C LEU A 893 -16.93 -18.61 23.90
N MET A 894 -16.51 -18.96 25.12
CA MET A 894 -15.51 -18.20 25.84
C MET A 894 -14.35 -19.08 26.23
N GLY A 895 -13.17 -18.47 26.34
CA GLY A 895 -11.97 -19.18 26.75
C GLY A 895 -10.80 -18.24 26.78
N ALA A 896 -9.67 -18.76 27.23
CA ALA A 896 -8.44 -17.98 27.30
C ALA A 896 -7.85 -17.86 25.91
N SER A 897 -6.68 -17.25 25.80
CA SER A 897 -6.03 -17.11 24.50
C SER A 897 -5.68 -18.46 23.91
N GLY A 898 -5.18 -19.38 24.73
CA GLY A 898 -4.81 -20.71 24.29
C GLY A 898 -5.88 -21.77 24.47
N ALA A 899 -7.11 -21.41 24.81
CA ALA A 899 -8.17 -22.38 25.00
C ALA A 899 -8.75 -22.88 23.68
N GLY A 900 -8.43 -22.23 22.56
CA GLY A 900 -8.90 -22.69 21.27
C GLY A 900 -10.40 -22.62 21.08
N LYS A 901 -11.03 -21.51 21.45
CA LYS A 901 -12.45 -21.34 21.15
C LYS A 901 -12.67 -21.06 19.67
N THR A 902 -11.76 -20.32 19.04
CA THR A 902 -11.85 -20.10 17.61
C THR A 902 -11.72 -21.40 16.85
N THR A 903 -10.86 -22.31 17.32
CA THR A 903 -10.75 -23.62 16.69
C THR A 903 -12.05 -24.38 16.80
N LEU A 904 -12.73 -24.29 17.96
CA LEU A 904 -14.02 -24.94 18.09
C LEU A 904 -15.03 -24.36 17.11
N LEU A 905 -15.07 -23.04 16.99
CA LEU A 905 -16.02 -22.41 16.07
C LEU A 905 -15.74 -22.84 14.64
N ASN A 906 -14.47 -22.87 14.23
CA ASN A 906 -14.15 -23.21 12.85
C ASN A 906 -14.35 -24.69 12.56
N CYS A 907 -14.10 -25.56 13.54
CA CYS A 907 -14.35 -26.99 13.36
C CYS A 907 -15.84 -27.28 13.26
N LEU A 908 -16.65 -26.59 14.07
CA LEU A 908 -18.09 -26.79 14.01
C LEU A 908 -18.65 -26.35 12.67
N SER A 909 -18.13 -25.28 12.10
CA SER A 909 -18.64 -24.72 10.84
C SER A 909 -17.90 -25.26 9.62
N GLU A 910 -17.00 -26.22 9.81
CA GLU A 910 -16.26 -26.81 8.69
C GLU A 910 -15.52 -25.76 7.88
N ARG A 911 -14.89 -24.81 8.58
CA ARG A 911 -14.13 -23.74 7.95
C ARG A 911 -12.64 -23.85 8.24
N VAL A 912 -12.17 -24.99 8.73
CA VAL A 912 -10.77 -25.21 9.06
C VAL A 912 -10.22 -26.30 8.15
N THR A 913 -9.17 -25.97 7.41
CA THR A 913 -8.55 -26.91 6.46
C THR A 913 -7.30 -27.54 7.05
N THR A 914 -7.49 -28.31 8.11
CA THR A 914 -6.40 -29.04 8.74
C THR A 914 -6.96 -29.87 9.88
N GLY A 915 -6.14 -30.80 10.37
CA GLY A 915 -6.52 -31.61 11.51
C GLY A 915 -7.44 -32.75 11.13
N ILE A 916 -7.73 -33.60 12.10
CA ILE A 916 -8.62 -34.74 11.93
C ILE A 916 -9.46 -34.89 13.19
N ILE A 917 -10.76 -35.13 12.99
CA ILE A 917 -11.68 -35.37 14.09
C ILE A 917 -11.68 -36.87 14.38
N THR A 918 -11.41 -37.23 15.63
CA THR A 918 -11.25 -38.64 16.00
C THR A 918 -12.55 -39.25 16.52
N ASP A 919 -13.09 -38.68 17.60
CA ASP A 919 -14.24 -39.25 18.29
C ASP A 919 -15.49 -38.38 18.18
N GLY A 920 -15.46 -37.33 17.37
CA GLY A 920 -16.56 -36.39 17.34
C GLY A 920 -17.78 -36.92 16.62
N GLU A 921 -18.91 -36.27 16.88
CA GLU A 921 -20.16 -36.58 16.19
C GLU A 921 -21.04 -35.35 16.22
N ARG A 922 -21.19 -34.68 15.07
CA ARG A 922 -22.06 -33.52 14.95
C ARG A 922 -23.35 -33.94 14.26
N LEU A 923 -24.48 -33.58 14.86
CA LEU A 923 -25.79 -34.00 14.36
C LEU A 923 -26.73 -32.81 14.31
N VAL A 924 -27.71 -32.92 13.41
CA VAL A 924 -28.80 -31.95 13.29
C VAL A 924 -30.11 -32.72 13.42
N ASN A 925 -30.94 -32.33 14.37
CA ASN A 925 -32.22 -33.00 14.61
C ASN A 925 -32.03 -34.49 14.85
N GLY A 926 -30.85 -34.87 15.35
CA GLY A 926 -30.55 -36.27 15.60
C GLY A 926 -30.07 -37.05 14.40
N HIS A 927 -29.79 -36.38 13.28
CA HIS A 927 -29.33 -37.04 12.07
C HIS A 927 -27.92 -36.59 11.72
N ALA A 928 -27.17 -37.50 11.09
CA ALA A 928 -25.81 -37.18 10.71
C ALA A 928 -25.78 -36.08 9.65
N LEU A 929 -24.65 -35.38 9.58
CA LEU A 929 -24.52 -34.26 8.67
C LEU A 929 -24.61 -34.73 7.22
N ASP A 930 -25.15 -33.86 6.37
CA ASP A 930 -25.32 -34.12 4.94
C ASP A 930 -24.50 -33.10 4.16
N SER A 931 -24.67 -33.12 2.83
CA SER A 931 -23.96 -32.18 1.96
C SER A 931 -24.60 -30.80 1.93
N SER A 932 -25.79 -30.64 2.52
CA SER A 932 -26.47 -29.35 2.56
C SER A 932 -26.13 -28.54 3.80
N PHE A 933 -25.29 -29.05 4.69
CA PHE A 933 -24.98 -28.35 5.93
C PHE A 933 -24.30 -27.01 5.65
N GLN A 934 -23.25 -27.02 4.81
CA GLN A 934 -22.45 -25.83 4.62
C GLN A 934 -23.23 -24.69 3.99
N ARG A 935 -24.38 -24.96 3.40
CA ARG A 935 -25.22 -23.93 2.80
C ARG A 935 -26.38 -23.52 3.70
N SER A 936 -26.51 -24.11 4.89
CA SER A 936 -27.58 -23.78 5.82
C SER A 936 -27.07 -23.10 7.07
N ILE A 937 -25.81 -22.63 7.07
CA ILE A 937 -25.22 -21.93 8.21
C ILE A 937 -24.58 -20.66 7.70
N GLY A 938 -24.88 -19.54 8.36
CA GLY A 938 -24.23 -18.28 8.08
C GLY A 938 -23.03 -18.10 8.99
N TYR A 939 -22.01 -17.39 8.48
CA TYR A 939 -20.77 -17.19 9.22
C TYR A 939 -20.37 -15.73 9.10
N VAL A 940 -20.58 -14.96 10.16
CA VAL A 940 -20.22 -13.54 10.20
C VAL A 940 -18.79 -13.46 10.71
N GLN A 941 -17.85 -13.25 9.78
CA GLN A 941 -16.45 -13.12 10.14
C GLN A 941 -16.24 -11.89 11.00
N GLN A 942 -15.08 -11.83 11.66
CA GLN A 942 -14.74 -10.66 12.46
C GLN A 942 -14.43 -9.47 11.57
N GLN A 943 -13.40 -9.60 10.74
CA GLN A 943 -13.06 -8.52 9.82
C GLN A 943 -14.15 -8.38 8.76
N ASP A 944 -14.43 -7.13 8.39
CA ASP A 944 -15.45 -6.80 7.39
C ASP A 944 -14.74 -6.51 6.08
N VAL A 945 -14.78 -7.48 5.16
CA VAL A 945 -14.19 -7.32 3.83
C VAL A 945 -15.32 -7.05 2.85
N HIS A 946 -15.37 -5.83 2.33
CA HIS A 946 -16.40 -5.43 1.40
C HIS A 946 -15.75 -4.63 0.28
N LEU A 947 -16.42 -4.61 -0.87
CA LEU A 947 -15.97 -3.77 -1.97
C LEU A 947 -16.24 -2.31 -1.65
N GLU A 948 -15.28 -1.44 -1.93
CA GLU A 948 -15.40 -0.04 -1.57
C GLU A 948 -16.34 0.73 -2.48
N THR A 949 -16.80 0.12 -3.58
CA THR A 949 -17.57 0.81 -4.60
C THR A 949 -19.00 0.29 -4.72
N THR A 950 -19.47 -0.47 -3.73
CA THR A 950 -20.81 -1.04 -3.75
C THR A 950 -21.62 -0.46 -2.60
N THR A 951 -22.83 0.01 -2.90
CA THR A 951 -23.72 0.50 -1.87
C THR A 951 -24.20 -0.67 -1.01
N VAL A 952 -24.75 -0.33 0.16
CA VAL A 952 -25.24 -1.36 1.07
C VAL A 952 -26.30 -2.20 0.39
N ARG A 953 -27.28 -1.54 -0.24
CA ARG A 953 -28.35 -2.25 -0.91
C ARG A 953 -27.81 -3.15 -2.02
N GLU A 954 -26.83 -2.65 -2.77
CA GLU A 954 -26.27 -3.46 -3.86
C GLU A 954 -25.58 -4.70 -3.33
N ALA A 955 -24.82 -4.58 -2.24
CA ALA A 955 -24.16 -5.75 -1.68
C ALA A 955 -25.16 -6.76 -1.17
N LEU A 956 -26.20 -6.30 -0.45
CA LEU A 956 -27.22 -7.22 0.03
C LEU A 956 -27.93 -7.88 -1.13
N GLN A 957 -28.24 -7.13 -2.19
CA GLN A 957 -28.91 -7.71 -3.35
C GLN A 957 -28.04 -8.75 -4.03
N PHE A 958 -26.74 -8.46 -4.18
CA PHE A 958 -25.84 -9.43 -4.79
C PHE A 958 -25.80 -10.72 -3.99
N SER A 959 -25.66 -10.61 -2.67
CA SER A 959 -25.63 -11.82 -1.84
C SER A 959 -26.95 -12.58 -1.94
N ALA A 960 -28.08 -11.87 -1.89
CA ALA A 960 -29.37 -12.53 -1.97
C ALA A 960 -29.55 -13.24 -3.30
N TYR A 961 -29.16 -12.59 -4.40
CA TYR A 961 -29.31 -13.21 -5.72
C TYR A 961 -28.45 -14.46 -5.84
N LEU A 962 -27.19 -14.38 -5.38
CA LEU A 962 -26.26 -15.47 -5.64
C LEU A 962 -26.28 -16.56 -4.57
N ARG A 963 -27.00 -16.38 -3.47
CA ARG A 963 -26.99 -17.36 -2.40
C ARG A 963 -28.35 -17.93 -2.04
N GLN A 964 -29.44 -17.29 -2.43
CA GLN A 964 -30.76 -17.82 -2.16
C GLN A 964 -31.11 -18.88 -3.20
N SER A 965 -32.23 -19.57 -2.99
CA SER A 965 -32.65 -20.61 -3.89
C SER A 965 -32.94 -20.04 -5.28
N ASN A 966 -32.65 -20.85 -6.30
CA ASN A 966 -32.88 -20.43 -7.68
C ASN A 966 -34.34 -20.57 -8.11
N LYS A 967 -35.18 -21.17 -7.28
CA LYS A 967 -36.60 -21.30 -7.57
C LYS A 967 -37.40 -20.12 -7.05
N ILE A 968 -36.74 -19.10 -6.49
CA ILE A 968 -37.40 -17.94 -5.91
C ILE A 968 -37.24 -16.77 -6.87
N SER A 969 -38.36 -16.10 -7.17
CA SER A 969 -38.34 -15.00 -8.11
C SER A 969 -37.58 -13.81 -7.54
N LYS A 970 -37.12 -12.94 -8.45
CA LYS A 970 -36.33 -11.78 -8.04
C LYS A 970 -37.13 -10.85 -7.13
N LYS A 971 -38.45 -10.78 -7.31
CA LYS A 971 -39.25 -9.90 -6.48
C LYS A 971 -39.18 -10.32 -5.02
N GLU A 972 -39.26 -11.61 -4.73
CA GLU A 972 -39.16 -12.09 -3.35
C GLU A 972 -37.79 -11.79 -2.78
N LYS A 973 -36.73 -11.97 -3.58
CA LYS A 973 -35.39 -11.67 -3.10
C LYS A 973 -35.26 -10.20 -2.74
N ASP A 974 -35.77 -9.30 -3.59
CA ASP A 974 -35.70 -7.88 -3.29
C ASP A 974 -36.52 -7.53 -2.06
N ASP A 975 -37.70 -8.14 -1.92
CA ASP A 975 -38.53 -7.88 -0.74
C ASP A 975 -37.82 -8.33 0.53
N TYR A 976 -37.16 -9.48 0.49
CA TYR A 976 -36.43 -9.96 1.66
C TYR A 976 -35.23 -9.07 1.97
N VAL A 977 -34.56 -8.57 0.93
CA VAL A 977 -33.46 -7.63 1.16
C VAL A 977 -34.00 -6.37 1.86
N ASP A 978 -35.15 -5.88 1.41
CA ASP A 978 -35.75 -4.72 2.07
C ASP A 978 -36.11 -5.03 3.51
N TYR A 979 -36.65 -6.22 3.76
CA TYR A 979 -37.02 -6.61 5.12
C TYR A 979 -35.79 -6.66 6.02
N VAL A 980 -34.70 -7.24 5.52
CA VAL A 980 -33.48 -7.30 6.31
C VAL A 980 -32.92 -5.90 6.56
N ILE A 981 -32.98 -5.03 5.56
CA ILE A 981 -32.52 -3.65 5.75
C ILE A 981 -33.32 -2.98 6.85
N ASP A 982 -34.65 -3.16 6.83
CA ASP A 982 -35.49 -2.56 7.86
C ASP A 982 -35.19 -3.15 9.23
N LEU A 983 -34.98 -4.46 9.30
CA LEU A 983 -34.77 -5.11 10.59
C LEU A 983 -33.48 -4.63 11.25
N LEU A 984 -32.43 -4.44 10.47
CA LEU A 984 -31.14 -4.00 10.99
C LEU A 984 -31.04 -2.49 11.15
N GLU A 985 -32.12 -1.76 10.89
CA GLU A 985 -32.12 -0.30 11.00
C GLU A 985 -31.06 0.31 10.08
N MET A 986 -30.95 -0.22 8.87
CA MET A 986 -30.02 0.26 7.87
C MET A 986 -30.70 1.14 6.81
N THR A 987 -31.99 1.43 7.00
CA THR A 987 -32.74 2.14 5.96
C THR A 987 -32.27 3.58 5.77
N ASP A 988 -31.71 4.21 6.81
CA ASP A 988 -31.30 5.60 6.68
C ASP A 988 -30.16 5.77 5.69
N TYR A 989 -29.25 4.80 5.62
CA TYR A 989 -28.10 4.86 4.73
C TYR A 989 -28.04 3.64 3.82
N ALA A 990 -29.19 3.19 3.33
CA ALA A 990 -29.22 2.02 2.46
C ALA A 990 -28.45 2.28 1.17
N ASP A 991 -28.65 3.44 0.56
CA ASP A 991 -27.96 3.80 -0.68
C ASP A 991 -26.75 4.68 -0.38
N ALA A 992 -25.78 4.10 0.33
CA ALA A 992 -24.55 4.79 0.69
C ALA A 992 -23.37 3.90 0.34
N LEU A 993 -22.41 4.45 -0.40
CA LEU A 993 -21.24 3.68 -0.79
C LEU A 993 -20.50 3.19 0.45
N VAL A 994 -20.04 1.93 0.41
CA VAL A 994 -19.30 1.38 1.54
C VAL A 994 -18.02 2.17 1.76
N GLY A 995 -17.29 2.44 0.69
CA GLY A 995 -16.11 3.27 0.80
C GLY A 995 -15.04 2.64 1.68
N VAL A 996 -14.17 3.49 2.22
CA VAL A 996 -13.07 3.06 3.07
C VAL A 996 -13.40 3.45 4.52
N ALA A 997 -12.56 2.99 5.44
CA ALA A 997 -12.84 3.20 6.86
C ALA A 997 -12.94 4.68 7.19
N GLY A 998 -12.02 5.48 6.65
CA GLY A 998 -12.03 6.90 6.93
C GLY A 998 -13.30 7.59 6.47
N GLU A 999 -13.54 7.59 5.17
CA GLU A 999 -14.73 8.18 4.57
C GLU A 999 -15.67 7.07 4.14
N GLY A 1000 -16.89 7.11 4.64
CA GLY A 1000 -17.86 6.08 4.32
C GLY A 1000 -18.69 5.66 5.51
N LEU A 1001 -18.69 4.37 5.83
CA LEU A 1001 -19.45 3.83 6.94
C LEU A 1001 -18.58 3.65 8.16
N ASN A 1002 -19.19 3.75 9.34
CA ASN A 1002 -18.48 3.55 10.59
C ASN A 1002 -18.17 2.06 10.77
N VAL A 1003 -17.52 1.73 11.89
CA VAL A 1003 -17.30 0.34 12.22
C VAL A 1003 -18.61 -0.36 12.55
N GLU A 1004 -19.49 0.32 13.28
CA GLU A 1004 -20.80 -0.26 13.59
C GLU A 1004 -21.61 -0.49 12.33
N GLN A 1005 -21.62 0.48 11.41
CA GLN A 1005 -22.38 0.31 10.18
C GLN A 1005 -21.81 -0.81 9.33
N ARG A 1006 -20.48 -0.93 9.27
CA ARG A 1006 -19.87 -2.01 8.51
C ARG A 1006 -20.21 -3.37 9.11
N LYS A 1007 -20.18 -3.48 10.44
CA LYS A 1007 -20.55 -4.75 11.07
C LYS A 1007 -22.01 -5.08 10.81
N ARG A 1008 -22.89 -4.09 10.89
CA ARG A 1008 -24.30 -4.33 10.57
C ARG A 1008 -24.46 -4.79 9.13
N LEU A 1009 -23.70 -4.17 8.21
CA LEU A 1009 -23.76 -4.59 6.82
C LEU A 1009 -23.29 -6.03 6.65
N THR A 1010 -22.23 -6.41 7.35
CA THR A 1010 -21.76 -7.80 7.25
C THR A 1010 -22.81 -8.78 7.77
N ILE A 1011 -23.42 -8.47 8.91
CA ILE A 1011 -24.46 -9.34 9.44
C ILE A 1011 -25.62 -9.43 8.45
N GLY A 1012 -25.98 -8.31 7.82
CA GLY A 1012 -27.02 -8.34 6.82
C GLY A 1012 -26.67 -9.19 5.62
N VAL A 1013 -25.43 -9.07 5.16
CA VAL A 1013 -24.97 -9.88 4.02
C VAL A 1013 -25.10 -11.35 4.34
N GLU A 1014 -24.70 -11.74 5.55
CA GLU A 1014 -24.83 -13.14 5.95
C GLU A 1014 -26.26 -13.52 6.34
N LEU A 1015 -27.18 -12.55 6.45
CA LEU A 1015 -28.55 -12.85 6.80
C LEU A 1015 -29.48 -12.95 5.60
N VAL A 1016 -29.19 -12.25 4.50
CA VAL A 1016 -30.06 -12.30 3.34
C VAL A 1016 -29.97 -13.63 2.62
N ALA A 1017 -28.91 -14.41 2.86
CA ALA A 1017 -28.81 -15.75 2.29
C ALA A 1017 -29.82 -16.71 2.89
N LYS A 1018 -30.53 -16.32 3.95
CA LYS A 1018 -31.53 -17.14 4.60
C LYS A 1018 -30.89 -18.42 5.12
N PRO A 1019 -30.03 -18.33 6.14
CA PRO A 1019 -29.50 -19.54 6.78
C PRO A 1019 -30.53 -20.10 7.76
N LYS A 1020 -30.92 -21.35 7.53
CA LYS A 1020 -32.00 -21.96 8.29
C LYS A 1020 -31.54 -22.72 9.53
N LEU A 1021 -30.24 -22.81 9.77
CA LEU A 1021 -29.71 -23.60 10.88
C LEU A 1021 -29.01 -22.76 11.93
N LEU A 1022 -27.98 -22.00 11.57
CA LEU A 1022 -27.16 -21.32 12.55
C LEU A 1022 -26.58 -20.04 11.97
N LEU A 1023 -26.12 -19.18 12.87
CA LEU A 1023 -25.41 -17.94 12.53
C LEU A 1023 -24.18 -17.86 13.43
N PHE A 1024 -23.08 -18.46 12.99
CA PHE A 1024 -21.82 -18.41 13.72
C PHE A 1024 -21.23 -17.02 13.60
N LEU A 1025 -21.14 -16.30 14.71
CA LEU A 1025 -20.53 -14.97 14.74
C LEU A 1025 -19.14 -15.09 15.34
N ASP A 1026 -18.13 -14.60 14.61
CA ASP A 1026 -16.75 -14.67 15.08
C ASP A 1026 -16.40 -13.35 15.75
N GLU A 1027 -16.53 -13.30 17.06
CA GLU A 1027 -16.19 -12.13 17.85
C GLU A 1027 -16.88 -10.88 17.30
N PRO A 1028 -18.19 -10.76 17.47
CA PRO A 1028 -18.85 -9.53 17.01
C PRO A 1028 -18.50 -8.31 17.85
N THR A 1029 -18.43 -8.48 19.17
CA THR A 1029 -18.11 -7.38 20.08
C THR A 1029 -16.62 -7.40 20.43
N SER A 1030 -15.79 -7.20 19.42
CA SER A 1030 -14.34 -7.18 19.59
C SER A 1030 -13.76 -6.08 18.72
N GLY A 1031 -12.87 -5.28 19.29
CA GLY A 1031 -12.30 -4.16 18.58
C GLY A 1031 -13.22 -2.97 18.44
N LEU A 1032 -14.34 -2.96 19.15
CA LEU A 1032 -15.35 -1.91 19.06
C LEU A 1032 -15.50 -1.23 20.40
N ASP A 1033 -16.05 -0.01 20.38
CA ASP A 1033 -16.24 0.75 21.60
C ASP A 1033 -17.27 0.05 22.49
N SER A 1034 -17.45 0.58 23.70
CA SER A 1034 -18.41 0.00 24.62
C SER A 1034 -19.84 0.20 24.13
N GLN A 1035 -20.17 1.41 23.67
CA GLN A 1035 -21.52 1.69 23.23
C GLN A 1035 -21.84 0.95 21.93
N THR A 1036 -20.89 0.93 21.00
CA THR A 1036 -21.09 0.19 19.75
C THR A 1036 -21.26 -1.30 20.02
N ALA A 1037 -20.43 -1.85 20.92
CA ALA A 1037 -20.55 -3.26 21.27
C ALA A 1037 -21.91 -3.54 21.91
N TRP A 1038 -22.38 -2.64 22.77
CA TRP A 1038 -23.69 -2.82 23.38
C TRP A 1038 -24.78 -2.78 22.33
N SER A 1039 -24.67 -1.88 21.36
CA SER A 1039 -25.66 -1.81 20.29
C SER A 1039 -25.68 -3.09 19.47
N ILE A 1040 -24.50 -3.64 19.15
CA ILE A 1040 -24.46 -4.87 18.38
C ILE A 1040 -25.02 -6.04 19.19
N CYS A 1041 -24.75 -6.06 20.49
CA CYS A 1041 -25.33 -7.11 21.33
C CYS A 1041 -26.85 -7.00 21.35
N LYS A 1042 -27.39 -5.78 21.40
CA LYS A 1042 -28.83 -5.60 21.33
C LYS A 1042 -29.37 -6.09 20.00
N LEU A 1043 -28.65 -5.82 18.92
CA LEU A 1043 -29.08 -6.32 17.61
C LEU A 1043 -29.11 -7.84 17.60
N MET A 1044 -28.10 -8.48 18.18
CA MET A 1044 -28.08 -9.94 18.22
C MET A 1044 -29.23 -10.47 19.07
N ARG A 1045 -29.55 -9.79 20.17
CA ARG A 1045 -30.69 -10.19 20.97
C ARG A 1045 -31.99 -10.08 20.17
N LYS A 1046 -32.13 -9.00 19.40
CA LYS A 1046 -33.32 -8.86 18.57
C LYS A 1046 -33.40 -9.98 17.54
N LEU A 1047 -32.27 -10.33 16.92
CA LEU A 1047 -32.26 -11.42 15.97
C LEU A 1047 -32.69 -12.73 16.63
N ALA A 1048 -32.14 -13.01 17.82
CA ALA A 1048 -32.51 -14.23 18.53
C ALA A 1048 -33.98 -14.21 18.94
N ASP A 1049 -34.55 -13.03 19.15
CA ASP A 1049 -35.97 -12.95 19.49
C ASP A 1049 -36.84 -13.43 18.33
N HIS A 1050 -36.44 -13.10 17.10
CA HIS A 1050 -37.24 -13.46 15.93
C HIS A 1050 -37.28 -14.96 15.66
N GLY A 1051 -36.43 -15.74 16.31
CA GLY A 1051 -36.45 -17.18 16.15
C GLY A 1051 -35.18 -17.74 15.54
N GLN A 1052 -34.05 -17.10 15.82
CA GLN A 1052 -32.77 -17.52 15.28
C GLN A 1052 -31.96 -18.27 16.33
N ALA A 1053 -31.01 -19.06 15.86
CA ALA A 1053 -30.06 -19.76 16.71
C ALA A 1053 -28.68 -19.17 16.44
N ILE A 1054 -28.02 -18.71 17.50
CA ILE A 1054 -26.77 -17.96 17.39
C ILE A 1054 -25.74 -18.59 18.31
N LEU A 1055 -24.54 -18.82 17.78
CA LEU A 1055 -23.38 -19.24 18.56
C LEU A 1055 -22.24 -18.29 18.22
N CYS A 1056 -21.69 -17.63 19.23
CA CYS A 1056 -20.69 -16.60 19.02
C CYS A 1056 -19.53 -16.78 20.01
N THR A 1057 -18.33 -16.44 19.55
CA THR A 1057 -17.15 -16.41 20.40
C THR A 1057 -16.94 -14.99 20.89
N ILE A 1058 -16.82 -14.83 22.21
CA ILE A 1058 -16.75 -13.52 22.85
C ILE A 1058 -15.39 -13.40 23.52
N HIS A 1059 -14.69 -12.30 23.25
CA HIS A 1059 -13.36 -12.04 23.78
C HIS A 1059 -13.39 -10.81 24.66
N GLN A 1060 -13.00 -10.98 25.92
CA GLN A 1060 -12.88 -9.88 26.88
C GLN A 1060 -14.12 -9.01 26.87
N PRO A 1061 -15.25 -9.50 27.35
CA PRO A 1061 -16.48 -8.69 27.38
C PRO A 1061 -16.64 -7.94 28.69
N SER A 1062 -17.48 -6.91 28.65
CA SER A 1062 -17.87 -6.21 29.85
C SER A 1062 -19.00 -6.96 30.56
N ALA A 1063 -19.21 -6.61 31.83
CA ALA A 1063 -20.24 -7.29 32.61
C ALA A 1063 -21.62 -7.08 32.01
N LEU A 1064 -21.92 -5.85 31.58
CA LEU A 1064 -23.24 -5.57 31.01
C LEU A 1064 -23.46 -6.36 29.72
N ILE A 1065 -22.43 -6.43 28.86
CA ILE A 1065 -22.54 -7.23 27.64
C ILE A 1065 -22.72 -8.69 28.00
N MET A 1066 -21.92 -9.19 28.94
CA MET A 1066 -21.99 -10.60 29.32
C MET A 1066 -23.36 -10.97 29.87
N ALA A 1067 -24.03 -10.03 30.53
CA ALA A 1067 -25.34 -10.32 31.11
C ALA A 1067 -26.43 -10.51 30.05
N GLU A 1068 -26.13 -10.22 28.79
CA GLU A 1068 -27.16 -10.28 27.75
C GLU A 1068 -27.33 -11.69 27.19
N PHE A 1069 -26.30 -12.53 27.26
CA PHE A 1069 -26.36 -13.84 26.63
C PHE A 1069 -27.21 -14.80 27.45
N ASP A 1070 -27.55 -15.93 26.83
CA ASP A 1070 -28.40 -16.95 27.43
C ASP A 1070 -27.60 -18.12 27.99
N ARG A 1071 -26.70 -18.69 27.20
CA ARG A 1071 -25.90 -19.82 27.62
C ARG A 1071 -24.43 -19.54 27.38
N LEU A 1072 -23.57 -20.25 28.10
CA LEU A 1072 -22.13 -20.04 28.03
C LEU A 1072 -21.43 -21.38 27.91
N LEU A 1073 -20.43 -21.46 27.03
CA LEU A 1073 -19.54 -22.61 26.91
C LEU A 1073 -18.13 -22.12 27.15
N PHE A 1074 -17.56 -22.53 28.28
CA PHE A 1074 -16.25 -22.04 28.72
C PHE A 1074 -15.20 -23.12 28.49
N LEU A 1075 -14.08 -22.73 27.90
CA LEU A 1075 -12.99 -23.64 27.59
C LEU A 1075 -11.71 -23.19 28.29
N GLN A 1076 -10.91 -24.15 28.71
CA GLN A 1076 -9.62 -23.90 29.31
C GLN A 1076 -8.54 -24.64 28.53
N LYS A 1077 -7.29 -24.34 28.87
CA LYS A 1077 -6.12 -24.82 28.12
C LYS A 1077 -6.31 -26.25 27.68
N GLY A 1078 -5.95 -26.52 26.42
CA GLY A 1078 -6.19 -27.81 25.82
C GLY A 1078 -7.59 -28.01 25.30
N GLY A 1079 -8.37 -26.95 25.19
CA GLY A 1079 -9.74 -27.08 24.71
C GLY A 1079 -10.59 -27.96 25.60
N ARG A 1080 -10.48 -27.80 26.91
CA ARG A 1080 -11.23 -28.61 27.86
C ARG A 1080 -12.42 -27.81 28.37
N THR A 1081 -13.62 -28.38 28.24
CA THR A 1081 -14.81 -27.69 28.69
C THR A 1081 -14.85 -27.63 30.21
N ALA A 1082 -15.07 -26.44 30.75
CA ALA A 1082 -15.14 -26.22 32.19
C ALA A 1082 -16.54 -25.89 32.69
N TYR A 1083 -17.39 -25.31 31.85
CA TYR A 1083 -18.77 -25.03 32.21
C TYR A 1083 -19.62 -24.98 30.95
N PHE A 1084 -20.86 -25.44 31.06
CA PHE A 1084 -21.81 -25.37 29.94
C PHE A 1084 -23.21 -25.37 30.53
N GLY A 1085 -23.84 -24.21 30.57
CA GLY A 1085 -25.17 -24.10 31.13
C GLY A 1085 -25.65 -22.66 31.09
N GLU A 1086 -26.85 -22.46 31.61
CA GLU A 1086 -27.46 -21.15 31.60
C GLU A 1086 -26.61 -20.15 32.38
N LEU A 1087 -26.51 -18.93 31.86
CA LEU A 1087 -25.78 -17.89 32.57
C LEU A 1087 -26.54 -17.37 33.77
N GLY A 1088 -27.88 -17.37 33.70
CA GLY A 1088 -28.69 -16.84 34.77
C GLY A 1088 -28.78 -15.33 34.73
N GLU A 1089 -29.41 -14.76 35.74
CA GLU A 1089 -29.56 -13.32 35.85
C GLU A 1089 -28.28 -12.72 36.41
N ASN A 1090 -27.73 -11.75 35.69
CA ASN A 1090 -26.48 -11.10 36.10
C ASN A 1090 -25.37 -12.13 36.28
N CYS A 1091 -25.41 -13.18 35.45
CA CYS A 1091 -24.41 -14.25 35.50
C CYS A 1091 -24.36 -14.91 36.87
N GLN A 1092 -25.47 -14.89 37.60
CA GLN A 1092 -25.49 -15.45 38.95
C GLN A 1092 -25.37 -16.97 38.90
N THR A 1093 -26.18 -17.62 38.07
CA THR A 1093 -26.18 -19.08 38.05
C THR A 1093 -24.78 -19.62 37.81
N MET A 1094 -24.10 -19.13 36.77
CA MET A 1094 -22.74 -19.55 36.51
C MET A 1094 -21.88 -19.40 37.77
N ILE A 1095 -21.97 -18.23 38.41
CA ILE A 1095 -21.18 -17.98 39.62
C ILE A 1095 -21.45 -19.07 40.65
N ASN A 1096 -22.72 -19.43 40.84
CA ASN A 1096 -23.04 -20.47 41.82
C ASN A 1096 -22.26 -21.74 41.53
N TYR A 1097 -22.18 -22.14 40.27
CA TYR A 1097 -21.46 -23.37 39.94
C TYR A 1097 -20.02 -23.30 40.40
N PHE A 1098 -19.38 -22.15 40.26
CA PHE A 1098 -17.99 -21.98 40.67
C PHE A 1098 -17.85 -21.63 42.14
N GLU A 1099 -18.96 -21.43 42.86
CA GLU A 1099 -18.92 -21.11 44.27
C GLU A 1099 -19.31 -22.26 45.18
N LYS A 1100 -20.24 -23.11 44.75
CA LYS A 1100 -20.66 -24.25 45.56
C LYS A 1100 -19.74 -25.45 45.41
N TYR A 1101 -18.76 -25.39 44.52
CA TYR A 1101 -17.74 -26.43 44.41
C TYR A 1101 -16.41 -26.02 45.04
N GLY A 1102 -16.33 -24.82 45.62
CA GLY A 1102 -15.13 -24.39 46.31
C GLY A 1102 -14.27 -23.45 45.50
N ALA A 1103 -14.35 -22.15 45.80
CA ALA A 1103 -13.54 -21.14 45.14
C ALA A 1103 -13.77 -19.82 45.85
N ASP A 1104 -12.96 -18.82 45.48
CA ASP A 1104 -13.08 -17.51 46.09
C ASP A 1104 -14.38 -16.85 45.67
N PRO A 1105 -15.23 -16.42 46.60
CA PRO A 1105 -16.49 -15.78 46.20
C PRO A 1105 -16.26 -14.56 45.34
N CYS A 1106 -17.13 -14.36 44.35
CA CYS A 1106 -17.02 -13.21 43.48
C CYS A 1106 -17.35 -11.94 44.25
N PRO A 1107 -16.58 -10.86 44.07
CA PRO A 1107 -16.91 -9.60 44.75
C PRO A 1107 -18.23 -9.04 44.27
N LYS A 1108 -18.85 -8.23 45.15
CA LYS A 1108 -20.12 -7.62 44.80
C LYS A 1108 -19.99 -6.77 43.54
N GLU A 1109 -18.93 -5.97 43.44
CA GLU A 1109 -18.63 -5.18 42.24
C GLU A 1109 -17.40 -5.80 41.59
N ALA A 1110 -17.57 -6.32 40.38
CA ALA A 1110 -16.49 -6.98 39.66
C ALA A 1110 -17.02 -7.41 38.31
N ASN A 1111 -16.11 -7.84 37.43
CA ASN A 1111 -16.47 -8.34 36.13
C ASN A 1111 -16.44 -9.86 36.16
N PRO A 1112 -17.58 -10.56 36.07
CA PRO A 1112 -17.54 -12.02 36.10
C PRO A 1112 -16.70 -12.63 34.99
N ALA A 1113 -16.55 -11.94 33.85
CA ALA A 1113 -15.72 -12.46 32.78
C ALA A 1113 -14.27 -12.63 33.24
N GLU A 1114 -13.75 -11.65 33.98
CA GLU A 1114 -12.40 -11.78 34.52
C GLU A 1114 -12.37 -12.73 35.71
N TRP A 1115 -13.46 -12.80 36.47
CA TRP A 1115 -13.52 -13.71 37.61
C TRP A 1115 -13.42 -15.16 37.15
N MET A 1116 -14.06 -15.50 36.04
CA MET A 1116 -13.94 -16.85 35.50
C MET A 1116 -12.48 -17.20 35.21
N LEU A 1117 -11.79 -16.31 34.49
CA LEU A 1117 -10.39 -16.56 34.15
C LEU A 1117 -9.53 -16.69 35.39
N GLN A 1118 -9.77 -15.83 36.39
CA GLN A 1118 -9.01 -15.93 37.63
C GLN A 1118 -9.28 -17.25 38.33
N VAL A 1119 -10.53 -17.70 38.34
CA VAL A 1119 -10.89 -18.94 39.03
C VAL A 1119 -10.22 -20.13 38.36
N VAL A 1120 -10.27 -20.19 37.03
CA VAL A 1120 -9.69 -21.34 36.32
C VAL A 1120 -8.19 -21.21 36.12
N GLY A 1121 -7.57 -20.15 36.63
CA GLY A 1121 -6.13 -19.99 36.55
C GLY A 1121 -5.62 -19.49 35.21
N ALA A 1122 -6.50 -19.14 34.28
CA ALA A 1122 -6.06 -18.65 32.97
C ALA A 1122 -5.67 -17.18 33.00
N ALA A 1123 -6.04 -16.45 34.05
CA ALA A 1123 -5.69 -15.04 34.14
C ALA A 1123 -4.22 -14.89 34.49
N PRO A 1124 -3.59 -13.80 34.05
CA PRO A 1124 -2.16 -13.59 34.38
C PRO A 1124 -1.98 -13.30 35.86
N GLY A 1125 -1.27 -14.18 36.55
CA GLY A 1125 -1.04 -14.02 37.97
C GLY A 1125 -2.18 -14.58 38.80
N SER A 1126 -2.49 -15.86 38.61
CA SER A 1126 -3.57 -16.50 39.34
C SER A 1126 -3.24 -17.96 39.55
N HIS A 1127 -3.89 -18.56 40.55
CA HIS A 1127 -3.70 -19.96 40.90
C HIS A 1127 -5.04 -20.68 40.75
N ALA A 1128 -5.05 -21.74 39.92
CA ALA A 1128 -6.27 -22.51 39.76
C ALA A 1128 -6.67 -23.20 41.05
N LYS A 1129 -5.73 -23.86 41.72
CA LYS A 1129 -5.96 -24.56 42.97
C LYS A 1129 -6.73 -25.86 42.76
N GLN A 1130 -7.20 -26.10 41.53
CA GLN A 1130 -7.94 -27.31 41.21
C GLN A 1130 -8.15 -27.42 39.71
N ASP A 1131 -7.84 -28.58 39.13
CA ASP A 1131 -8.12 -28.81 37.72
C ASP A 1131 -9.63 -28.87 37.52
N TYR A 1132 -10.20 -27.85 36.87
CA TYR A 1132 -11.65 -27.73 36.81
C TYR A 1132 -12.29 -28.69 35.82
N PHE A 1133 -11.52 -29.25 34.88
CA PHE A 1133 -12.06 -30.27 33.99
C PHE A 1133 -12.53 -31.48 34.77
N GLU A 1134 -11.76 -31.92 35.76
CA GLU A 1134 -12.13 -33.10 36.53
C GLU A 1134 -13.45 -32.88 37.26
N VAL A 1135 -13.61 -31.73 37.90
CA VAL A 1135 -14.85 -31.47 38.62
C VAL A 1135 -16.01 -31.34 37.64
N TRP A 1136 -15.77 -30.72 36.48
CA TRP A 1136 -16.83 -30.62 35.48
C TRP A 1136 -17.30 -31.99 35.05
N ARG A 1137 -16.36 -32.90 34.76
CA ARG A 1137 -16.74 -34.25 34.37
C ARG A 1137 -17.35 -35.03 35.53
N ASN A 1138 -17.05 -34.63 36.76
CA ASN A 1138 -17.56 -35.30 37.96
C ASN A 1138 -18.66 -34.49 38.63
N SER A 1139 -19.51 -33.83 37.85
CA SER A 1139 -20.57 -32.98 38.36
C SER A 1139 -21.92 -33.47 37.89
N SER A 1140 -22.98 -33.06 38.60
CA SER A 1140 -24.34 -33.39 38.19
C SER A 1140 -24.73 -32.62 36.93
N GLU A 1141 -24.16 -31.43 36.73
CA GLU A 1141 -24.47 -30.65 35.53
C GLU A 1141 -24.04 -31.38 34.28
N TYR A 1142 -22.86 -32.00 34.30
CA TYR A 1142 -22.41 -32.75 33.14
C TYR A 1142 -23.32 -33.93 32.85
N GLN A 1143 -23.77 -34.63 33.90
CA GLN A 1143 -24.70 -35.74 33.71
C GLN A 1143 -26.00 -35.25 33.10
N ALA A 1144 -26.49 -34.09 33.57
CA ALA A 1144 -27.71 -33.53 32.99
C ALA A 1144 -27.50 -33.19 31.52
N VAL A 1145 -26.34 -32.63 31.18
CA VAL A 1145 -26.06 -32.30 29.79
C VAL A 1145 -26.04 -33.56 28.93
N ARG A 1146 -25.39 -34.62 29.42
CA ARG A 1146 -25.33 -35.87 28.66
C ARG A 1146 -26.73 -36.45 28.48
N GLU A 1147 -27.54 -36.42 29.54
CA GLU A 1147 -28.90 -36.94 29.45
C GLU A 1147 -29.71 -36.14 28.44
N GLU A 1148 -29.55 -34.82 28.44
CA GLU A 1148 -30.27 -33.98 27.48
C GLU A 1148 -29.85 -34.31 26.06
N ILE A 1149 -28.55 -34.46 25.82
CA ILE A 1149 -28.08 -34.78 24.47
C ILE A 1149 -28.63 -36.13 24.02
N ASN A 1150 -28.59 -37.13 24.90
CA ASN A 1150 -29.11 -38.44 24.55
C ASN A 1150 -30.60 -38.38 24.25
N ARG A 1151 -31.36 -37.65 25.07
CA ARG A 1151 -32.79 -37.53 24.84
C ARG A 1151 -33.08 -36.85 23.51
N MET A 1152 -32.35 -35.77 23.21
CA MET A 1152 -32.55 -35.08 21.94
C MET A 1152 -32.25 -36.00 20.77
N GLU A 1153 -31.14 -36.73 20.84
CA GLU A 1153 -30.79 -37.63 19.75
C GLU A 1153 -31.84 -38.72 19.57
N ALA A 1154 -32.35 -39.26 20.68
CA ALA A 1154 -33.33 -40.34 20.60
C ALA A 1154 -34.70 -39.86 20.17
N GLU A 1155 -35.05 -38.60 20.42
CA GLU A 1155 -36.38 -38.09 20.12
C GLU A 1155 -36.46 -37.38 18.77
N LEU A 1156 -35.63 -36.35 18.55
CA LEU A 1156 -35.74 -35.56 17.34
C LEU A 1156 -35.40 -36.36 16.09
N SER A 1157 -34.70 -37.49 16.23
CA SER A 1157 -34.36 -38.29 15.07
C SER A 1157 -35.58 -38.86 14.37
N LYS A 1158 -36.71 -38.99 15.07
CA LYS A 1158 -37.93 -39.55 14.50
C LYS A 1158 -38.78 -38.50 13.79
N LEU A 1159 -38.40 -37.23 13.85
CA LEU A 1159 -39.18 -36.19 13.18
C LEU A 1159 -39.10 -36.37 11.66
N PRO A 1160 -40.17 -36.00 10.94
CA PRO A 1160 -40.12 -36.12 9.47
C PRO A 1160 -39.25 -35.06 8.85
N ARG A 1161 -38.10 -35.48 8.29
CA ARG A 1161 -37.19 -34.54 7.67
C ARG A 1161 -37.75 -34.01 6.35
N ASP A 1162 -37.23 -32.86 5.94
CA ASP A 1162 -37.61 -32.23 4.69
C ASP A 1162 -36.54 -32.52 3.63
N ASN A 1163 -36.96 -33.07 2.50
CA ASN A 1163 -36.05 -33.47 1.44
C ASN A 1163 -36.30 -32.60 0.21
N ASP A 1164 -35.22 -32.03 -0.32
CA ASP A 1164 -35.27 -31.26 -1.55
C ASP A 1164 -33.89 -31.28 -2.21
N PRO A 1165 -33.77 -31.79 -3.43
CA PRO A 1165 -32.43 -31.84 -4.06
C PRO A 1165 -31.79 -30.47 -4.23
N GLU A 1166 -32.59 -29.41 -4.35
CA GLU A 1166 -32.02 -28.08 -4.57
C GLU A 1166 -31.09 -27.69 -3.43
N ALA A 1167 -31.32 -28.24 -2.23
CA ALA A 1167 -30.50 -27.89 -1.08
C ALA A 1167 -29.16 -28.62 -1.07
N LEU A 1168 -29.01 -29.68 -1.87
CA LEU A 1168 -27.78 -30.45 -1.89
C LEU A 1168 -26.75 -29.94 -2.87
N LEU A 1169 -27.10 -28.97 -3.73
CA LEU A 1169 -26.16 -28.46 -4.71
C LEU A 1169 -25.04 -27.70 -4.02
N LYS A 1170 -23.85 -27.74 -4.63
CA LYS A 1170 -22.72 -27.00 -4.09
C LYS A 1170 -22.98 -25.50 -4.13
N TYR A 1171 -23.51 -25.00 -5.24
CA TYR A 1171 -23.83 -23.59 -5.41
C TYR A 1171 -25.31 -23.45 -5.73
N ALA A 1172 -25.89 -22.35 -5.26
CA ALA A 1172 -27.34 -22.13 -5.40
C ALA A 1172 -27.72 -21.50 -6.72
N ALA A 1173 -26.75 -21.09 -7.53
CA ALA A 1173 -27.04 -20.44 -8.81
C ALA A 1173 -26.24 -21.11 -9.92
N PRO A 1174 -26.78 -21.15 -11.14
CA PRO A 1174 -26.04 -21.76 -12.25
C PRO A 1174 -24.80 -20.97 -12.59
N LEU A 1175 -23.86 -21.64 -13.26
CA LEU A 1175 -22.54 -21.05 -13.51
C LEU A 1175 -22.64 -19.78 -14.35
N TRP A 1176 -23.50 -19.79 -15.37
CA TRP A 1176 -23.60 -18.62 -16.25
C TRP A 1176 -24.11 -17.41 -15.48
N LYS A 1177 -25.08 -17.61 -14.57
CA LYS A 1177 -25.57 -16.49 -13.78
C LYS A 1177 -24.48 -15.92 -12.88
N GLN A 1178 -23.69 -16.78 -12.24
CA GLN A 1178 -22.59 -16.30 -11.42
C GLN A 1178 -21.60 -15.51 -12.26
N TYR A 1179 -21.26 -16.03 -13.44
CA TYR A 1179 -20.31 -15.35 -14.31
C TYR A 1179 -20.83 -13.97 -14.70
N LEU A 1180 -22.09 -13.89 -15.10
CA LEU A 1180 -22.67 -12.61 -15.52
C LEU A 1180 -22.67 -11.62 -14.36
N LEU A 1181 -23.12 -12.07 -13.19
CA LEU A 1181 -23.21 -11.16 -12.05
C LEU A 1181 -21.84 -10.65 -11.63
N VAL A 1182 -20.84 -11.55 -11.58
CA VAL A 1182 -19.51 -11.13 -11.18
C VAL A 1182 -18.91 -10.18 -12.22
N SER A 1183 -19.12 -10.46 -13.50
CA SER A 1183 -18.59 -9.57 -14.53
C SER A 1183 -19.22 -8.19 -14.43
N TRP A 1184 -20.54 -8.13 -14.22
CA TRP A 1184 -21.19 -6.84 -14.09
C TRP A 1184 -20.70 -6.09 -12.86
N ARG A 1185 -20.53 -6.80 -11.75
CA ARG A 1185 -20.03 -6.14 -10.55
C ARG A 1185 -18.64 -5.58 -10.77
N THR A 1186 -17.77 -6.33 -11.44
CA THR A 1186 -16.42 -5.84 -11.70
C THR A 1186 -16.44 -4.64 -12.63
N ILE A 1187 -17.30 -4.67 -13.66
CA ILE A 1187 -17.39 -3.54 -14.58
C ILE A 1187 -17.84 -2.28 -13.84
N VAL A 1188 -18.86 -2.43 -12.99
CA VAL A 1188 -19.35 -1.28 -12.23
C VAL A 1188 -18.28 -0.78 -11.27
N GLN A 1189 -17.55 -1.69 -10.63
CA GLN A 1189 -16.48 -1.27 -9.72
C GLN A 1189 -15.41 -0.49 -10.47
N ASP A 1190 -15.01 -0.96 -11.65
CA ASP A 1190 -14.01 -0.24 -12.43
C ASP A 1190 -14.54 1.13 -12.83
N TRP A 1191 -15.82 1.21 -13.19
CA TRP A 1191 -16.40 2.50 -13.57
C TRP A 1191 -16.40 3.47 -12.39
N ARG A 1192 -16.75 2.99 -11.21
CA ARG A 1192 -16.97 3.86 -10.05
C ARG A 1192 -15.69 4.12 -9.26
N SER A 1193 -14.56 3.53 -9.64
CA SER A 1193 -13.33 3.80 -8.92
C SER A 1193 -12.96 5.27 -9.05
N PRO A 1194 -12.30 5.86 -8.05
CA PRO A 1194 -12.09 7.30 -8.03
C PRO A 1194 -10.90 7.74 -8.88
N GLY A 1195 -11.15 7.90 -10.18
CA GLY A 1195 -10.13 8.35 -11.10
C GLY A 1195 -9.31 7.25 -11.71
N TYR A 1196 -9.92 6.08 -11.95
CA TYR A 1196 -9.24 4.97 -12.61
C TYR A 1196 -9.47 4.97 -14.11
N ILE A 1197 -10.72 5.16 -14.54
CA ILE A 1197 -11.01 5.25 -15.97
C ILE A 1197 -10.46 6.55 -16.55
N TYR A 1198 -10.58 7.65 -15.81
CA TYR A 1198 -10.07 8.92 -16.30
C TYR A 1198 -8.55 8.90 -16.43
N SER A 1199 -7.87 8.27 -15.46
CA SER A 1199 -6.42 8.15 -15.58
C SER A 1199 -6.03 7.39 -16.82
N LYS A 1200 -6.70 6.27 -17.09
CA LYS A 1200 -6.41 5.47 -18.28
C LYS A 1200 -6.66 6.27 -19.55
N ILE A 1201 -7.82 6.94 -19.61
CA ILE A 1201 -8.17 7.69 -20.81
C ILE A 1201 -7.15 8.80 -21.06
N PHE A 1202 -6.81 9.56 -20.01
CA PHE A 1202 -5.86 10.64 -20.18
C PHE A 1202 -4.50 10.12 -20.59
N LEU A 1203 -4.01 9.07 -19.92
CA LEU A 1203 -2.71 8.52 -20.28
C LEU A 1203 -2.68 8.10 -21.75
N VAL A 1204 -3.65 7.30 -22.17
CA VAL A 1204 -3.63 6.78 -23.53
C VAL A 1204 -3.79 7.90 -24.54
N VAL A 1205 -4.72 8.83 -24.29
CA VAL A 1205 -4.96 9.90 -25.24
C VAL A 1205 -3.71 10.78 -25.38
N SER A 1206 -3.09 11.15 -24.26
CA SER A 1206 -1.92 12.01 -24.31
C SER A 1206 -0.76 11.31 -25.02
N ALA A 1207 -0.51 10.04 -24.66
CA ALA A 1207 0.60 9.32 -25.29
C ALA A 1207 0.36 9.17 -26.78
N ALA A 1208 -0.85 8.78 -27.18
CA ALA A 1208 -1.14 8.59 -28.60
C ALA A 1208 -1.04 9.90 -29.36
N LEU A 1209 -1.57 10.99 -28.80
CA LEU A 1209 -1.51 12.28 -29.49
C LEU A 1209 -0.06 12.73 -29.66
N PHE A 1210 0.75 12.59 -28.60
CA PHE A 1210 2.14 13.00 -28.71
C PHE A 1210 2.90 12.15 -29.71
N ASN A 1211 2.61 10.84 -29.74
CA ASN A 1211 3.31 9.95 -30.67
C ASN A 1211 2.82 10.14 -32.10
N GLY A 1212 1.60 10.61 -32.29
CA GLY A 1212 1.07 10.78 -33.63
C GLY A 1212 1.29 12.16 -34.21
N PHE A 1213 1.58 13.14 -33.35
CA PHE A 1213 1.86 14.49 -33.81
C PHE A 1213 3.35 14.80 -33.85
N SER A 1214 4.18 14.05 -33.10
CA SER A 1214 5.61 14.10 -33.34
C SER A 1214 5.96 13.61 -34.72
N PHE A 1215 5.11 12.74 -35.28
CA PHE A 1215 5.26 12.21 -36.64
C PHE A 1215 4.15 12.72 -37.53
N PHE A 1216 3.82 14.01 -37.44
CA PHE A 1216 2.77 14.56 -38.28
C PHE A 1216 3.11 14.27 -39.74
N LYS A 1217 2.15 14.54 -40.63
CA LYS A 1217 2.15 13.92 -41.95
C LYS A 1217 3.57 13.81 -42.49
N ALA A 1218 4.01 12.58 -42.72
CA ALA A 1218 5.43 12.24 -42.79
C ALA A 1218 5.81 11.90 -44.23
N LYS A 1219 6.91 12.49 -44.69
CA LYS A 1219 7.43 12.15 -46.01
C LYS A 1219 7.94 10.72 -46.01
N ASN A 1220 7.69 10.02 -47.11
CA ASN A 1220 8.13 8.63 -47.24
C ASN A 1220 9.49 8.56 -47.93
N ASN A 1221 10.48 9.21 -47.31
CA ASN A 1221 11.85 9.10 -47.78
C ASN A 1221 12.52 7.92 -47.10
N MET A 1222 13.78 7.66 -47.48
CA MET A 1222 14.47 6.48 -46.95
C MET A 1222 14.53 6.50 -45.43
N GLN A 1223 14.59 7.68 -44.83
CA GLN A 1223 14.62 7.79 -43.36
C GLN A 1223 13.23 7.89 -42.76
N GLY A 1224 12.28 8.49 -43.47
CA GLY A 1224 10.93 8.62 -42.94
C GLY A 1224 10.29 7.28 -42.63
N LEU A 1225 10.55 6.27 -43.46
CA LEU A 1225 9.98 4.94 -43.22
C LEU A 1225 10.52 4.35 -41.92
N GLN A 1226 11.81 4.52 -41.65
CA GLN A 1226 12.37 4.05 -40.39
C GLN A 1226 11.79 4.81 -39.22
N ASN A 1227 11.57 6.12 -39.38
CA ASN A 1227 10.95 6.90 -38.32
C ASN A 1227 9.55 6.39 -38.02
N GLN A 1228 8.77 6.07 -39.06
CA GLN A 1228 7.42 5.55 -38.84
C GLN A 1228 7.46 4.16 -38.22
N MET A 1229 8.43 3.34 -38.61
CA MET A 1229 8.56 2.02 -37.98
C MET A 1229 8.85 2.16 -36.50
N PHE A 1230 9.72 3.09 -36.12
CA PHE A 1230 9.99 3.30 -34.71
C PHE A 1230 8.84 4.01 -34.01
N SER A 1231 8.01 4.74 -34.74
CA SER A 1231 6.76 5.25 -34.16
C SER A 1231 5.85 4.10 -33.78
N VAL A 1232 5.70 3.12 -34.67
CA VAL A 1232 4.94 1.92 -34.33
C VAL A 1232 5.57 1.23 -33.13
N PHE A 1233 6.89 1.15 -33.09
CA PHE A 1233 7.57 0.51 -31.97
C PHE A 1233 7.28 1.22 -30.65
N MET A 1234 7.34 2.55 -30.66
CA MET A 1234 7.08 3.33 -29.45
C MET A 1234 5.60 3.38 -29.10
N PHE A 1235 4.71 3.01 -30.02
CA PHE A 1235 3.30 2.95 -29.70
C PHE A 1235 2.99 1.97 -28.57
N PHE A 1236 3.87 1.00 -28.31
CA PHE A 1236 3.64 -0.04 -27.33
C PHE A 1236 4.13 0.33 -25.93
N ILE A 1237 4.71 1.53 -25.75
CA ILE A 1237 5.36 1.84 -24.48
C ILE A 1237 4.37 1.96 -23.33
N PRO A 1238 3.13 2.43 -23.52
CA PRO A 1238 2.20 2.54 -22.38
C PRO A 1238 1.79 1.21 -21.77
N PHE A 1239 2.33 0.10 -22.28
CA PHE A 1239 2.02 -1.22 -21.73
C PHE A 1239 2.31 -1.28 -20.24
N ASN A 1240 3.51 -0.86 -19.84
CA ASN A 1240 3.91 -0.97 -18.44
C ASN A 1240 3.00 -0.13 -17.55
N THR A 1241 2.72 1.11 -17.96
CA THR A 1241 1.88 1.98 -17.14
C THR A 1241 0.47 1.42 -17.03
N LEU A 1242 -0.08 0.90 -18.14
CA LEU A 1242 -1.42 0.35 -18.09
C LEU A 1242 -1.49 -0.85 -17.14
N VAL A 1243 -0.49 -1.73 -17.21
CA VAL A 1243 -0.49 -2.89 -16.32
C VAL A 1243 -0.36 -2.44 -14.86
N GLN A 1244 0.51 -1.46 -14.60
CA GLN A 1244 0.69 -0.98 -13.23
C GLN A 1244 -0.60 -0.38 -12.69
N GLN A 1245 -1.32 0.38 -13.53
CA GLN A 1245 -2.61 0.92 -13.11
C GLN A 1245 -3.60 -0.20 -12.84
N MET A 1246 -3.60 -1.23 -13.67
CA MET A 1246 -4.68 -2.22 -13.66
C MET A 1246 -4.56 -3.19 -12.49
N LEU A 1247 -3.33 -3.61 -12.16
CA LEU A 1247 -3.19 -4.72 -11.22
C LEU A 1247 -3.81 -4.50 -9.84
N PRO A 1248 -3.66 -3.33 -9.21
CA PRO A 1248 -4.23 -3.17 -7.85
C PRO A 1248 -5.73 -3.43 -7.78
N TYR A 1249 -6.48 -3.07 -8.81
CA TYR A 1249 -7.92 -3.32 -8.80
C TYR A 1249 -8.24 -4.79 -9.01
N PHE A 1250 -7.29 -5.56 -9.55
CA PHE A 1250 -7.42 -7.01 -9.51
C PHE A 1250 -7.13 -7.54 -8.12
N VAL A 1251 -6.15 -6.95 -7.44
CA VAL A 1251 -5.83 -7.38 -6.07
C VAL A 1251 -7.04 -7.19 -5.16
N LYS A 1252 -7.72 -6.05 -5.28
CA LYS A 1252 -8.85 -5.78 -4.41
C LYS A 1252 -9.93 -6.85 -4.56
N GLN A 1253 -10.32 -7.13 -5.80
CA GLN A 1253 -11.36 -8.13 -6.04
C GLN A 1253 -10.91 -9.51 -5.59
N ARG A 1254 -9.65 -9.86 -5.85
CA ARG A 1254 -9.16 -11.17 -5.44
C ARG A 1254 -9.19 -11.32 -3.93
N ASP A 1255 -8.79 -10.27 -3.20
CA ASP A 1255 -8.82 -10.32 -1.75
C ASP A 1255 -10.25 -10.50 -1.25
N VAL A 1256 -11.18 -9.70 -1.78
CA VAL A 1256 -12.57 -9.81 -1.34
C VAL A 1256 -13.11 -11.21 -1.61
N TYR A 1257 -12.78 -11.78 -2.77
CA TYR A 1257 -13.29 -13.09 -3.11
C TYR A 1257 -12.70 -14.18 -2.22
N GLU A 1258 -11.38 -14.18 -2.06
CA GLU A 1258 -10.73 -15.30 -1.38
C GLU A 1258 -10.91 -15.24 0.13
N VAL A 1259 -10.97 -14.04 0.71
CA VAL A 1259 -11.10 -13.93 2.16
C VAL A 1259 -12.49 -14.37 2.62
N ARG A 1260 -13.53 -13.91 1.92
CA ARG A 1260 -14.91 -14.12 2.36
C ARG A 1260 -15.74 -14.92 1.39
N GLU A 1261 -15.75 -14.58 0.11
CA GLU A 1261 -16.65 -15.23 -0.83
C GLU A 1261 -16.22 -16.65 -1.15
N ALA A 1262 -14.92 -16.94 -1.08
CA ALA A 1262 -14.45 -18.29 -1.37
C ALA A 1262 -15.01 -19.33 -0.41
N PRO A 1263 -14.89 -19.16 0.92
CA PRO A 1263 -15.45 -20.16 1.83
C PRO A 1263 -16.96 -20.10 1.98
N SER A 1264 -17.59 -18.97 1.72
CA SER A 1264 -19.05 -18.85 1.82
C SER A 1264 -19.76 -19.61 0.71
N ARG A 1265 -19.05 -20.07 -0.32
CA ARG A 1265 -19.65 -20.74 -1.46
C ARG A 1265 -20.69 -19.86 -2.15
N THR A 1266 -20.27 -18.63 -2.46
CA THR A 1266 -21.12 -17.72 -3.22
C THR A 1266 -21.03 -18.05 -4.71
N PHE A 1267 -19.83 -17.98 -5.27
CA PHE A 1267 -19.59 -18.35 -6.67
C PHE A 1267 -18.27 -19.10 -6.76
N SER A 1268 -18.14 -19.89 -7.82
CA SER A 1268 -16.97 -20.74 -8.00
C SER A 1268 -15.77 -19.92 -8.44
N TRP A 1269 -14.59 -20.54 -8.38
CA TRP A 1269 -13.37 -19.87 -8.80
C TRP A 1269 -13.43 -19.51 -10.28
N PHE A 1270 -13.99 -20.39 -11.10
CA PHE A 1270 -14.05 -20.12 -12.54
C PHE A 1270 -14.87 -18.87 -12.81
N ALA A 1271 -16.00 -18.71 -12.10
CA ALA A 1271 -16.80 -17.50 -12.28
C ALA A 1271 -15.99 -16.25 -11.93
N PHE A 1272 -15.24 -16.30 -10.83
CA PHE A 1272 -14.44 -15.15 -10.42
C PHE A 1272 -13.42 -14.80 -11.49
N ILE A 1273 -12.64 -15.78 -11.94
CA ILE A 1273 -11.54 -15.47 -12.85
C ILE A 1273 -12.08 -15.07 -14.22
N ALA A 1274 -13.14 -15.73 -14.68
CA ALA A 1274 -13.75 -15.34 -15.95
C ALA A 1274 -14.33 -13.93 -15.87
N GLY A 1275 -14.93 -13.56 -14.74
CA GLY A 1275 -15.41 -12.21 -14.57
C GLY A 1275 -14.29 -11.19 -14.59
N GLN A 1276 -13.18 -11.52 -13.92
CA GLN A 1276 -12.02 -10.62 -13.95
C GLN A 1276 -11.50 -10.45 -15.38
N ILE A 1277 -11.47 -11.54 -16.16
CA ILE A 1277 -10.99 -11.46 -17.52
C ILE A 1277 -11.93 -10.64 -18.39
N THR A 1278 -13.24 -10.82 -18.19
CA THR A 1278 -14.22 -10.15 -19.05
C THR A 1278 -14.43 -8.69 -18.67
N SER A 1279 -14.13 -8.32 -17.43
CA SER A 1279 -14.38 -6.95 -17.00
C SER A 1279 -13.51 -5.96 -17.76
N GLU A 1280 -12.29 -6.36 -18.12
CA GLU A 1280 -11.34 -5.42 -18.71
C GLU A 1280 -11.50 -5.29 -20.21
N ILE A 1281 -12.21 -6.21 -20.87
CA ILE A 1281 -12.30 -6.16 -22.33
C ILE A 1281 -13.01 -4.90 -22.82
N PRO A 1282 -14.17 -4.50 -22.27
CA PRO A 1282 -14.85 -3.32 -22.81
C PRO A 1282 -14.03 -2.03 -22.68
N TYR A 1283 -13.47 -1.78 -21.50
CA TYR A 1283 -12.68 -0.57 -21.31
C TYR A 1283 -11.46 -0.57 -22.22
N GLN A 1284 -10.79 -1.71 -22.35
CA GLN A 1284 -9.62 -1.79 -23.22
C GLN A 1284 -10.00 -1.55 -24.67
N VAL A 1285 -11.15 -2.09 -25.10
CA VAL A 1285 -11.57 -1.89 -26.49
C VAL A 1285 -11.87 -0.41 -26.75
N ALA A 1286 -12.58 0.24 -25.82
CA ALA A 1286 -12.88 1.66 -26.01
C ALA A 1286 -11.61 2.49 -26.02
N VAL A 1287 -10.69 2.23 -25.10
CA VAL A 1287 -9.44 2.98 -25.04
C VAL A 1287 -8.62 2.74 -26.30
N GLY A 1288 -8.65 1.51 -26.82
CA GLY A 1288 -7.92 1.23 -28.04
C GLY A 1288 -8.50 1.95 -29.25
N THR A 1289 -9.83 2.04 -29.31
CA THR A 1289 -10.45 2.80 -30.39
C THR A 1289 -10.03 4.26 -30.30
N ILE A 1290 -10.04 4.83 -29.10
CA ILE A 1290 -9.62 6.23 -28.95
C ILE A 1290 -8.17 6.39 -29.36
N ALA A 1291 -7.31 5.46 -28.95
CA ALA A 1291 -5.88 5.56 -29.29
C ALA A 1291 -5.67 5.47 -30.80
N PHE A 1292 -6.37 4.54 -31.46
CA PHE A 1292 -6.23 4.42 -32.90
C PHE A 1292 -6.67 5.70 -33.59
N PHE A 1293 -7.79 6.28 -33.15
CA PHE A 1293 -8.24 7.54 -33.77
C PHE A 1293 -7.25 8.66 -33.51
N CYS A 1294 -6.56 8.64 -32.36
CA CYS A 1294 -5.62 9.70 -32.01
C CYS A 1294 -4.24 9.50 -32.62
N TRP A 1295 -3.92 8.32 -33.14
CA TRP A 1295 -2.58 8.04 -33.68
C TRP A 1295 -2.57 7.81 -35.18
N TYR A 1296 -3.51 7.03 -35.70
CA TYR A 1296 -3.47 6.67 -37.12
C TYR A 1296 -3.63 7.89 -38.02
N TYR A 1297 -4.54 8.79 -37.67
CA TYR A 1297 -4.90 9.88 -38.58
C TYR A 1297 -3.89 11.02 -38.54
N PRO A 1298 -3.44 11.47 -37.37
CA PRO A 1298 -2.37 12.48 -37.36
C PRO A 1298 -1.13 12.05 -38.12
N LEU A 1299 -0.77 10.77 -38.03
CA LEU A 1299 0.35 10.24 -38.81
C LEU A 1299 0.09 10.32 -40.31
N GLY A 1300 -1.15 10.50 -40.71
CA GLY A 1300 -1.47 10.60 -42.13
C GLY A 1300 -1.13 9.35 -42.93
N LEU A 1301 -1.40 8.18 -42.35
CA LEU A 1301 -1.10 6.93 -43.04
C LEU A 1301 -2.11 6.63 -44.13
N TYR A 1302 -3.34 7.14 -44.00
CA TYR A 1302 -4.36 6.86 -45.01
C TYR A 1302 -3.95 7.32 -46.40
N ASN A 1303 -3.07 8.32 -46.49
CA ASN A 1303 -2.60 8.76 -47.80
C ASN A 1303 -1.94 7.61 -48.55
N ASN A 1304 -1.21 6.74 -47.83
CA ASN A 1304 -0.57 5.60 -48.48
C ASN A 1304 -1.59 4.67 -49.13
N ALA A 1305 -2.84 4.70 -48.68
CA ALA A 1305 -3.87 3.83 -49.22
C ALA A 1305 -4.59 4.41 -50.43
N THR A 1306 -4.48 5.72 -50.65
CA THR A 1306 -5.20 6.33 -51.76
C THR A 1306 -4.78 5.78 -53.12
N PRO A 1307 -3.50 5.61 -53.43
CA PRO A 1307 -3.12 5.17 -54.79
C PRO A 1307 -3.77 3.87 -55.22
N THR A 1308 -3.93 2.91 -54.30
CA THR A 1308 -4.51 1.62 -54.63
C THR A 1308 -6.02 1.57 -54.38
N ASP A 1309 -6.62 2.66 -53.93
CA ASP A 1309 -8.06 2.79 -53.70
C ASP A 1309 -8.55 1.99 -52.51
N SER A 1310 -7.67 1.32 -51.77
CA SER A 1310 -8.07 0.47 -50.64
C SER A 1310 -7.85 1.25 -49.35
N VAL A 1311 -8.75 2.19 -49.10
CA VAL A 1311 -8.67 3.02 -47.90
C VAL A 1311 -9.40 2.38 -46.72
N ASN A 1312 -10.66 1.99 -46.93
CA ASN A 1312 -11.47 1.45 -45.84
C ASN A 1312 -10.90 0.15 -45.29
N PRO A 1313 -10.56 -0.85 -46.11
CA PRO A 1313 -10.06 -2.11 -45.54
C PRO A 1313 -8.83 -1.92 -44.66
N ARG A 1314 -7.90 -1.08 -45.07
CA ARG A 1314 -6.67 -0.91 -44.32
C ARG A 1314 -6.92 -0.16 -43.01
N GLY A 1315 -7.76 0.87 -43.04
CA GLY A 1315 -8.11 1.55 -41.81
C GLY A 1315 -8.82 0.64 -40.83
N VAL A 1316 -9.75 -0.18 -41.33
CA VAL A 1316 -10.46 -1.12 -40.47
C VAL A 1316 -9.49 -2.12 -39.86
N LEU A 1317 -8.58 -2.65 -40.67
CA LEU A 1317 -7.62 -3.62 -40.16
C LEU A 1317 -6.69 -2.99 -39.12
N MET A 1318 -6.27 -1.75 -39.34
CA MET A 1318 -5.40 -1.09 -38.37
C MET A 1318 -6.15 -0.83 -37.06
N TRP A 1319 -7.43 -0.46 -37.16
CA TRP A 1319 -8.22 -0.32 -35.94
C TRP A 1319 -8.31 -1.63 -35.18
N MET A 1320 -8.54 -2.73 -35.90
CA MET A 1320 -8.58 -4.04 -35.24
C MET A 1320 -7.24 -4.35 -34.59
N LEU A 1321 -6.13 -4.04 -35.25
CA LEU A 1321 -4.83 -4.35 -34.69
C LEU A 1321 -4.56 -3.55 -33.42
N VAL A 1322 -4.90 -2.26 -33.42
CA VAL A 1322 -4.68 -1.43 -32.24
C VAL A 1322 -5.54 -1.93 -31.09
N THR A 1323 -6.82 -2.22 -31.36
CA THR A 1323 -7.69 -2.72 -30.30
C THR A 1323 -7.21 -4.06 -29.77
N ALA A 1324 -6.71 -4.92 -30.67
CA ALA A 1324 -6.20 -6.22 -30.25
C ALA A 1324 -4.98 -6.05 -29.35
N PHE A 1325 -4.10 -5.10 -29.67
CA PHE A 1325 -2.97 -4.84 -28.79
C PHE A 1325 -3.44 -4.36 -27.42
N TYR A 1326 -4.42 -3.46 -27.40
CA TYR A 1326 -4.88 -2.93 -26.12
C TYR A 1326 -5.67 -3.94 -25.30
N VAL A 1327 -6.17 -5.00 -25.93
CA VAL A 1327 -6.75 -6.11 -25.19
C VAL A 1327 -5.67 -7.09 -24.73
N TYR A 1328 -4.65 -7.30 -25.57
CA TYR A 1328 -3.58 -8.22 -25.22
C TYR A 1328 -2.79 -7.72 -24.02
N THR A 1329 -2.60 -6.40 -23.92
CA THR A 1329 -1.89 -5.89 -22.76
C THR A 1329 -2.60 -6.28 -21.47
N ALA A 1330 -3.92 -6.12 -21.42
CA ALA A 1330 -4.68 -6.50 -20.24
C ALA A 1330 -4.61 -7.99 -19.99
N THR A 1331 -4.75 -8.80 -21.05
CA THR A 1331 -4.71 -10.25 -20.85
C THR A 1331 -3.36 -10.68 -20.30
N MET A 1332 -2.27 -10.10 -20.81
CA MET A 1332 -0.94 -10.46 -20.34
C MET A 1332 -0.71 -9.99 -18.91
N GLY A 1333 -1.17 -8.79 -18.57
CA GLY A 1333 -1.07 -8.35 -17.18
C GLY A 1333 -1.78 -9.30 -16.24
N GLN A 1334 -3.01 -9.69 -16.60
CA GLN A 1334 -3.76 -10.61 -15.74
C GLN A 1334 -3.10 -11.98 -15.68
N LEU A 1335 -2.51 -12.43 -16.80
CA LEU A 1335 -1.82 -13.72 -16.79
C LEU A 1335 -0.64 -13.69 -15.84
N CYS A 1336 0.16 -12.63 -15.88
CA CYS A 1336 1.30 -12.54 -14.97
C CYS A 1336 0.85 -12.32 -13.53
N MET A 1337 -0.35 -11.77 -13.34
CA MET A 1337 -0.83 -11.53 -11.97
C MET A 1337 -1.56 -12.73 -11.39
N SER A 1338 -1.93 -13.71 -12.22
CA SER A 1338 -2.75 -14.81 -11.74
C SER A 1338 -2.05 -15.59 -10.64
N PHE A 1339 -0.81 -16.01 -10.90
CA PHE A 1339 -0.09 -16.87 -9.96
C PHE A 1339 0.69 -16.08 -8.91
N SER A 1340 1.04 -14.84 -9.19
CA SER A 1340 1.82 -14.06 -8.24
C SER A 1340 0.95 -13.54 -7.10
N GLU A 1341 1.60 -13.16 -6.01
CA GLU A 1341 0.92 -12.73 -4.79
C GLU A 1341 0.78 -11.20 -4.71
N LEU A 1342 1.84 -10.47 -5.01
CA LEU A 1342 1.85 -9.02 -4.92
C LEU A 1342 1.64 -8.39 -6.29
N ALA A 1343 1.19 -7.14 -6.28
CA ALA A 1343 1.00 -6.41 -7.53
C ALA A 1343 2.32 -5.94 -8.11
N ASP A 1344 3.27 -5.57 -7.24
CA ASP A 1344 4.57 -5.09 -7.72
C ASP A 1344 5.31 -6.20 -8.45
N ASN A 1345 5.30 -7.42 -7.89
CA ASN A 1345 5.97 -8.53 -8.55
C ASN A 1345 5.35 -8.83 -9.91
N ALA A 1346 4.02 -8.83 -9.98
CA ALA A 1346 3.35 -9.09 -11.26
C ALA A 1346 3.68 -8.02 -12.27
N ALA A 1347 3.66 -6.75 -11.86
CA ALA A 1347 3.98 -5.67 -12.78
C ALA A 1347 5.41 -5.78 -13.29
N ASN A 1348 6.35 -6.07 -12.39
CA ASN A 1348 7.75 -6.19 -12.80
C ASN A 1348 7.96 -7.37 -13.75
N LEU A 1349 7.32 -8.50 -13.46
CA LEU A 1349 7.44 -9.65 -14.35
C LEU A 1349 6.84 -9.35 -15.72
N ALA A 1350 5.69 -8.67 -15.75
CA ALA A 1350 5.08 -8.29 -17.02
C ALA A 1350 5.99 -7.36 -17.79
N THR A 1351 6.62 -6.40 -17.11
CA THR A 1351 7.54 -5.49 -17.79
C THR A 1351 8.74 -6.24 -18.34
N LEU A 1352 9.27 -7.20 -17.58
CA LEU A 1352 10.40 -7.99 -18.08
C LEU A 1352 10.01 -8.77 -19.33
N LEU A 1353 8.86 -9.43 -19.30
CA LEU A 1353 8.42 -10.20 -20.47
C LEU A 1353 8.16 -9.28 -21.66
N PHE A 1354 7.57 -8.11 -21.41
CA PHE A 1354 7.33 -7.17 -22.50
C PHE A 1354 8.63 -6.68 -23.11
N THR A 1355 9.63 -6.40 -22.28
CA THR A 1355 10.94 -5.98 -22.81
C THR A 1355 11.56 -7.09 -23.64
N MET A 1356 11.49 -8.34 -23.17
CA MET A 1356 12.03 -9.44 -23.94
C MET A 1356 11.31 -9.58 -25.28
N CYS A 1357 9.99 -9.41 -25.28
CA CYS A 1357 9.24 -9.49 -26.53
C CYS A 1357 9.62 -8.35 -27.47
N LEU A 1358 9.87 -7.16 -26.92
CA LEU A 1358 10.21 -6.01 -27.76
C LEU A 1358 11.61 -6.15 -28.35
N ASN A 1359 12.54 -6.75 -27.62
CA ASN A 1359 13.91 -6.88 -28.14
C ASN A 1359 13.94 -7.68 -29.43
N PHE A 1360 13.22 -8.80 -29.48
CA PHE A 1360 13.26 -9.73 -30.61
C PHE A 1360 12.00 -9.63 -31.47
N CYS A 1361 11.48 -8.42 -31.63
CA CYS A 1361 10.27 -8.20 -32.42
C CYS A 1361 10.56 -7.92 -33.89
N GLY A 1362 11.82 -7.90 -34.29
CA GLY A 1362 12.18 -7.77 -35.69
C GLY A 1362 12.55 -6.38 -36.17
N VAL A 1363 12.62 -5.39 -35.29
CA VAL A 1363 13.00 -4.04 -35.67
C VAL A 1363 14.48 -3.77 -35.41
N LEU A 1364 14.96 -4.08 -34.20
CA LEU A 1364 16.38 -3.87 -33.91
C LEU A 1364 17.25 -4.77 -34.76
N ALA A 1365 16.85 -6.02 -34.93
CA ALA A 1365 17.60 -6.97 -35.77
C ALA A 1365 16.65 -8.05 -36.24
N GLY A 1366 16.64 -8.31 -37.54
CA GLY A 1366 15.76 -9.29 -38.12
C GLY A 1366 16.30 -10.69 -37.97
N PRO A 1367 15.60 -11.68 -38.54
CA PRO A 1367 16.07 -13.06 -38.44
C PRO A 1367 17.43 -13.29 -39.04
N ASP A 1368 17.79 -12.55 -40.08
CA ASP A 1368 19.09 -12.74 -40.73
C ASP A 1368 20.25 -12.19 -39.91
N VAL A 1369 19.96 -11.38 -38.89
CA VAL A 1369 21.00 -10.78 -38.07
C VAL A 1369 21.01 -11.42 -36.69
N LEU A 1370 19.83 -11.83 -36.22
CA LEU A 1370 19.75 -12.45 -34.90
C LEU A 1370 20.56 -13.74 -34.88
N PRO A 1371 21.20 -14.06 -33.75
CA PRO A 1371 21.90 -15.34 -33.66
C PRO A 1371 20.92 -16.51 -33.77
N GLY A 1372 21.43 -17.63 -34.26
CA GLY A 1372 20.57 -18.80 -34.42
C GLY A 1372 19.94 -19.24 -33.12
N PHE A 1373 20.59 -18.97 -31.99
CA PHE A 1373 20.04 -19.36 -30.70
C PHE A 1373 18.76 -18.60 -30.36
N TRP A 1374 18.65 -17.34 -30.79
CA TRP A 1374 17.53 -16.50 -30.41
C TRP A 1374 16.38 -16.57 -31.39
N ILE A 1375 16.49 -17.32 -32.48
CA ILE A 1375 15.41 -17.39 -33.46
C ILE A 1375 14.15 -17.94 -32.81
N PHE A 1376 14.29 -18.82 -31.82
CA PHE A 1376 13.11 -19.37 -31.16
C PHE A 1376 12.29 -18.27 -30.50
N MET A 1377 12.93 -17.18 -30.08
CA MET A 1377 12.21 -16.06 -29.50
C MET A 1377 11.69 -15.09 -30.55
N TYR A 1378 12.24 -15.14 -31.77
CA TYR A 1378 11.71 -14.30 -32.84
C TYR A 1378 10.42 -14.87 -33.42
N ARG A 1379 10.23 -16.19 -33.33
CA ARG A 1379 9.05 -16.83 -33.90
C ARG A 1379 7.89 -16.90 -32.91
N CYS A 1380 8.17 -17.18 -31.64
CA CYS A 1380 7.12 -17.26 -30.63
C CYS A 1380 6.76 -15.90 -30.04
N ASN A 1381 7.29 -14.82 -30.59
CA ASN A 1381 6.94 -13.50 -30.12
C ASN A 1381 5.50 -13.16 -30.52
N PRO A 1382 4.72 -12.54 -29.65
CA PRO A 1382 3.41 -12.04 -30.07
C PRO A 1382 3.48 -10.69 -30.76
N PHE A 1383 4.58 -9.95 -30.62
CA PHE A 1383 4.72 -8.65 -31.27
C PHE A 1383 5.38 -8.73 -32.63
N THR A 1384 6.12 -9.80 -32.91
CA THR A 1384 6.73 -9.94 -34.23
C THR A 1384 5.70 -10.04 -35.34
N TYR A 1385 4.45 -10.39 -35.00
CA TYR A 1385 3.36 -10.44 -35.96
C TYR A 1385 2.52 -9.17 -35.94
N LEU A 1386 2.27 -8.61 -34.75
CA LEU A 1386 1.55 -7.35 -34.67
C LEU A 1386 2.31 -6.25 -35.40
N VAL A 1387 3.63 -6.17 -35.20
CA VAL A 1387 4.42 -5.13 -35.86
C VAL A 1387 4.40 -5.34 -37.37
N GLN A 1388 4.55 -6.58 -37.81
CA GLN A 1388 4.52 -6.86 -39.24
C GLN A 1388 3.20 -6.45 -39.85
N ALA A 1389 2.08 -6.82 -39.21
CA ALA A 1389 0.77 -6.46 -39.73
C ALA A 1389 0.58 -4.95 -39.76
N MET A 1390 1.01 -4.27 -38.69
CA MET A 1390 0.82 -2.82 -38.64
C MET A 1390 1.63 -2.12 -39.73
N LEU A 1391 2.90 -2.49 -39.88
CA LEU A 1391 3.73 -1.88 -40.92
C LEU A 1391 3.16 -2.17 -42.30
N SER A 1392 2.73 -3.41 -42.53
CA SER A 1392 2.19 -3.78 -43.83
C SER A 1392 0.94 -2.99 -44.15
N THR A 1393 0.03 -2.84 -43.18
CA THR A 1393 -1.20 -2.09 -43.43
C THR A 1393 -0.91 -0.62 -43.65
N GLY A 1394 0.01 -0.04 -42.88
CA GLY A 1394 0.21 1.40 -42.91
C GLY A 1394 1.10 1.92 -44.01
N LEU A 1395 2.06 1.11 -44.47
CA LEU A 1395 3.12 1.62 -45.34
C LEU A 1395 3.14 1.00 -46.73
N ALA A 1396 2.47 -0.12 -46.96
CA ALA A 1396 2.65 -0.87 -48.19
C ALA A 1396 2.02 -0.16 -49.38
N ASN A 1397 2.56 -0.45 -50.56
CA ASN A 1397 1.98 -0.03 -51.84
C ASN A 1397 1.89 1.49 -51.95
N THR A 1398 3.04 2.14 -51.93
CA THR A 1398 3.12 3.56 -52.19
C THR A 1398 4.55 3.92 -52.59
N PHE A 1399 4.69 5.12 -53.17
CA PHE A 1399 5.97 5.56 -53.69
C PHE A 1399 6.86 6.10 -52.58
N VAL A 1400 8.15 6.23 -52.88
CA VAL A 1400 9.14 6.78 -51.97
C VAL A 1400 9.91 7.87 -52.69
N LYS A 1401 10.03 9.04 -52.06
CA LYS A 1401 10.77 10.16 -52.61
C LYS A 1401 11.92 10.49 -51.67
N CYS A 1402 13.15 10.45 -52.21
CA CYS A 1402 14.33 10.66 -51.39
C CYS A 1402 14.50 12.12 -51.04
N ALA A 1403 14.96 12.38 -49.82
CA ALA A 1403 15.27 13.74 -49.40
C ALA A 1403 16.54 14.23 -50.08
N GLU A 1404 16.76 15.54 -50.01
CA GLU A 1404 17.91 16.13 -50.69
C GLU A 1404 19.23 15.61 -50.13
N ARG A 1405 19.25 15.18 -48.88
CA ARG A 1405 20.48 14.71 -48.24
C ARG A 1405 20.72 13.22 -48.45
N GLU A 1406 19.75 12.48 -48.99
CA GLU A 1406 19.89 11.06 -49.22
C GLU A 1406 20.24 10.71 -50.67
N TYR A 1407 20.11 11.66 -51.58
CA TYR A 1407 20.54 11.42 -52.95
C TYR A 1407 22.03 11.15 -53.00
N VAL A 1408 22.43 10.18 -53.81
CA VAL A 1408 23.83 9.77 -53.93
C VAL A 1408 24.30 10.14 -55.34
N SER A 1409 25.38 10.90 -55.42
CA SER A 1409 25.89 11.37 -56.71
C SER A 1409 26.63 10.24 -57.42
N VAL A 1410 26.33 10.05 -58.70
CA VAL A 1410 26.99 9.06 -59.54
C VAL A 1410 27.47 9.77 -60.80
N LYS A 1411 28.73 9.50 -61.17
CA LYS A 1411 29.32 10.08 -62.37
C LYS A 1411 29.36 9.02 -63.46
N PRO A 1412 28.58 9.14 -64.52
CA PRO A 1412 28.58 8.10 -65.55
C PRO A 1412 29.91 8.07 -66.29
N PRO A 1413 30.25 6.94 -66.91
CA PRO A 1413 31.49 6.88 -67.69
C PRO A 1413 31.45 7.85 -68.86
N ASN A 1414 32.65 8.26 -69.30
CA ASN A 1414 32.75 9.21 -70.39
C ASN A 1414 32.00 8.72 -71.61
N GLY A 1415 31.22 9.60 -72.23
CA GLY A 1415 30.45 9.25 -73.41
C GLY A 1415 29.15 8.54 -73.12
N GLU A 1416 28.68 8.53 -71.88
CA GLU A 1416 27.44 7.87 -71.51
C GLU A 1416 26.55 8.80 -70.70
N SER A 1417 25.25 8.55 -70.75
CA SER A 1417 24.25 9.24 -69.96
C SER A 1417 23.73 8.32 -68.86
N CYS A 1418 23.22 8.93 -67.78
CA CYS A 1418 22.73 8.13 -66.66
C CYS A 1418 21.65 7.16 -67.09
N SER A 1419 20.81 7.53 -68.05
CA SER A 1419 19.80 6.60 -68.52
C SER A 1419 20.45 5.30 -68.98
N THR A 1420 21.28 5.38 -70.02
CA THR A 1420 21.91 4.18 -70.55
C THR A 1420 22.77 3.48 -69.50
N TYR A 1421 23.40 4.26 -68.62
CA TYR A 1421 24.36 3.68 -67.68
C TYR A 1421 23.67 2.98 -66.52
N LEU A 1422 22.45 3.40 -66.15
CA LEU A 1422 21.82 2.98 -64.91
C LEU A 1422 20.52 2.20 -65.09
N ASP A 1423 19.88 2.26 -66.25
CA ASP A 1423 18.66 1.48 -66.43
C ASP A 1423 18.85 -0.01 -66.14
N PRO A 1424 19.94 -0.66 -66.56
CA PRO A 1424 20.12 -2.06 -66.17
C PRO A 1424 20.09 -2.28 -64.67
N TYR A 1425 20.71 -1.38 -63.89
CA TYR A 1425 20.68 -1.53 -62.44
C TYR A 1425 19.29 -1.28 -61.88
N ILE A 1426 18.60 -0.25 -62.39
CA ILE A 1426 17.25 0.03 -61.92
C ILE A 1426 16.34 -1.17 -62.19
N LYS A 1427 16.52 -1.82 -63.34
CA LYS A 1427 15.77 -3.05 -63.60
C LYS A 1427 16.17 -4.15 -62.63
N PHE A 1428 17.47 -4.30 -62.38
CA PHE A 1428 17.93 -5.34 -61.45
C PHE A 1428 17.48 -5.04 -60.03
N ALA A 1429 17.63 -3.80 -59.59
CA ALA A 1429 17.22 -3.37 -58.26
C ALA A 1429 16.50 -2.04 -58.35
N GLY A 1430 15.55 -1.83 -57.44
CA GLY A 1430 14.73 -0.65 -57.51
C GLY A 1430 15.50 0.63 -57.29
N GLY A 1431 14.84 1.76 -57.58
CA GLY A 1431 15.43 3.07 -57.41
C GLY A 1431 15.07 4.01 -58.53
N TYR A 1432 15.60 5.22 -58.51
CA TYR A 1432 15.41 6.17 -59.59
C TYR A 1432 16.54 7.19 -59.57
N PHE A 1433 16.64 7.97 -60.64
CA PHE A 1433 17.72 8.93 -60.75
C PHE A 1433 17.19 10.25 -61.32
N GLU A 1434 17.88 11.34 -60.97
CA GLU A 1434 17.54 12.68 -61.41
C GLU A 1434 18.79 13.30 -62.03
N THR A 1435 18.63 13.86 -63.23
CA THR A 1435 19.75 14.52 -63.90
C THR A 1435 20.11 15.82 -63.18
N ARG A 1436 21.39 16.16 -63.22
CA ARG A 1436 21.89 17.39 -62.61
C ARG A 1436 22.69 18.17 -63.65
N ASN A 1437 22.79 19.49 -63.43
CA ASN A 1437 23.54 20.34 -64.34
C ASN A 1437 25.01 20.35 -63.95
N ASP A 1438 25.58 19.16 -63.75
CA ASP A 1438 26.99 19.02 -63.40
C ASP A 1438 27.69 17.93 -64.20
N GLY A 1439 26.97 17.08 -64.93
CA GLY A 1439 27.52 15.93 -65.58
C GLY A 1439 27.33 14.64 -64.82
N SER A 1440 27.15 14.73 -63.50
CA SER A 1440 26.76 13.61 -62.67
C SER A 1440 25.24 13.65 -62.48
N CYS A 1441 24.73 12.67 -61.73
CA CYS A 1441 23.30 12.63 -61.46
C CYS A 1441 23.02 11.93 -60.13
N ALA A 1442 21.86 12.25 -59.56
CA ALA A 1442 21.53 11.89 -58.19
C ALA A 1442 20.65 10.65 -58.18
N PHE A 1443 21.09 9.61 -57.48
CA PHE A 1443 20.42 8.32 -57.44
C PHE A 1443 19.80 8.11 -56.07
N CYS A 1444 18.55 7.62 -56.06
CA CYS A 1444 17.85 7.22 -54.84
C CYS A 1444 17.58 5.73 -54.93
N GLN A 1445 17.96 4.99 -53.89
CA GLN A 1445 17.98 3.53 -53.94
C GLN A 1445 16.62 2.90 -53.75
N MET A 1446 15.59 3.68 -53.42
CA MET A 1446 14.25 3.16 -53.17
C MET A 1446 13.25 3.90 -54.03
N SER A 1447 12.40 3.14 -54.73
CA SER A 1447 11.33 3.70 -55.54
C SER A 1447 9.95 3.37 -55.00
N SER A 1448 9.83 2.39 -54.12
CA SER A 1448 8.55 2.03 -53.53
C SER A 1448 8.78 1.56 -52.10
N THR A 1449 7.72 1.66 -51.29
CA THR A 1449 7.80 1.24 -49.90
C THR A 1449 7.82 -0.28 -49.75
N ASN A 1450 7.44 -1.02 -50.79
CA ASN A 1450 7.48 -2.47 -50.72
C ASN A 1450 8.91 -2.98 -50.51
N THR A 1451 9.90 -2.28 -51.08
CA THR A 1451 11.29 -2.67 -50.86
C THR A 1451 11.66 -2.58 -49.38
N PHE A 1452 11.32 -1.47 -48.75
CA PHE A 1452 11.60 -1.33 -47.32
C PHE A 1452 10.84 -2.36 -46.51
N LEU A 1453 9.57 -2.59 -46.84
CA LEU A 1453 8.79 -3.58 -46.10
C LEU A 1453 9.40 -4.97 -46.22
N LYS A 1454 9.83 -5.35 -47.42
CA LYS A 1454 10.51 -6.63 -47.59
C LYS A 1454 11.80 -6.67 -46.79
N SER A 1455 12.52 -5.55 -46.73
CA SER A 1455 13.73 -5.50 -45.91
C SER A 1455 13.42 -5.80 -44.46
N VAL A 1456 12.34 -5.22 -43.93
CA VAL A 1456 11.92 -5.48 -42.56
C VAL A 1456 11.27 -6.84 -42.41
N ASN A 1457 11.06 -7.57 -43.51
CA ASN A 1457 10.42 -8.89 -43.49
C ASN A 1457 8.93 -8.78 -43.18
N SER A 1458 8.28 -7.78 -43.75
CA SER A 1458 6.84 -7.60 -43.63
C SER A 1458 6.23 -7.59 -45.03
N LEU A 1459 5.19 -8.40 -45.22
CA LEU A 1459 4.57 -8.58 -46.53
C LEU A 1459 3.12 -8.12 -46.48
N TYR A 1460 2.63 -7.65 -47.63
CA TYR A 1460 1.26 -7.16 -47.71
C TYR A 1460 0.24 -8.29 -47.74
N SER A 1461 0.61 -9.46 -48.24
CA SER A 1461 -0.32 -10.57 -48.36
C SER A 1461 -0.50 -11.35 -47.07
N GLU A 1462 0.30 -11.06 -46.03
CA GLU A 1462 0.25 -11.81 -44.79
C GLU A 1462 -0.19 -10.96 -43.60
N ARG A 1463 -0.98 -9.92 -43.85
CA ARG A 1463 -1.47 -9.08 -42.75
C ARG A 1463 -2.57 -9.79 -41.97
N TRP A 1464 -3.51 -10.42 -42.67
CA TRP A 1464 -4.61 -11.09 -42.00
C TRP A 1464 -4.13 -12.32 -41.24
N ARG A 1465 -3.17 -13.05 -41.81
CA ARG A 1465 -2.60 -14.18 -41.11
C ARG A 1465 -1.91 -13.75 -39.81
N ASN A 1466 -1.18 -12.63 -39.87
CA ASN A 1466 -0.53 -12.12 -38.66
C ASN A 1466 -1.55 -11.69 -37.63
N PHE A 1467 -2.65 -11.05 -38.07
CA PHE A 1467 -3.70 -10.68 -37.12
C PHE A 1467 -4.29 -11.93 -36.47
N GLY A 1468 -4.53 -12.97 -37.25
CA GLY A 1468 -5.05 -14.21 -36.68
C GLY A 1468 -4.10 -14.82 -35.68
N ILE A 1469 -2.79 -14.80 -35.97
CA ILE A 1469 -1.82 -15.35 -35.03
C ILE A 1469 -1.81 -14.54 -33.73
N PHE A 1470 -1.92 -13.21 -33.84
CA PHE A 1470 -1.99 -12.40 -32.63
C PHE A 1470 -3.23 -12.73 -31.81
N ILE A 1471 -4.36 -12.93 -32.48
CA ILE A 1471 -5.58 -13.31 -31.77
C ILE A 1471 -5.38 -14.66 -31.07
N ALA A 1472 -4.67 -15.58 -31.74
CA ALA A 1472 -4.37 -16.86 -31.11
C ALA A 1472 -3.53 -16.66 -29.86
N PHE A 1473 -2.57 -15.74 -29.90
CA PHE A 1473 -1.76 -15.46 -28.71
C PHE A 1473 -2.62 -14.90 -27.58
N ILE A 1474 -3.58 -14.04 -27.91
CA ILE A 1474 -4.50 -13.53 -26.88
C ILE A 1474 -5.28 -14.68 -26.25
N ALA A 1475 -5.79 -15.59 -27.09
CA ALA A 1475 -6.53 -16.73 -26.55
C ALA A 1475 -5.66 -17.58 -25.64
N ILE A 1476 -4.40 -17.81 -26.05
CA ILE A 1476 -3.47 -18.56 -25.21
C ILE A 1476 -3.28 -17.85 -23.87
N ASN A 1477 -3.17 -16.53 -23.90
CA ASN A 1477 -3.01 -15.78 -22.65
C ASN A 1477 -4.21 -16.00 -21.74
N ILE A 1478 -5.42 -15.95 -22.28
CA ILE A 1478 -6.61 -16.14 -21.45
C ILE A 1478 -6.63 -17.54 -20.84
N ILE A 1479 -6.35 -18.55 -21.68
CA ILE A 1479 -6.39 -19.93 -21.19
C ILE A 1479 -5.36 -20.13 -20.09
N LEU A 1480 -4.15 -19.62 -20.30
CA LEU A 1480 -3.11 -19.77 -19.28
C LEU A 1480 -3.46 -19.00 -18.02
N THR A 1481 -4.11 -17.84 -18.14
CA THR A 1481 -4.57 -17.13 -16.96
C THR A 1481 -5.47 -18.01 -16.12
N VAL A 1482 -6.48 -18.61 -16.76
CA VAL A 1482 -7.42 -19.44 -16.01
C VAL A 1482 -6.69 -20.62 -15.37
N ILE A 1483 -5.87 -21.33 -16.15
CA ILE A 1483 -5.22 -22.53 -15.65
C ILE A 1483 -4.27 -22.21 -14.51
N PHE A 1484 -3.49 -21.14 -14.64
CA PHE A 1484 -2.53 -20.79 -13.59
C PHE A 1484 -3.24 -20.29 -12.33
N TYR A 1485 -4.35 -19.57 -12.47
CA TYR A 1485 -5.10 -19.21 -11.28
C TYR A 1485 -5.60 -20.45 -10.56
N TRP A 1486 -6.10 -21.44 -11.31
CA TRP A 1486 -6.52 -22.67 -10.66
C TRP A 1486 -5.34 -23.33 -9.94
N LEU A 1487 -4.19 -23.42 -10.62
CA LEU A 1487 -3.06 -24.16 -10.05
C LEU A 1487 -2.54 -23.48 -8.79
N ALA A 1488 -2.40 -22.16 -8.81
CA ALA A 1488 -1.65 -21.47 -7.77
C ALA A 1488 -2.51 -21.05 -6.58
N ARG A 1489 -3.74 -20.59 -6.81
CA ARG A 1489 -4.52 -19.95 -5.77
C ARG A 1489 -5.73 -20.75 -5.29
N VAL A 1490 -6.27 -21.64 -6.10
CA VAL A 1490 -7.46 -22.39 -5.70
C VAL A 1490 -7.03 -23.55 -4.80
N PRO A 1491 -7.61 -23.71 -3.60
CA PRO A 1491 -7.22 -24.84 -2.75
C PRO A 1491 -7.83 -26.16 -3.20
#